data_7POC
#
_entry.id   7POC
#
_cell.length_a   57.040
_cell.length_b   134.790
_cell.length_c   184.020
_cell.angle_alpha   90.000
_cell.angle_beta   90.000
_cell.angle_gamma   90.000
#
_symmetry.space_group_name_H-M   'P 21 21 21'
#
loop_
_entity.id
_entity.type
_entity.pdbx_description
1 polymer '8-amino-7-oxononanoate synthase/2-amino-3-ketobutyrate coenzyme A ligase'
2 non-polymer "PYRIDOXAL-5'-PHOSPHATE"
3 water water
#
_entity_poly.entity_id   1
_entity_poly.type   'polypeptide(L)'
_entity_poly.pdbx_seq_one_letter_code
;MSYYHHHHHHDYDIPTTENLYFQGAMGSLDLRARVREELERLKREGLYISPKVLEAPQEPVTRVEGREVVNLASNNYLGF
ANHPYLKEKARQYLEKWGAGSGAVRTIAGTFTYHVELEEALARFKGTESALVLQSGFTANQGVLGALLKEGDVVFSDELN
HASIIDGLRLTKATRLVFRHADVAHLEELLKAHDTDGLKLIVTDGVFSMDGDIAPLDKIVPLAKKYKAVVYVDDAHGSGV
LGEKGKGTVHHFGFHQDPDVVQVATLSKAWAGIGGYAAGARELKDLLINKARPFLFSTSHPPAVVGALLGALELIEKEPE
RVERLWENTRYFKRELARLGYDTLGSQTPITPVLFGEAPLAFEASRLLLEEGVFAVGIGFPTVPRGKARIRNIVTAAHTK
EMLDKALEAYEKVGKRLGIIR
;
_entity_poly.pdbx_strand_id   A,B,C,D
#
loop_
_chem_comp.id
_chem_comp.type
_chem_comp.name
_chem_comp.formula
PLP non-polymer PYRIDOXAL-5'-PHOSPHATE 'C8 H10 N O6 P'
#
# COMPACT_ATOMS: atom_id res chain seq x y z
N ASP A 30 17.56 2.73 -23.19
CA ASP A 30 16.36 2.20 -22.43
C ASP A 30 15.62 3.34 -21.73
N LEU A 31 16.23 4.50 -21.47
CA LEU A 31 15.46 5.70 -21.05
C LEU A 31 14.58 6.22 -22.19
N ARG A 32 15.15 6.58 -23.36
CA ARG A 32 14.36 6.91 -24.58
C ARG A 32 13.18 5.93 -24.69
N ALA A 33 13.50 4.63 -24.59
CA ALA A 33 12.54 3.49 -24.70
C ALA A 33 11.38 3.65 -23.70
N ARG A 34 11.67 3.83 -22.42
CA ARG A 34 10.66 3.95 -21.35
C ARG A 34 9.82 5.20 -21.59
N VAL A 35 10.47 6.34 -21.87
CA VAL A 35 9.77 7.62 -22.17
C VAL A 35 8.83 7.35 -23.36
N ARG A 36 9.35 6.77 -24.44
CA ARG A 36 8.57 6.56 -25.70
C ARG A 36 7.32 5.71 -25.38
N GLU A 37 7.48 4.55 -24.70
CA GLU A 37 6.37 3.60 -24.40
C GLU A 37 5.27 4.29 -23.60
N GLU A 38 5.66 5.21 -22.71
CA GLU A 38 4.77 5.84 -21.71
C GLU A 38 3.95 6.94 -22.39
N LEU A 39 4.58 7.77 -23.24
CA LEU A 39 3.84 8.82 -23.99
C LEU A 39 2.85 8.14 -24.94
N GLU A 40 3.26 7.08 -25.64
CA GLU A 40 2.37 6.24 -26.47
C GLU A 40 1.16 5.84 -25.61
N ARG A 41 1.38 5.14 -24.49
CA ARG A 41 0.24 4.69 -23.65
C ARG A 41 -0.69 5.88 -23.36
N LEU A 42 -0.12 7.01 -22.95
CA LEU A 42 -0.89 8.23 -22.56
C LEU A 42 -1.64 8.79 -23.76
N LYS A 43 -1.07 8.78 -24.97
CA LYS A 43 -1.79 9.19 -26.21
C LYS A 43 -2.93 8.22 -26.51
N ARG A 44 -2.67 6.90 -26.43
CA ARG A 44 -3.68 5.84 -26.67
C ARG A 44 -4.89 6.09 -25.76
N GLU A 45 -4.66 6.35 -24.46
CA GLU A 45 -5.74 6.49 -23.43
C GLU A 45 -6.39 7.88 -23.50
N GLY A 46 -5.99 8.75 -24.43
CA GLY A 46 -6.58 10.10 -24.61
C GLY A 46 -6.15 11.12 -23.54
N LEU A 47 -5.14 10.77 -22.73
CA LEU A 47 -4.69 11.51 -21.52
C LEU A 47 -3.58 12.54 -21.84
N TYR A 48 -2.86 12.36 -22.95
CA TYR A 48 -1.72 13.22 -23.33
C TYR A 48 -2.18 14.67 -23.42
N ILE A 49 -1.43 15.60 -22.80
CA ILE A 49 -1.76 17.06 -22.75
C ILE A 49 -0.67 17.87 -23.44
N SER A 50 -1.04 18.92 -24.16
CA SER A 50 -0.11 19.90 -24.81
C SER A 50 -0.44 21.29 -24.30
N PRO A 51 0.19 21.74 -23.21
CA PRO A 51 -0.09 23.03 -22.59
C PRO A 51 -0.01 24.21 -23.57
N LYS A 52 -0.97 25.11 -23.50
CA LYS A 52 -1.02 26.34 -24.30
C LYS A 52 -0.15 27.40 -23.59
N VAL A 53 0.51 28.26 -24.34
CA VAL A 53 1.51 29.22 -23.77
C VAL A 53 0.89 30.60 -23.75
N LEU A 54 0.78 31.23 -22.58
CA LEU A 54 0.24 32.62 -22.44
C LEU A 54 1.33 33.62 -22.81
N GLU A 55 0.94 34.65 -23.57
CA GLU A 55 1.80 35.65 -24.24
C GLU A 55 1.58 37.05 -23.63
N ALA A 56 0.84 37.12 -22.54
CA ALA A 56 0.51 38.39 -21.85
C ALA A 56 0.24 38.08 -20.37
N PRO A 57 0.30 39.11 -19.51
CA PRO A 57 0.19 38.91 -18.07
C PRO A 57 -1.07 38.15 -17.64
N GLN A 58 -1.07 37.55 -16.46
CA GLN A 58 -2.27 36.88 -15.88
C GLN A 58 -3.35 37.92 -15.55
N GLU A 59 -4.31 38.08 -16.44
CA GLU A 59 -5.44 39.02 -16.31
C GLU A 59 -6.68 38.36 -16.87
N PRO A 60 -7.89 38.83 -16.50
CA PRO A 60 -9.14 38.31 -17.04
C PRO A 60 -9.29 38.39 -18.57
N VAL A 61 -8.64 39.36 -19.21
CA VAL A 61 -8.35 39.34 -20.69
C VAL A 61 -6.83 39.18 -20.86
N THR A 62 -6.40 38.24 -21.70
CA THR A 62 -4.97 37.93 -21.98
C THR A 62 -4.84 37.38 -23.42
N ARG A 63 -3.62 37.03 -23.85
CA ARG A 63 -3.30 36.50 -25.20
C ARG A 63 -2.86 35.03 -25.04
N VAL A 64 -3.50 34.10 -25.76
CA VAL A 64 -3.12 32.66 -25.89
C VAL A 64 -3.07 32.33 -27.39
N GLU A 65 -1.98 31.73 -27.87
CA GLU A 65 -1.82 31.32 -29.29
C GLU A 65 -2.11 32.53 -30.18
N GLY A 66 -1.69 33.74 -29.80
CA GLY A 66 -1.80 34.95 -30.63
C GLY A 66 -3.23 35.41 -30.84
N ARG A 67 -4.16 35.11 -29.93
CA ARG A 67 -5.52 35.71 -29.93
C ARG A 67 -5.82 36.30 -28.56
N GLU A 68 -6.38 37.51 -28.53
CA GLU A 68 -6.96 38.14 -27.30
C GLU A 68 -8.14 37.24 -26.91
N VAL A 69 -8.16 36.77 -25.66
CA VAL A 69 -9.27 35.97 -25.09
C VAL A 69 -9.76 36.58 -23.78
N VAL A 70 -11.01 36.27 -23.42
CA VAL A 70 -11.54 36.40 -22.04
C VAL A 70 -11.13 35.13 -21.29
N ASN A 71 -10.46 35.32 -20.15
CA ASN A 71 -9.69 34.26 -19.46
C ASN A 71 -10.43 33.88 -18.18
N LEU A 72 -11.01 32.68 -18.19
CA LEU A 72 -11.80 32.11 -17.10
C LEU A 72 -11.13 30.82 -16.66
N ALA A 73 -9.86 30.61 -17.00
CA ALA A 73 -9.09 29.38 -16.67
C ALA A 73 -8.16 29.62 -15.48
N SER A 74 -7.82 30.86 -15.17
CA SER A 74 -6.89 31.23 -14.08
C SER A 74 -7.54 30.99 -12.70
N ASN A 75 -6.74 31.05 -11.63
CA ASN A 75 -7.21 31.13 -10.23
C ASN A 75 -7.01 32.56 -9.69
N ASN A 76 -6.94 33.58 -10.56
CA ASN A 76 -6.58 34.96 -10.19
C ASN A 76 -7.79 35.65 -9.55
N TYR A 77 -8.37 35.01 -8.53
CA TYR A 77 -9.70 35.29 -7.92
C TYR A 77 -9.90 36.79 -7.66
N LEU A 78 -8.90 37.51 -7.14
CA LEU A 78 -9.05 38.92 -6.68
C LEU A 78 -8.42 39.92 -7.65
N GLY A 79 -7.92 39.45 -8.81
CA GLY A 79 -7.24 40.29 -9.80
C GLY A 79 -5.88 40.79 -9.34
N PHE A 80 -5.19 40.03 -8.48
CA PHE A 80 -3.93 40.46 -7.82
C PHE A 80 -2.70 40.04 -8.63
N ALA A 81 -2.83 39.09 -9.54
CA ALA A 81 -1.67 38.48 -10.24
C ALA A 81 -0.87 39.58 -10.93
N ASN A 82 -1.55 40.63 -11.42
CA ASN A 82 -0.87 41.76 -12.10
C ASN A 82 -1.29 43.12 -11.54
N HIS A 83 -1.51 43.23 -10.22
CA HIS A 83 -1.97 44.49 -9.58
C HIS A 83 -0.76 45.32 -9.20
N PRO A 84 -0.68 46.62 -9.57
CA PRO A 84 0.51 47.44 -9.31
C PRO A 84 0.90 47.57 -7.82
N TYR A 85 -0.05 47.44 -6.90
CA TYR A 85 0.24 47.49 -5.44
C TYR A 85 1.18 46.35 -5.06
N LEU A 86 0.82 45.11 -5.37
CA LEU A 86 1.62 43.88 -5.09
C LEU A 86 3.00 43.95 -5.76
N LYS A 87 3.02 44.46 -6.99
CA LYS A 87 4.26 44.63 -7.81
C LYS A 87 5.17 45.61 -7.08
N GLU A 88 4.62 46.70 -6.55
CA GLU A 88 5.41 47.78 -5.89
C GLU A 88 5.95 47.25 -4.56
N LYS A 89 5.15 46.50 -3.79
CA LYS A 89 5.61 45.88 -2.51
C LYS A 89 6.74 44.87 -2.80
N ALA A 90 6.61 44.03 -3.83
CA ALA A 90 7.64 43.06 -4.29
C ALA A 90 8.92 43.79 -4.67
N ARG A 91 8.79 44.89 -5.40
CA ARG A 91 9.91 45.77 -5.83
C ARG A 91 10.67 46.29 -4.60
N GLN A 92 9.96 46.88 -3.64
CA GLN A 92 10.54 47.38 -2.36
C GLN A 92 11.42 46.29 -1.76
N TYR A 93 10.85 45.10 -1.51
CA TYR A 93 11.47 43.99 -0.71
C TYR A 93 12.63 43.36 -1.50
N LEU A 94 12.46 43.27 -2.82
CA LEU A 94 13.49 42.80 -3.78
C LEU A 94 14.70 43.71 -3.71
N GLU A 95 14.49 45.04 -3.82
CA GLU A 95 15.57 46.07 -3.73
C GLU A 95 16.24 45.94 -2.36
N LYS A 96 15.45 45.94 -1.29
CA LYS A 96 15.99 45.87 0.09
C LYS A 96 16.84 44.60 0.31
N TRP A 97 16.30 43.42 -0.01
CA TRP A 97 16.79 42.11 0.53
C TRP A 97 17.51 41.24 -0.51
N GLY A 98 17.16 41.30 -1.80
CA GLY A 98 17.82 40.52 -2.88
C GLY A 98 16.91 39.53 -3.62
N ALA A 99 17.51 38.58 -4.35
CA ALA A 99 16.80 37.61 -5.21
C ALA A 99 16.55 36.29 -4.49
N GLY A 100 17.21 36.05 -3.37
CA GLY A 100 17.11 34.73 -2.72
C GLY A 100 17.52 34.79 -1.27
N SER A 101 16.72 34.20 -0.39
CA SER A 101 17.15 33.45 0.80
C SER A 101 18.10 32.38 0.29
N GLY A 102 19.23 32.19 0.94
CA GLY A 102 20.23 31.23 0.43
C GLY A 102 20.15 29.89 1.13
N ALA A 103 18.99 29.49 1.67
CA ALA A 103 18.92 28.29 2.53
C ALA A 103 17.50 28.00 3.06
N VAL A 104 17.37 26.82 3.68
CA VAL A 104 16.11 26.39 4.34
C VAL A 104 15.95 27.25 5.60
N ARG A 105 14.69 27.54 5.95
CA ARG A 105 14.24 28.37 7.09
C ARG A 105 14.99 28.01 8.39
N THR A 106 15.21 26.72 8.61
CA THR A 106 15.65 26.18 9.94
C THR A 106 17.19 26.25 10.05
N ILE A 107 17.92 26.58 8.98
CA ILE A 107 19.39 26.77 9.04
C ILE A 107 19.69 28.28 8.96
N ALA A 108 19.54 28.88 7.78
CA ALA A 108 19.96 30.28 7.47
C ALA A 108 19.02 30.93 6.44
N GLY A 109 17.81 30.42 6.28
CA GLY A 109 16.84 30.89 5.27
C GLY A 109 15.72 31.74 5.87
N THR A 110 15.61 31.84 7.20
CA THR A 110 14.61 32.72 7.87
C THR A 110 15.21 34.13 8.00
N PHE A 111 14.50 35.12 7.45
CA PHE A 111 14.85 36.56 7.50
C PHE A 111 13.64 37.30 8.08
N THR A 112 13.87 38.51 8.57
CA THR A 112 12.84 39.45 9.08
C THR A 112 11.53 39.36 8.27
N TYR A 113 11.62 39.35 6.94
CA TYR A 113 10.43 39.45 6.04
C TYR A 113 9.55 38.18 6.17
N HIS A 114 10.13 36.99 6.42
CA HIS A 114 9.32 35.76 6.64
C HIS A 114 8.49 35.92 7.92
N VAL A 115 9.09 36.51 8.95
CA VAL A 115 8.42 36.71 10.26
C VAL A 115 7.29 37.72 10.04
N GLU A 116 7.60 38.84 9.38
CA GLU A 116 6.63 39.93 9.09
C GLU A 116 5.38 39.28 8.46
N LEU A 117 5.59 38.48 7.41
CA LEU A 117 4.48 37.80 6.68
C LEU A 117 3.70 36.87 7.61
N GLU A 118 4.38 35.96 8.30
CA GLU A 118 3.66 34.95 9.16
C GLU A 118 2.89 35.67 10.29
N GLU A 119 3.39 36.83 10.74
CA GLU A 119 2.75 37.65 11.80
C GLU A 119 1.48 38.27 11.19
N ALA A 120 1.58 38.85 9.99
CA ALA A 120 0.45 39.47 9.26
C ALA A 120 -0.59 38.39 8.93
N LEU A 121 -0.12 37.20 8.54
CA LEU A 121 -1.02 36.09 8.12
C LEU A 121 -1.92 35.70 9.28
N ALA A 122 -1.33 35.34 10.42
CA ALA A 122 -2.04 34.89 11.65
C ALA A 122 -3.09 35.93 12.06
N ARG A 123 -2.69 37.21 12.10
CA ARG A 123 -3.58 38.33 12.51
C ARG A 123 -4.76 38.40 11.53
N PHE A 124 -4.49 38.36 10.22
CA PHE A 124 -5.52 38.33 9.16
C PHE A 124 -6.44 37.14 9.40
N LYS A 125 -5.86 35.96 9.56
CA LYS A 125 -6.59 34.67 9.69
C LYS A 125 -7.36 34.59 11.00
N GLY A 126 -6.97 35.37 12.02
CA GLY A 126 -7.44 35.23 13.40
C GLY A 126 -7.09 33.85 13.98
N THR A 127 -5.93 33.30 13.61
CA THR A 127 -5.37 32.09 14.22
C THR A 127 -4.28 32.54 15.17
N GLU A 128 -3.87 31.68 16.09
CA GLU A 128 -2.83 31.98 17.09
C GLU A 128 -1.51 32.14 16.33
N SER A 129 -1.30 31.29 15.31
CA SER A 129 -0.04 31.26 14.52
C SER A 129 -0.33 30.98 13.04
N ALA A 130 0.73 31.05 12.23
CA ALA A 130 0.76 30.80 10.77
C ALA A 130 2.21 30.51 10.35
N LEU A 131 2.37 29.63 9.37
CA LEU A 131 3.71 29.24 8.85
C LEU A 131 3.64 29.06 7.33
N VAL A 132 4.56 29.70 6.60
CA VAL A 132 4.62 29.65 5.12
C VAL A 132 5.54 28.50 4.72
N LEU A 133 5.07 27.62 3.84
CA LEU A 133 5.86 26.53 3.25
C LEU A 133 5.91 26.75 1.74
N GLN A 134 6.57 25.85 1.02
CA GLN A 134 7.06 25.97 -0.36
C GLN A 134 5.86 25.98 -1.32
N SER A 135 4.80 25.25 -0.99
CA SER A 135 3.53 25.22 -1.75
C SER A 135 2.37 24.78 -0.84
N GLY A 136 1.14 25.07 -1.24
CA GLY A 136 -0.07 24.35 -0.78
C GLY A 136 0.10 22.84 -0.92
N PHE A 137 0.69 22.41 -2.05
CA PHE A 137 0.97 21.00 -2.36
C PHE A 137 1.82 20.35 -1.25
N THR A 138 2.99 20.92 -0.95
CA THR A 138 3.95 20.37 0.05
C THR A 138 3.45 20.68 1.48
N ALA A 139 2.65 21.74 1.66
CA ALA A 139 2.02 22.10 2.94
C ALA A 139 1.25 20.88 3.47
N ASN A 140 0.49 20.21 2.61
CA ASN A 140 -0.30 19.01 2.97
C ASN A 140 0.67 17.94 3.50
N GLN A 141 1.68 17.58 2.71
CA GLN A 141 2.76 16.62 3.11
C GLN A 141 3.40 17.00 4.45
N GLY A 142 3.83 18.27 4.59
CA GLY A 142 4.51 18.81 5.77
C GLY A 142 3.66 18.62 7.03
N VAL A 143 2.47 19.20 7.02
CA VAL A 143 1.57 19.25 8.22
C VAL A 143 1.03 17.84 8.46
N LEU A 144 0.49 17.16 7.45
CA LEU A 144 -0.04 15.77 7.63
C LEU A 144 1.06 14.87 8.19
N GLY A 145 2.31 14.96 7.66
CA GLY A 145 3.47 14.17 8.10
C GLY A 145 3.89 14.47 9.54
N ALA A 146 3.98 15.75 9.89
CA ALA A 146 4.34 16.26 11.23
C ALA A 146 3.35 15.79 12.32
N LEU A 147 2.08 15.61 11.96
CA LEU A 147 0.94 15.46 12.90
C LEU A 147 0.60 13.97 13.15
N LEU A 148 0.75 13.12 12.14
CA LEU A 148 0.23 11.74 12.12
C LEU A 148 1.36 10.74 12.46
N LYS A 149 1.02 9.74 13.31
CA LYS A 149 1.89 8.61 13.70
C LYS A 149 1.14 7.33 13.42
N GLU A 150 1.87 6.22 13.31
CA GLU A 150 1.28 4.87 13.29
C GLU A 150 0.31 4.76 14.46
N GLY A 151 -0.96 4.42 14.20
CA GLY A 151 -2.01 4.34 15.23
C GLY A 151 -3.15 5.31 14.98
N ASP A 152 -2.88 6.53 14.50
CA ASP A 152 -3.92 7.57 14.28
C ASP A 152 -4.92 7.10 13.20
N VAL A 153 -6.14 7.66 13.17
CA VAL A 153 -7.17 7.35 12.14
C VAL A 153 -7.53 8.62 11.38
N VAL A 154 -7.48 8.58 10.05
CA VAL A 154 -7.90 9.71 9.18
C VAL A 154 -9.23 9.33 8.52
N PHE A 155 -10.16 10.27 8.56
CA PHE A 155 -11.44 10.27 7.81
C PHE A 155 -11.32 11.35 6.70
N SER A 156 -11.11 10.90 5.46
CA SER A 156 -10.99 11.78 4.26
C SER A 156 -12.33 11.84 3.53
N ASP A 157 -12.75 13.02 3.10
CA ASP A 157 -13.80 13.19 2.06
C ASP A 157 -13.27 12.50 0.79
N GLU A 158 -14.12 11.79 0.03
CA GLU A 158 -13.66 10.91 -1.07
C GLU A 158 -13.16 11.79 -2.23
N LEU A 159 -13.65 13.03 -2.33
CA LEU A 159 -13.32 13.98 -3.43
C LEU A 159 -12.14 14.90 -3.02
N ASN A 160 -11.39 14.55 -1.99
CA ASN A 160 -10.24 15.36 -1.51
C ASN A 160 -9.19 15.46 -2.63
N HIS A 161 -8.59 16.65 -2.75
CA HIS A 161 -7.56 17.05 -3.75
C HIS A 161 -6.38 16.07 -3.70
N ALA A 162 -5.75 15.84 -4.84
CA ALA A 162 -4.61 14.92 -5.03
C ALA A 162 -3.50 15.19 -4.00
N SER A 163 -3.20 16.48 -3.79
CA SER A 163 -2.17 17.02 -2.87
C SER A 163 -2.22 16.31 -1.50
N ILE A 164 -3.43 16.09 -1.00
CA ILE A 164 -3.76 15.45 0.31
C ILE A 164 -3.41 13.95 0.24
N ILE A 165 -3.89 13.24 -0.79
CA ILE A 165 -3.63 11.79 -0.99
C ILE A 165 -2.12 11.55 -0.84
N ASP A 166 -1.29 12.35 -1.50
CA ASP A 166 0.20 12.22 -1.40
C ASP A 166 0.63 12.41 0.06
N GLY A 167 0.12 13.45 0.72
CA GLY A 167 0.45 13.72 2.12
C GLY A 167 0.24 12.47 2.96
N LEU A 168 -0.98 11.95 2.95
CA LEU A 168 -1.42 10.77 3.74
C LEU A 168 -0.56 9.56 3.42
N ARG A 169 -0.30 9.30 2.14
CA ARG A 169 0.50 8.14 1.66
C ARG A 169 1.93 8.13 2.26
N LEU A 170 2.40 9.24 2.83
CA LEU A 170 3.76 9.36 3.44
C LEU A 170 3.68 9.15 4.95
N THR A 171 2.49 8.87 5.51
CA THR A 171 2.28 8.63 6.96
C THR A 171 1.90 7.16 7.20
N LYS A 172 1.97 6.73 8.48
CA LYS A 172 1.68 5.34 8.90
C LYS A 172 0.28 5.28 9.51
N ALA A 173 -0.55 6.30 9.26
CA ALA A 173 -1.92 6.44 9.80
C ALA A 173 -2.85 5.48 9.07
N THR A 174 -3.96 5.07 9.70
CA THR A 174 -5.02 4.23 9.09
C THR A 174 -5.92 5.19 8.31
N ARG A 175 -6.05 4.95 7.00
CA ARG A 175 -6.81 5.82 6.07
C ARG A 175 -8.21 5.26 5.82
N LEU A 176 -9.23 6.03 6.20
CA LEU A 176 -10.65 5.75 5.93
C LEU A 176 -11.21 6.89 5.07
N VAL A 177 -12.19 6.56 4.23
CA VAL A 177 -12.85 7.51 3.28
C VAL A 177 -14.33 7.55 3.63
N PHE A 178 -14.93 8.75 3.62
CA PHE A 178 -16.40 8.96 3.75
C PHE A 178 -16.94 9.59 2.47
N ARG A 179 -18.14 9.14 2.07
CA ARG A 179 -18.89 9.63 0.89
C ARG A 179 -18.92 11.16 0.95
N HIS A 180 -18.68 11.83 -0.19
CA HIS A 180 -18.50 13.30 -0.30
C HIS A 180 -19.54 14.05 0.54
N ALA A 181 -19.08 14.85 1.51
CA ALA A 181 -19.90 15.81 2.30
C ALA A 181 -21.02 15.10 3.07
N ASP A 182 -20.94 13.77 3.24
CA ASP A 182 -21.99 12.93 3.86
C ASP A 182 -21.69 12.81 5.36
N VAL A 183 -22.29 13.71 6.16
CA VAL A 183 -22.07 13.82 7.62
C VAL A 183 -22.61 12.55 8.32
N ALA A 184 -23.66 11.95 7.74
CA ALA A 184 -24.28 10.68 8.22
C ALA A 184 -23.23 9.58 8.19
N HIS A 185 -22.66 9.26 7.01
CA HIS A 185 -21.60 8.23 6.84
C HIS A 185 -20.42 8.56 7.76
N LEU A 186 -20.06 9.84 7.85
CA LEU A 186 -18.93 10.34 8.70
C LEU A 186 -19.16 9.91 10.16
N GLU A 187 -20.34 10.22 10.72
CA GLU A 187 -20.74 9.85 12.11
C GLU A 187 -20.62 8.33 12.27
N GLU A 188 -21.22 7.58 11.33
CA GLU A 188 -21.22 6.08 11.30
C GLU A 188 -19.78 5.59 11.46
N LEU A 189 -18.82 6.22 10.77
CA LEU A 189 -17.39 5.81 10.77
C LEU A 189 -16.73 6.15 12.11
N LEU A 190 -17.09 7.27 12.74
CA LEU A 190 -16.51 7.75 14.03
C LEU A 190 -16.89 6.80 15.18
N LYS A 191 -18.06 6.14 15.09
CA LYS A 191 -18.51 5.10 16.06
C LYS A 191 -17.72 3.81 15.85
N ALA A 192 -17.31 3.53 14.61
CA ALA A 192 -16.74 2.23 14.18
C ALA A 192 -15.20 2.18 14.36
N HIS A 193 -14.54 3.32 14.61
CA HIS A 193 -13.06 3.41 14.67
C HIS A 193 -12.64 4.44 15.71
N ASP A 194 -11.75 4.07 16.63
CA ASP A 194 -11.24 4.97 17.70
C ASP A 194 -9.75 4.74 17.89
N THR A 195 -9.11 5.59 18.68
CA THR A 195 -7.67 5.54 19.00
C THR A 195 -7.42 6.28 20.30
N ASP A 196 -6.52 5.73 21.10
CA ASP A 196 -5.93 6.40 22.28
C ASP A 196 -5.06 7.54 21.74
N GLY A 197 -4.82 7.53 20.43
CA GLY A 197 -4.13 8.60 19.68
C GLY A 197 -5.10 9.59 19.05
N LEU A 198 -4.87 9.92 17.78
CA LEU A 198 -5.46 11.10 17.09
C LEU A 198 -6.40 10.69 15.97
N LYS A 199 -7.62 11.22 16.00
CA LYS A 199 -8.64 11.08 14.93
C LYS A 199 -8.64 12.38 14.12
N LEU A 200 -8.22 12.33 12.86
CA LEU A 200 -8.17 13.53 11.98
C LEU A 200 -9.11 13.37 10.79
N ILE A 201 -10.23 14.10 10.83
CA ILE A 201 -11.13 14.35 9.67
C ILE A 201 -10.43 15.31 8.69
N VAL A 202 -10.39 14.96 7.41
CA VAL A 202 -9.61 15.73 6.42
C VAL A 202 -10.51 16.06 5.24
N THR A 203 -10.60 17.34 4.85
CA THR A 203 -11.50 17.80 3.76
C THR A 203 -10.90 19.04 3.08
N ASP A 204 -11.01 19.11 1.75
CA ASP A 204 -10.97 20.39 1.00
C ASP A 204 -11.99 21.30 1.68
N GLY A 205 -11.67 22.59 1.81
CA GLY A 205 -12.62 23.61 2.26
C GLY A 205 -13.62 23.93 1.16
N VAL A 206 -13.09 24.19 -0.03
CA VAL A 206 -13.86 24.34 -1.29
C VAL A 206 -13.33 23.30 -2.27
N PHE A 207 -14.20 22.45 -2.81
CA PHE A 207 -13.79 21.31 -3.67
C PHE A 207 -13.58 21.85 -5.09
N SER A 208 -12.39 21.57 -5.62
CA SER A 208 -11.79 22.17 -6.84
C SER A 208 -12.71 21.97 -8.04
N MET A 209 -13.38 20.84 -8.19
CA MET A 209 -14.07 20.51 -9.47
C MET A 209 -15.53 20.98 -9.54
N ASP A 210 -16.34 20.78 -8.49
CA ASP A 210 -17.77 21.18 -8.39
C ASP A 210 -17.92 22.53 -7.70
N GLY A 211 -16.95 22.95 -6.88
CA GLY A 211 -17.00 24.29 -6.26
C GLY A 211 -18.01 24.35 -5.13
N ASP A 212 -18.28 23.18 -4.54
CA ASP A 212 -19.15 23.04 -3.34
C ASP A 212 -18.30 23.22 -2.07
N ILE A 213 -18.94 23.68 -0.99
CA ILE A 213 -18.27 24.01 0.31
C ILE A 213 -18.47 22.85 1.29
N ALA A 214 -17.38 22.37 1.90
CA ALA A 214 -17.43 21.39 3.00
C ALA A 214 -18.49 21.86 3.99
N PRO A 215 -19.38 20.94 4.47
CA PRO A 215 -20.34 21.31 5.50
C PRO A 215 -19.65 21.39 6.87
N LEU A 216 -18.91 22.47 7.15
CA LEU A 216 -18.13 22.60 8.41
C LEU A 216 -19.12 22.89 9.54
N ASP A 217 -20.22 23.61 9.26
CA ASP A 217 -21.32 23.88 10.22
C ASP A 217 -21.72 22.58 10.94
N LYS A 218 -21.72 21.44 10.25
CA LYS A 218 -22.12 20.13 10.79
C LYS A 218 -20.90 19.27 11.15
N ILE A 219 -19.82 19.34 10.37
CA ILE A 219 -18.61 18.48 10.57
C ILE A 219 -17.95 18.79 11.91
N VAL A 220 -17.68 20.07 12.20
CA VAL A 220 -16.95 20.52 13.42
C VAL A 220 -17.73 20.07 14.66
N PRO A 221 -19.04 20.35 14.78
CA PRO A 221 -19.84 19.83 15.89
C PRO A 221 -19.67 18.30 16.04
N LEU A 222 -19.91 17.56 14.96
CA LEU A 222 -19.71 16.10 14.96
C LEU A 222 -18.31 15.79 15.49
N ALA A 223 -17.29 16.56 15.11
CA ALA A 223 -15.88 16.33 15.51
C ALA A 223 -15.72 16.48 17.03
N LYS A 224 -16.41 17.45 17.63
CA LYS A 224 -16.36 17.76 19.09
C LYS A 224 -17.05 16.64 19.86
N LYS A 225 -18.04 15.99 19.25
CA LYS A 225 -18.83 14.88 19.86
C LYS A 225 -17.97 13.61 20.01
N TYR A 226 -16.87 13.48 19.26
CA TYR A 226 -16.08 12.22 19.19
C TYR A 226 -14.58 12.46 19.42
N LYS A 227 -14.18 13.62 19.93
CA LYS A 227 -12.78 13.96 20.29
C LYS A 227 -11.85 13.74 19.07
N ALA A 228 -12.28 14.30 17.92
CA ALA A 228 -11.50 14.33 16.67
C ALA A 228 -11.15 15.77 16.29
N VAL A 229 -10.11 15.90 15.48
CA VAL A 229 -9.51 17.17 15.00
C VAL A 229 -9.86 17.31 13.51
N VAL A 230 -10.13 18.53 13.09
CA VAL A 230 -10.60 18.83 11.70
C VAL A 230 -9.47 19.57 10.97
N TYR A 231 -9.15 19.08 9.77
CA TYR A 231 -8.09 19.56 8.88
C TYR A 231 -8.72 20.01 7.56
N VAL A 232 -8.64 21.30 7.28
CA VAL A 232 -9.31 21.93 6.12
C VAL A 232 -8.24 22.45 5.15
N ASP A 233 -8.17 21.89 3.95
CA ASP A 233 -7.32 22.38 2.82
C ASP A 233 -8.12 23.41 2.03
N ASP A 234 -7.83 24.71 2.26
CA ASP A 234 -8.70 25.83 1.81
C ASP A 234 -8.08 26.57 0.62
N ALA A 235 -7.42 25.86 -0.29
CA ALA A 235 -6.72 26.47 -1.45
C ALA A 235 -7.67 27.44 -2.18
N HIS A 236 -8.94 27.06 -2.29
CA HIS A 236 -10.04 27.75 -3.03
C HIS A 236 -11.02 28.45 -2.07
N GLY A 237 -10.71 28.49 -0.77
CA GLY A 237 -11.50 29.27 0.22
C GLY A 237 -10.75 30.52 0.64
N SER A 238 -9.46 30.40 0.86
CA SER A 238 -8.52 31.53 1.09
C SER A 238 -8.74 32.62 0.04
N GLY A 239 -9.06 33.83 0.47
CA GLY A 239 -9.21 35.00 -0.43
C GLY A 239 -10.54 35.00 -1.13
N VAL A 240 -11.41 34.04 -0.78
CA VAL A 240 -12.72 33.86 -1.45
C VAL A 240 -13.87 33.95 -0.44
N LEU A 241 -13.84 33.11 0.59
CA LEU A 241 -14.96 32.83 1.52
C LEU A 241 -14.61 33.52 2.84
N GLY A 242 -15.63 33.99 3.59
CA GLY A 242 -15.47 34.68 4.87
C GLY A 242 -15.17 36.17 4.67
N GLU A 243 -15.31 36.96 5.74
CA GLU A 243 -15.09 38.42 5.81
C GLU A 243 -13.70 38.72 5.23
N LYS A 244 -13.63 39.41 4.09
CA LYS A 244 -12.38 39.83 3.38
C LYS A 244 -11.57 38.60 2.93
N GLY A 245 -12.25 37.47 2.71
CA GLY A 245 -11.62 36.21 2.29
C GLY A 245 -10.67 35.67 3.32
N LYS A 246 -11.04 35.78 4.59
CA LYS A 246 -10.32 35.17 5.74
C LYS A 246 -10.45 33.64 5.65
N GLY A 247 -11.44 33.15 4.90
CA GLY A 247 -11.47 31.73 4.51
C GLY A 247 -12.65 30.97 5.09
N THR A 248 -12.82 29.73 4.64
CA THR A 248 -13.92 28.78 4.99
C THR A 248 -14.06 28.59 6.50
N VAL A 249 -12.98 28.23 7.17
CA VAL A 249 -12.93 28.11 8.66
C VAL A 249 -13.50 29.40 9.28
N HIS A 250 -12.93 30.55 8.92
CA HIS A 250 -13.31 31.87 9.48
C HIS A 250 -14.78 32.16 9.16
N HIS A 251 -15.24 31.70 7.99
CA HIS A 251 -16.62 31.92 7.48
C HIS A 251 -17.65 31.22 8.37
N PHE A 252 -17.33 30.00 8.81
CA PHE A 252 -18.18 29.19 9.72
C PHE A 252 -17.91 29.55 11.18
N GLY A 253 -16.90 30.38 11.45
CA GLY A 253 -16.63 30.96 12.78
C GLY A 253 -15.87 30.01 13.71
N PHE A 254 -14.96 29.17 13.19
CA PHE A 254 -14.23 28.13 13.96
C PHE A 254 -12.73 28.43 13.98
N HIS A 255 -12.34 29.68 13.73
CA HIS A 255 -10.93 30.08 13.45
C HIS A 255 -10.05 30.06 14.70
N GLN A 256 -10.63 30.16 15.89
CA GLN A 256 -9.83 30.20 17.15
C GLN A 256 -9.89 28.83 17.86
N ASP A 257 -10.58 27.86 17.27
CA ASP A 257 -10.61 26.46 17.79
C ASP A 257 -9.21 25.87 17.61
N PRO A 258 -8.57 25.39 18.69
CA PRO A 258 -7.24 24.79 18.57
C PRO A 258 -7.28 23.41 17.92
N ASP A 259 -8.47 22.81 17.75
CA ASP A 259 -8.63 21.44 17.17
C ASP A 259 -9.15 21.55 15.73
N VAL A 260 -9.13 22.74 15.13
CA VAL A 260 -9.32 22.94 13.66
C VAL A 260 -8.01 23.43 13.07
N VAL A 261 -7.42 22.66 12.16
CA VAL A 261 -6.16 23.01 11.40
C VAL A 261 -6.54 23.35 9.96
N GLN A 262 -5.98 24.42 9.40
CA GLN A 262 -6.16 24.77 7.98
C GLN A 262 -4.76 24.93 7.32
N VAL A 263 -4.61 24.33 6.12
CA VAL A 263 -3.52 24.62 5.15
C VAL A 263 -4.18 25.18 3.89
N ALA A 264 -3.54 26.12 3.21
CA ALA A 264 -4.06 26.71 1.97
C ALA A 264 -2.90 27.25 1.16
N THR A 265 -3.04 27.26 -0.16
CA THR A 265 -2.09 27.87 -1.11
C THR A 265 -2.09 29.39 -0.98
N LEU A 266 -0.99 30.04 -1.35
CA LEU A 266 -0.90 31.51 -1.53
C LEU A 266 -0.74 31.83 -3.01
N SER A 267 -1.07 30.85 -3.88
CA SER A 267 -0.75 30.89 -5.32
C SER A 267 -1.95 31.33 -6.13
N LYS A 268 -3.17 31.24 -5.55
CA LYS A 268 -4.45 31.47 -6.24
C LYS A 268 -4.89 32.91 -5.93
N ALA A 269 -5.87 33.13 -5.05
CA ALA A 269 -6.43 34.47 -4.76
C ALA A 269 -5.33 35.44 -4.31
N TRP A 270 -4.35 34.98 -3.53
CA TRP A 270 -3.22 35.82 -3.06
C TRP A 270 -2.15 35.96 -4.16
N ALA A 271 -2.26 35.17 -5.22
CA ALA A 271 -1.63 35.44 -6.54
C ALA A 271 -0.11 35.50 -6.47
N GLY A 272 0.51 34.60 -5.71
CA GLY A 272 1.98 34.46 -5.68
C GLY A 272 2.35 33.00 -5.75
N ILE A 273 3.07 32.51 -4.74
CA ILE A 273 3.34 31.07 -4.55
C ILE A 273 3.46 30.80 -3.05
N GLY A 274 3.45 29.51 -2.70
CA GLY A 274 3.62 28.97 -1.34
C GLY A 274 2.30 28.55 -0.78
N GLY A 275 2.31 27.88 0.38
CA GLY A 275 1.12 27.62 1.20
C GLY A 275 1.37 27.96 2.65
N TYR A 276 0.31 28.26 3.38
CA TYR A 276 0.35 28.40 4.85
C TYR A 276 -0.31 27.21 5.54
N ALA A 277 0.12 26.99 6.77
CA ALA A 277 -0.53 26.21 7.84
C ALA A 277 -0.87 27.18 8.97
N ALA A 278 -2.14 27.28 9.34
CA ALA A 278 -2.65 28.24 10.35
C ALA A 278 -3.39 27.50 11.46
N GLY A 279 -3.07 27.83 12.72
CA GLY A 279 -3.77 27.35 13.93
C GLY A 279 -3.00 27.62 15.21
N ALA A 280 -3.13 26.69 16.18
CA ALA A 280 -2.54 26.75 17.54
C ALA A 280 -1.07 27.13 17.49
N ARG A 281 -0.64 28.04 18.39
CA ARG A 281 0.78 28.47 18.60
C ARG A 281 1.73 27.26 18.48
N GLU A 282 1.38 26.15 19.12
CA GLU A 282 2.29 24.98 19.29
C GLU A 282 2.43 24.26 17.94
N LEU A 283 1.40 24.31 17.09
CA LEU A 283 1.44 23.73 15.72
C LEU A 283 2.64 24.27 14.94
N LYS A 284 2.77 25.60 14.87
CA LYS A 284 3.91 26.28 14.21
C LYS A 284 5.21 25.62 14.64
N ASP A 285 5.45 25.52 15.95
CA ASP A 285 6.74 25.06 16.53
C ASP A 285 6.93 23.57 16.20
N LEU A 286 5.86 22.78 16.06
CA LEU A 286 6.00 21.37 15.61
C LEU A 286 6.45 21.33 14.15
N LEU A 287 5.80 22.11 13.30
CA LEU A 287 6.10 22.13 11.84
C LEU A 287 7.55 22.58 11.58
N ILE A 288 8.03 23.60 12.32
CA ILE A 288 9.43 24.09 12.23
C ILE A 288 10.34 22.89 12.47
N ASN A 289 9.95 21.97 13.36
CA ASN A 289 10.80 20.83 13.80
C ASN A 289 10.59 19.60 12.92
N LYS A 290 9.38 19.31 12.47
CA LYS A 290 9.06 17.95 11.94
C LYS A 290 8.59 17.95 10.48
N ALA A 291 8.16 19.09 9.92
CA ALA A 291 7.62 19.19 8.54
C ALA A 291 8.78 19.02 7.57
N ARG A 292 8.74 17.96 6.76
CA ARG A 292 9.88 17.56 5.90
C ARG A 292 10.10 18.62 4.81
N PRO A 293 9.08 19.16 4.13
CA PRO A 293 9.29 20.27 3.19
C PRO A 293 9.75 21.61 3.78
N PHE A 294 9.60 21.82 5.09
CA PHE A 294 10.11 23.05 5.75
C PHE A 294 11.60 22.88 6.03
N LEU A 295 12.03 21.64 6.24
CA LEU A 295 13.39 21.23 6.68
C LEU A 295 14.34 21.09 5.50
N PHE A 296 13.81 20.83 4.29
CA PHE A 296 14.60 20.33 3.14
C PHE A 296 14.26 21.10 1.86
N SER A 297 13.67 22.30 1.94
CA SER A 297 13.40 23.13 0.73
C SER A 297 13.62 24.61 1.07
N THR A 298 14.36 25.32 0.22
CA THR A 298 14.73 26.74 0.44
C THR A 298 13.44 27.54 0.66
N SER A 299 13.50 28.48 1.61
CA SER A 299 12.46 29.49 1.85
C SER A 299 12.38 30.44 0.64
N HIS A 300 11.29 31.17 0.54
CA HIS A 300 10.88 31.93 -0.65
C HIS A 300 11.57 33.29 -0.65
N PRO A 301 11.82 33.87 -1.83
CA PRO A 301 12.64 35.09 -1.91
C PRO A 301 11.88 36.36 -1.56
N PRO A 302 12.58 37.46 -1.26
CA PRO A 302 11.97 38.78 -1.00
C PRO A 302 10.77 39.24 -1.85
N ALA A 303 10.85 39.08 -3.18
CA ALA A 303 9.83 39.57 -4.12
C ALA A 303 8.49 38.88 -3.88
N VAL A 304 8.53 37.57 -3.61
CA VAL A 304 7.32 36.73 -3.35
C VAL A 304 6.71 37.20 -2.04
N VAL A 305 7.53 37.29 -1.00
CA VAL A 305 7.06 37.70 0.35
C VAL A 305 6.55 39.14 0.28
N GLY A 306 7.26 40.03 -0.38
CA GLY A 306 6.81 41.41 -0.66
C GLY A 306 5.40 41.45 -1.20
N ALA A 307 5.16 40.71 -2.29
CA ALA A 307 3.85 40.63 -2.98
C ALA A 307 2.75 40.14 -2.05
N LEU A 308 3.02 39.11 -1.23
CA LEU A 308 1.99 38.53 -0.32
C LEU A 308 1.70 39.53 0.82
N LEU A 309 2.73 40.12 1.42
CA LEU A 309 2.50 41.25 2.36
C LEU A 309 1.58 42.27 1.69
N GLY A 310 1.89 42.62 0.43
CA GLY A 310 1.11 43.59 -0.37
C GLY A 310 -0.36 43.21 -0.45
N ALA A 311 -0.63 41.94 -0.77
CA ALA A 311 -1.97 41.39 -1.01
C ALA A 311 -2.82 41.47 0.28
N LEU A 312 -2.26 41.06 1.42
CA LEU A 312 -2.95 41.18 2.73
C LEU A 312 -3.23 42.65 3.03
N GLU A 313 -2.23 43.54 2.83
CA GLU A 313 -2.46 45.00 2.95
C GLU A 313 -3.63 45.42 2.03
N LEU A 314 -3.63 45.00 0.75
CA LEU A 314 -4.58 45.49 -0.26
C LEU A 314 -6.00 45.08 0.09
N ILE A 315 -6.23 43.81 0.47
CA ILE A 315 -7.62 43.31 0.72
C ILE A 315 -8.21 44.06 1.93
N GLU A 316 -7.39 44.45 2.91
CA GLU A 316 -7.79 45.30 4.06
C GLU A 316 -8.27 46.67 3.53
N LYS A 317 -7.50 47.32 2.62
CA LYS A 317 -7.81 48.67 2.05
C LYS A 317 -9.03 48.60 1.13
N GLU A 318 -9.21 47.45 0.46
CA GLU A 318 -10.20 47.25 -0.63
C GLU A 318 -10.98 45.96 -0.38
N PRO A 319 -11.82 45.93 0.67
CA PRO A 319 -12.73 44.79 0.88
C PRO A 319 -13.77 44.67 -0.25
N GLU A 320 -14.05 45.78 -0.96
CA GLU A 320 -14.88 45.83 -2.19
C GLU A 320 -14.62 44.61 -3.08
N ARG A 321 -13.36 44.38 -3.45
CA ARG A 321 -12.92 43.33 -4.41
C ARG A 321 -13.59 42.01 -4.09
N VAL A 322 -13.68 41.64 -2.80
CA VAL A 322 -14.28 40.35 -2.40
C VAL A 322 -15.78 40.39 -2.75
N GLU A 323 -16.44 41.50 -2.46
CA GLU A 323 -17.87 41.71 -2.82
C GLU A 323 -17.95 41.51 -4.33
N ARG A 324 -17.18 42.28 -5.10
CA ARG A 324 -17.18 42.31 -6.59
C ARG A 324 -17.01 40.89 -7.15
N LEU A 325 -16.16 40.06 -6.54
CA LEU A 325 -15.92 38.66 -6.95
C LEU A 325 -17.27 37.92 -6.95
N TRP A 326 -18.05 38.12 -5.89
CA TRP A 326 -19.35 37.41 -5.67
C TRP A 326 -20.45 38.00 -6.56
N GLU A 327 -20.51 39.33 -6.77
CA GLU A 327 -21.47 39.98 -7.72
C GLU A 327 -21.33 39.29 -9.07
N ASN A 328 -20.09 39.18 -9.54
CA ASN A 328 -19.72 38.64 -10.88
C ASN A 328 -20.06 37.15 -10.95
N THR A 329 -19.74 36.40 -9.90
CA THR A 329 -20.07 34.95 -9.76
C THR A 329 -21.58 34.79 -9.93
N ARG A 330 -22.35 35.56 -9.16
CA ARG A 330 -23.84 35.52 -9.17
C ARG A 330 -24.29 35.86 -10.60
N TYR A 331 -23.87 37.01 -11.15
CA TYR A 331 -24.25 37.50 -12.51
C TYR A 331 -24.08 36.35 -13.51
N PHE A 332 -22.88 35.78 -13.53
CA PHE A 332 -22.44 34.74 -14.49
C PHE A 332 -23.31 33.48 -14.35
N LYS A 333 -23.47 32.96 -13.13
CA LYS A 333 -24.27 31.72 -12.84
C LYS A 333 -25.75 31.94 -13.21
N ARG A 334 -26.28 33.14 -12.96
CA ARG A 334 -27.69 33.53 -13.22
C ARG A 334 -27.94 33.41 -14.73
N GLU A 335 -27.02 33.93 -15.55
CA GLU A 335 -27.19 33.99 -17.03
C GLU A 335 -27.08 32.58 -17.63
N LEU A 336 -26.10 31.79 -17.22
CA LEU A 336 -25.95 30.37 -17.62
C LEU A 336 -27.24 29.61 -17.27
N ALA A 337 -27.91 29.97 -16.18
CA ALA A 337 -29.22 29.39 -15.78
C ALA A 337 -30.28 29.88 -16.77
N ARG A 338 -30.34 31.19 -17.03
CA ARG A 338 -31.25 31.79 -18.05
C ARG A 338 -31.15 30.97 -19.35
N LEU A 339 -29.93 30.76 -19.88
CA LEU A 339 -29.69 30.04 -21.16
C LEU A 339 -30.03 28.55 -21.01
N GLY A 340 -30.16 28.04 -19.79
CA GLY A 340 -30.59 26.65 -19.51
C GLY A 340 -29.42 25.69 -19.37
N TYR A 341 -28.25 26.18 -18.95
CA TYR A 341 -27.09 25.36 -18.55
C TYR A 341 -27.22 24.97 -17.07
N ASP A 342 -26.84 23.74 -16.75
CA ASP A 342 -26.74 23.23 -15.36
C ASP A 342 -25.36 23.59 -14.81
N THR A 343 -25.33 24.28 -13.66
CA THR A 343 -24.10 24.81 -13.01
C THR A 343 -23.83 23.99 -11.73
N LEU A 344 -24.44 22.80 -11.61
CA LEU A 344 -24.15 21.73 -10.60
C LEU A 344 -24.23 22.24 -9.13
N GLY A 345 -25.15 23.17 -8.84
CA GLY A 345 -25.29 23.78 -7.50
C GLY A 345 -23.95 24.23 -6.93
N SER A 346 -23.06 24.77 -7.77
CA SER A 346 -21.81 25.43 -7.35
C SER A 346 -22.16 26.59 -6.41
N GLN A 347 -21.32 26.85 -5.41
CA GLN A 347 -21.56 27.88 -4.35
C GLN A 347 -20.44 28.94 -4.38
N THR A 348 -19.39 28.72 -5.18
CA THR A 348 -18.08 29.42 -5.21
C THR A 348 -17.89 30.06 -6.58
N PRO A 349 -16.97 31.04 -6.75
CA PRO A 349 -16.69 31.57 -8.08
C PRO A 349 -16.27 30.48 -9.08
N ILE A 350 -15.90 29.29 -8.60
CA ILE A 350 -15.73 28.10 -9.48
C ILE A 350 -17.12 27.78 -10.04
N THR A 351 -17.28 27.90 -11.36
CA THR A 351 -18.56 27.74 -12.09
C THR A 351 -18.40 26.64 -13.12
N PRO A 352 -18.68 25.37 -12.78
CA PRO A 352 -18.88 24.31 -13.76
C PRO A 352 -20.08 24.64 -14.65
N VAL A 353 -20.08 24.08 -15.86
CA VAL A 353 -21.19 24.14 -16.84
C VAL A 353 -21.31 22.73 -17.43
N LEU A 354 -22.40 22.00 -17.15
CA LEU A 354 -22.49 20.54 -17.46
C LEU A 354 -22.64 20.35 -18.98
N PHE A 355 -21.80 19.46 -19.54
CA PHE A 355 -21.88 19.02 -20.96
C PHE A 355 -22.13 17.49 -21.07
N GLY A 356 -22.28 16.79 -19.95
CA GLY A 356 -22.64 15.36 -19.94
C GLY A 356 -21.43 14.50 -20.25
N GLU A 357 -21.29 14.08 -21.50
CA GLU A 357 -20.18 13.18 -21.93
C GLU A 357 -18.95 14.02 -22.25
N ALA A 358 -17.76 13.50 -21.90
CA ALA A 358 -16.45 14.18 -21.99
C ALA A 358 -16.16 14.69 -23.40
N PRO A 359 -16.41 13.87 -24.46
CA PRO A 359 -16.14 14.29 -25.83
C PRO A 359 -16.74 15.66 -26.14
N LEU A 360 -17.99 15.88 -25.70
CA LEU A 360 -18.79 17.08 -25.97
C LEU A 360 -18.23 18.26 -25.16
N ALA A 361 -17.74 17.96 -23.94
CA ALA A 361 -17.08 18.92 -23.03
C ALA A 361 -15.81 19.46 -23.69
N PHE A 362 -14.97 18.60 -24.25
CA PHE A 362 -13.68 19.02 -24.89
C PHE A 362 -13.98 19.83 -26.15
N GLU A 363 -14.98 19.39 -26.91
CA GLU A 363 -15.44 20.08 -28.16
C GLU A 363 -15.84 21.52 -27.81
N ALA A 364 -16.80 21.68 -26.87
CA ALA A 364 -17.29 22.97 -26.36
C ALA A 364 -16.12 23.85 -25.93
N SER A 365 -15.08 23.26 -25.32
CA SER A 365 -13.84 23.94 -24.88
C SER A 365 -13.12 24.54 -26.09
N ARG A 366 -12.99 23.75 -27.15
CA ARG A 366 -12.34 24.16 -28.44
C ARG A 366 -13.11 25.35 -29.04
N LEU A 367 -14.43 25.19 -29.15
CA LEU A 367 -15.32 26.17 -29.81
C LEU A 367 -15.41 27.47 -29.00
N LEU A 368 -15.46 27.41 -27.66
CA LEU A 368 -15.37 28.62 -26.79
C LEU A 368 -14.12 29.43 -27.18
N LEU A 369 -12.96 28.76 -27.30
CA LEU A 369 -11.66 29.42 -27.62
C LEU A 369 -11.75 30.08 -29.00
N GLU A 370 -12.43 29.43 -29.96
CA GLU A 370 -12.66 29.98 -31.34
C GLU A 370 -13.42 31.31 -31.22
N GLU A 371 -14.23 31.47 -30.18
CA GLU A 371 -15.00 32.72 -29.93
C GLU A 371 -14.22 33.65 -29.01
N GLY A 372 -12.92 33.42 -28.83
CA GLY A 372 -12.07 34.24 -27.94
C GLY A 372 -12.46 34.10 -26.46
N VAL A 373 -12.90 32.92 -26.02
CA VAL A 373 -13.24 32.62 -24.60
C VAL A 373 -12.45 31.39 -24.16
N PHE A 374 -11.60 31.54 -23.13
CA PHE A 374 -10.63 30.50 -22.73
C PHE A 374 -11.06 29.87 -21.40
N ALA A 375 -11.43 28.58 -21.47
CA ALA A 375 -11.89 27.77 -20.33
C ALA A 375 -11.57 26.27 -20.49
N VAL A 376 -11.43 25.57 -19.37
CA VAL A 376 -10.87 24.18 -19.31
C VAL A 376 -12.01 23.16 -19.38
N GLY A 377 -12.12 22.37 -20.44
CA GLY A 377 -13.01 21.20 -20.49
C GLY A 377 -12.47 20.09 -19.62
N ILE A 378 -13.29 19.48 -18.77
CA ILE A 378 -12.89 18.36 -17.87
C ILE A 378 -13.84 17.17 -18.06
N GLY A 379 -13.30 15.97 -18.21
CA GLY A 379 -14.07 14.73 -18.51
C GLY A 379 -13.52 13.49 -17.80
N PHE A 380 -13.95 12.29 -18.20
CA PHE A 380 -14.25 11.10 -17.35
C PHE A 380 -13.15 10.78 -16.33
N PRO A 381 -11.87 10.53 -16.70
CA PRO A 381 -10.92 10.08 -15.68
C PRO A 381 -11.05 11.04 -14.48
N THR A 382 -11.02 12.35 -14.73
CA THR A 382 -10.99 13.46 -13.73
C THR A 382 -12.34 13.70 -13.03
N VAL A 383 -13.48 13.57 -13.73
CA VAL A 383 -14.87 13.71 -13.18
C VAL A 383 -15.75 12.54 -13.67
N PRO A 384 -16.85 12.16 -12.99
CA PRO A 384 -17.61 10.97 -13.39
C PRO A 384 -18.07 11.00 -14.85
N ARG A 385 -18.48 9.84 -15.39
CA ARG A 385 -18.56 9.55 -16.85
C ARG A 385 -19.62 10.42 -17.54
N GLY A 386 -20.83 10.53 -16.98
CA GLY A 386 -21.92 11.35 -17.54
C GLY A 386 -21.92 12.77 -16.99
N LYS A 387 -20.81 13.23 -16.42
CA LYS A 387 -20.77 14.53 -15.68
C LYS A 387 -19.57 15.39 -16.09
N ALA A 388 -19.11 15.26 -17.35
CA ALA A 388 -18.02 16.10 -17.92
C ALA A 388 -18.52 17.55 -18.03
N ARG A 389 -17.62 18.52 -17.84
CA ARG A 389 -18.03 19.94 -17.82
C ARG A 389 -16.89 20.81 -18.33
N ILE A 390 -17.16 22.11 -18.39
CA ILE A 390 -16.13 23.19 -18.49
C ILE A 390 -16.10 23.91 -17.13
N ARG A 391 -14.92 23.95 -16.51
CA ARG A 391 -14.65 24.80 -15.32
C ARG A 391 -14.32 26.22 -15.79
N ASN A 392 -15.11 27.18 -15.34
CA ASN A 392 -14.85 28.63 -15.47
C ASN A 392 -14.51 29.12 -14.06
N ILE A 393 -13.66 30.15 -13.96
CA ILE A 393 -13.34 30.78 -12.67
C ILE A 393 -13.46 32.29 -12.83
N VAL A 394 -14.59 32.79 -12.34
CA VAL A 394 -14.97 34.22 -12.28
C VAL A 394 -14.05 34.87 -11.25
N THR A 395 -13.55 36.07 -11.56
CA THR A 395 -12.66 36.86 -10.67
C THR A 395 -13.24 38.25 -10.49
N ALA A 396 -12.79 38.97 -9.45
CA ALA A 396 -13.15 40.38 -9.17
C ALA A 396 -12.75 41.30 -10.32
N ALA A 397 -11.70 40.95 -11.08
CA ALA A 397 -11.12 41.78 -12.15
C ALA A 397 -11.96 41.67 -13.43
N HIS A 398 -12.82 40.66 -13.54
CA HIS A 398 -13.75 40.51 -14.70
C HIS A 398 -14.76 41.66 -14.69
N THR A 399 -14.87 42.39 -15.80
CA THR A 399 -15.91 43.42 -16.01
C THR A 399 -17.11 42.73 -16.63
N LYS A 400 -18.26 43.40 -16.63
CA LYS A 400 -19.50 42.88 -17.26
C LYS A 400 -19.24 42.60 -18.75
N GLU A 401 -18.61 43.55 -19.48
CA GLU A 401 -18.34 43.41 -20.94
C GLU A 401 -17.78 42.02 -21.20
N MET A 402 -16.81 41.62 -20.37
CA MET A 402 -16.06 40.35 -20.50
C MET A 402 -17.00 39.18 -20.20
N LEU A 403 -17.74 39.27 -19.10
CA LEU A 403 -18.73 38.23 -18.67
C LEU A 403 -19.80 38.03 -19.74
N ASP A 404 -20.25 39.10 -20.41
CA ASP A 404 -21.33 39.03 -21.43
C ASP A 404 -20.77 38.46 -22.73
N LYS A 405 -19.49 38.69 -23.02
CA LYS A 405 -18.81 38.07 -24.19
C LYS A 405 -18.73 36.55 -23.99
N ALA A 406 -18.43 36.10 -22.78
CA ALA A 406 -18.32 34.66 -22.46
C ALA A 406 -19.68 33.98 -22.58
N LEU A 407 -20.71 34.64 -22.08
CA LEU A 407 -22.12 34.17 -22.13
C LEU A 407 -22.54 34.12 -23.59
N GLU A 408 -22.41 35.25 -24.31
CA GLU A 408 -22.61 35.33 -25.78
C GLU A 408 -22.07 34.03 -26.39
N ALA A 409 -20.79 33.72 -26.15
CA ALA A 409 -20.10 32.55 -26.73
C ALA A 409 -20.73 31.24 -26.23
N TYR A 410 -21.04 31.15 -24.93
CA TYR A 410 -21.65 29.94 -24.32
C TYR A 410 -23.01 29.69 -24.94
N GLU A 411 -23.81 30.76 -25.14
CA GLU A 411 -25.11 30.71 -25.87
C GLU A 411 -24.85 30.05 -27.22
N LYS A 412 -24.00 30.68 -28.04
CA LYS A 412 -23.69 30.28 -29.43
C LYS A 412 -23.23 28.81 -29.44
N VAL A 413 -22.18 28.46 -28.70
CA VAL A 413 -21.59 27.09 -28.71
C VAL A 413 -22.62 26.07 -28.21
N GLY A 414 -23.52 26.47 -27.30
CA GLY A 414 -24.56 25.59 -26.72
C GLY A 414 -25.68 25.32 -27.70
N LYS A 415 -26.03 26.32 -28.51
CA LYS A 415 -27.05 26.20 -29.59
C LYS A 415 -26.52 25.20 -30.62
N ARG A 416 -25.36 25.49 -31.22
CA ARG A 416 -24.76 24.68 -32.32
C ARG A 416 -24.60 23.22 -31.88
N LEU A 417 -24.31 22.95 -30.59
CA LEU A 417 -24.15 21.57 -30.08
C LEU A 417 -25.50 21.01 -29.61
N GLY A 418 -26.55 21.83 -29.65
CA GLY A 418 -27.94 21.42 -29.36
C GLY A 418 -28.11 20.88 -27.96
N ILE A 419 -27.55 21.57 -26.96
CA ILE A 419 -27.75 21.27 -25.52
C ILE A 419 -28.58 22.39 -24.88
N ILE A 420 -28.83 23.48 -25.61
CA ILE A 420 -29.70 24.59 -25.09
C ILE A 420 -30.67 25.10 -26.17
N ARG A 421 -31.88 25.48 -25.74
CA ARG A 421 -32.91 26.19 -26.55
C ARG A 421 -32.29 27.47 -27.11
N SER B 28 -16.76 -2.56 -18.67
CA SER B 28 -17.35 -2.87 -20.01
C SER B 28 -17.24 -4.39 -20.32
N LEU B 29 -16.34 -5.12 -19.65
CA LEU B 29 -16.11 -6.57 -19.90
C LEU B 29 -17.05 -7.44 -19.07
N ASP B 30 -17.41 -8.59 -19.62
CA ASP B 30 -18.31 -9.63 -19.06
C ASP B 30 -17.47 -10.86 -18.65
N LEU B 31 -18.07 -11.76 -17.87
CA LEU B 31 -17.32 -12.85 -17.19
C LEU B 31 -16.80 -13.83 -18.22
N ARG B 32 -17.66 -14.49 -19.02
CA ARG B 32 -17.21 -15.48 -20.04
C ARG B 32 -16.06 -14.82 -20.80
N ALA B 33 -16.25 -13.57 -21.23
CA ALA B 33 -15.28 -12.74 -21.99
C ALA B 33 -13.92 -12.68 -21.30
N ARG B 34 -13.88 -12.27 -20.02
CA ARG B 34 -12.62 -12.13 -19.27
C ARG B 34 -11.96 -13.49 -19.08
N VAL B 35 -12.74 -14.50 -18.67
CA VAL B 35 -12.23 -15.90 -18.54
C VAL B 35 -11.63 -16.32 -19.89
N ARG B 36 -12.35 -16.13 -20.99
CA ARG B 36 -11.92 -16.58 -22.35
C ARG B 36 -10.58 -15.91 -22.70
N GLU B 37 -10.46 -14.57 -22.55
CA GLU B 37 -9.22 -13.77 -22.82
C GLU B 37 -8.01 -14.37 -22.14
N GLU B 38 -8.22 -14.79 -20.89
CA GLU B 38 -7.16 -15.18 -19.92
C GLU B 38 -6.68 -16.61 -20.25
N LEU B 39 -7.61 -17.53 -20.54
CA LEU B 39 -7.24 -18.92 -20.95
C LEU B 39 -6.47 -18.85 -22.28
N GLU B 40 -6.94 -18.05 -23.23
CA GLU B 40 -6.22 -17.78 -24.50
C GLU B 40 -4.79 -17.32 -24.16
N ARG B 41 -4.61 -16.26 -23.37
CA ARG B 41 -3.24 -15.79 -23.02
C ARG B 41 -2.41 -16.99 -22.54
N LEU B 42 -2.95 -17.78 -21.60
CA LEU B 42 -2.25 -18.95 -20.99
C LEU B 42 -1.91 -20.01 -22.05
N LYS B 43 -2.81 -20.27 -23.01
CA LYS B 43 -2.55 -21.21 -24.14
C LYS B 43 -1.45 -20.62 -25.04
N ARG B 44 -1.55 -19.33 -25.40
CA ARG B 44 -0.54 -18.62 -26.25
C ARG B 44 0.84 -18.78 -25.62
N GLU B 45 0.99 -18.56 -24.30
CA GLU B 45 2.31 -18.61 -23.59
C GLU B 45 2.74 -20.07 -23.34
N GLY B 46 1.99 -21.06 -23.80
CA GLY B 46 2.36 -22.49 -23.75
C GLY B 46 2.06 -23.12 -22.40
N LEU B 47 1.45 -22.38 -21.47
CA LEU B 47 1.37 -22.72 -20.01
C LEU B 47 0.11 -23.53 -19.66
N TYR B 48 -0.97 -23.43 -20.42
CA TYR B 48 -2.28 -24.04 -20.06
C TYR B 48 -2.09 -25.54 -19.79
N ILE B 49 -2.66 -26.03 -18.69
CA ILE B 49 -2.50 -27.42 -18.17
C ILE B 49 -3.86 -28.12 -18.16
N SER B 50 -3.87 -29.45 -18.39
CA SER B 50 -5.04 -30.34 -18.18
C SER B 50 -4.67 -31.43 -17.17
N PRO B 51 -4.88 -31.18 -15.87
CA PRO B 51 -4.61 -32.17 -14.83
C PRO B 51 -5.30 -33.52 -15.08
N LYS B 52 -4.57 -34.61 -14.87
CA LYS B 52 -5.12 -35.98 -14.99
C LYS B 52 -5.76 -36.34 -13.65
N VAL B 53 -6.77 -37.19 -13.72
CA VAL B 53 -7.57 -37.63 -12.54
C VAL B 53 -7.08 -39.01 -12.15
N LEU B 54 -6.68 -39.20 -10.89
CA LEU B 54 -6.30 -40.55 -10.38
C LEU B 54 -7.56 -41.35 -10.02
N GLU B 55 -7.57 -42.64 -10.39
CA GLU B 55 -8.71 -43.56 -10.38
C GLU B 55 -8.46 -44.70 -9.38
N ALA B 56 -7.42 -44.57 -8.57
CA ALA B 56 -7.13 -45.49 -7.44
C ALA B 56 -6.42 -44.71 -6.33
N PRO B 57 -6.34 -45.26 -5.12
CA PRO B 57 -5.79 -44.52 -3.99
C PRO B 57 -4.36 -44.02 -4.23
N GLN B 58 -3.94 -43.04 -3.43
CA GLN B 58 -2.57 -42.45 -3.51
C GLN B 58 -1.54 -43.48 -3.05
N GLU B 59 -0.89 -44.16 -4.01
CA GLU B 59 0.16 -45.18 -3.74
C GLU B 59 1.23 -45.05 -4.83
N PRO B 60 2.44 -45.59 -4.63
CA PRO B 60 3.52 -45.54 -5.62
C PRO B 60 3.21 -46.22 -6.96
N VAL B 61 2.31 -47.21 -6.97
CA VAL B 61 1.59 -47.66 -8.19
C VAL B 61 0.12 -47.30 -8.01
N THR B 62 -0.51 -46.68 -9.02
CA THR B 62 -1.96 -46.29 -9.03
C THR B 62 -2.50 -46.37 -10.47
N ARG B 63 -3.76 -45.95 -10.70
CA ARG B 63 -4.43 -45.92 -12.05
C ARG B 63 -4.59 -44.47 -12.53
N VAL B 64 -4.09 -44.17 -13.74
CA VAL B 64 -4.36 -42.92 -14.51
C VAL B 64 -4.83 -43.32 -15.92
N GLU B 65 -5.92 -42.75 -16.42
CA GLU B 65 -6.48 -43.02 -17.77
C GLU B 65 -6.64 -44.53 -17.96
N GLY B 66 -7.10 -45.21 -16.92
CA GLY B 66 -7.46 -46.64 -16.95
C GLY B 66 -6.27 -47.56 -17.16
N ARG B 67 -5.06 -47.14 -16.78
CA ARG B 67 -3.85 -48.00 -16.87
C ARG B 67 -3.10 -47.95 -15.54
N GLU B 68 -2.56 -49.08 -15.09
CA GLU B 68 -1.66 -49.13 -13.91
C GLU B 68 -0.40 -48.38 -14.30
N VAL B 69 0.01 -47.40 -13.49
CA VAL B 69 1.25 -46.59 -13.70
C VAL B 69 2.10 -46.60 -12.42
N VAL B 70 3.39 -46.37 -12.57
CA VAL B 70 4.32 -46.10 -11.45
C VAL B 70 4.24 -44.58 -11.19
N ASN B 71 3.97 -44.23 -9.93
CA ASN B 71 3.55 -42.86 -9.53
C ASN B 71 4.68 -42.19 -8.79
N LEU B 72 5.30 -41.20 -9.44
CA LEU B 72 6.41 -40.40 -8.90
C LEU B 72 6.00 -38.94 -8.83
N ALA B 73 4.70 -38.64 -8.91
CA ALA B 73 4.18 -37.26 -8.91
C ALA B 73 3.65 -36.87 -7.52
N SER B 74 3.33 -37.83 -6.65
CA SER B 74 2.78 -37.56 -5.29
C SER B 74 3.85 -36.98 -4.35
N ASN B 75 3.44 -36.51 -3.18
CA ASN B 75 4.31 -36.13 -2.05
C ASN B 75 4.18 -37.18 -0.94
N ASN B 76 3.78 -38.41 -1.26
CA ASN B 76 3.41 -39.45 -0.26
C ASN B 76 4.68 -40.09 0.29
N TYR B 77 5.57 -39.24 0.83
CA TYR B 77 7.01 -39.54 1.15
C TYR B 77 7.15 -40.87 1.90
N LEU B 78 6.29 -41.16 2.87
CA LEU B 78 6.44 -42.28 3.84
C LEU B 78 5.44 -43.42 3.53
N GLY B 79 4.68 -43.30 2.44
CA GLY B 79 3.64 -44.30 2.07
C GLY B 79 2.43 -44.30 3.02
N PHE B 80 2.09 -43.15 3.63
CA PHE B 80 1.04 -43.07 4.68
C PHE B 80 -0.34 -42.74 4.08
N ALA B 81 -0.39 -42.22 2.86
CA ALA B 81 -1.64 -41.67 2.28
C ALA B 81 -2.73 -42.75 2.29
N ASN B 82 -2.36 -44.03 2.15
CA ASN B 82 -3.32 -45.17 2.18
C ASN B 82 -2.87 -46.29 3.13
N HIS B 83 -2.26 -45.96 4.27
CA HIS B 83 -1.78 -46.98 5.26
C HIS B 83 -2.91 -47.26 6.25
N PRO B 84 -3.25 -48.56 6.48
CA PRO B 84 -4.40 -48.92 7.31
C PRO B 84 -4.34 -48.43 8.77
N TYR B 85 -3.13 -48.17 9.30
CA TYR B 85 -3.00 -47.64 10.68
C TYR B 85 -3.68 -46.26 10.80
N LEU B 86 -3.30 -45.32 9.92
CA LEU B 86 -3.84 -43.93 9.86
C LEU B 86 -5.37 -43.96 9.62
N LYS B 87 -5.80 -44.89 8.76
CA LYS B 87 -7.21 -45.05 8.35
C LYS B 87 -8.00 -45.48 9.59
N GLU B 88 -7.43 -46.38 10.39
CA GLU B 88 -8.12 -46.92 11.59
C GLU B 88 -8.23 -45.79 12.65
N LYS B 89 -7.18 -45.02 12.86
CA LYS B 89 -7.19 -43.87 13.81
C LYS B 89 -8.25 -42.84 13.37
N ALA B 90 -8.31 -42.49 12.07
CA ALA B 90 -9.31 -41.57 11.49
C ALA B 90 -10.73 -42.10 11.71
N ARG B 91 -10.93 -43.41 11.50
CA ARG B 91 -12.23 -44.11 11.69
C ARG B 91 -12.70 -43.93 13.14
N GLN B 92 -11.83 -44.25 14.09
CA GLN B 92 -12.12 -44.11 15.53
C GLN B 92 -12.69 -42.70 15.79
N TYR B 93 -11.91 -41.66 15.43
CA TYR B 93 -12.16 -40.23 15.80
C TYR B 93 -13.41 -39.71 15.07
N LEU B 94 -13.59 -40.14 13.82
CA LEU B 94 -14.78 -39.82 12.99
C LEU B 94 -16.03 -40.33 13.68
N GLU B 95 -16.03 -41.63 14.07
CA GLU B 95 -17.16 -42.28 14.76
C GLU B 95 -17.40 -41.55 16.09
N LYS B 96 -16.35 -41.36 16.87
CA LYS B 96 -16.43 -40.67 18.20
C LYS B 96 -17.02 -39.26 18.07
N TRP B 97 -16.48 -38.41 17.19
CA TRP B 97 -16.65 -36.92 17.28
C TRP B 97 -17.54 -36.34 16.17
N GLY B 98 -17.59 -36.93 14.96
CA GLY B 98 -18.39 -36.43 13.82
C GLY B 98 -17.61 -36.03 12.56
N ALA B 99 -18.28 -35.39 11.61
CA ALA B 99 -17.72 -34.99 10.30
C ALA B 99 -17.21 -33.55 10.32
N GLY B 100 -17.50 -32.77 11.35
CA GLY B 100 -17.04 -31.36 11.35
C GLY B 100 -17.02 -30.78 12.73
N SER B 101 -15.92 -30.12 13.11
CA SER B 101 -15.93 -28.91 13.99
C SER B 101 -16.86 -27.91 13.31
N GLY B 102 -17.76 -27.28 14.06
CA GLY B 102 -18.74 -26.37 13.46
C GLY B 102 -18.31 -24.92 13.53
N ALA B 103 -17.02 -24.62 13.65
CA ALA B 103 -16.58 -23.24 13.93
C ALA B 103 -15.06 -23.06 13.94
N VAL B 104 -14.66 -21.78 13.99
CA VAL B 104 -13.24 -21.37 14.10
C VAL B 104 -12.78 -21.73 15.51
N ARG B 105 -11.50 -22.12 15.63
CA ARG B 105 -10.81 -22.54 16.88
C ARG B 105 -11.08 -21.57 18.02
N THR B 106 -11.12 -20.28 17.73
CA THR B 106 -11.14 -19.18 18.72
C THR B 106 -12.55 -18.96 19.29
N ILE B 107 -13.60 -19.50 18.68
CA ILE B 107 -15.00 -19.34 19.19
C ILE B 107 -15.45 -20.67 19.78
N ALA B 108 -15.71 -21.69 18.95
CA ALA B 108 -16.33 -22.98 19.34
C ALA B 108 -15.81 -24.13 18.48
N GLY B 109 -14.65 -23.98 17.84
CA GLY B 109 -14.07 -24.96 16.92
C GLY B 109 -12.91 -25.73 17.51
N THR B 110 -12.43 -25.35 18.70
CA THR B 110 -11.39 -26.13 19.45
C THR B 110 -12.07 -27.24 20.26
N PHE B 111 -11.67 -28.49 20.02
CA PHE B 111 -12.14 -29.71 20.73
C PHE B 111 -10.93 -30.42 21.30
N THR B 112 -11.13 -31.27 22.31
CA THR B 112 -10.09 -32.14 22.94
C THR B 112 -9.07 -32.63 21.90
N TYR B 113 -9.53 -33.11 20.73
CA TYR B 113 -8.68 -33.79 19.71
C TYR B 113 -7.67 -32.79 19.11
N HIS B 114 -8.01 -31.51 18.95
CA HIS B 114 -7.04 -30.48 18.46
C HIS B 114 -5.90 -30.35 19.46
N VAL B 115 -6.23 -30.35 20.74
CA VAL B 115 -5.23 -30.19 21.83
C VAL B 115 -4.35 -31.44 21.84
N GLU B 116 -4.96 -32.63 21.81
CA GLU B 116 -4.26 -33.94 21.79
C GLU B 116 -3.19 -33.90 20.68
N LEU B 117 -3.58 -33.50 19.47
CA LEU B 117 -2.67 -33.41 18.30
C LEU B 117 -1.55 -32.38 18.57
N GLU B 118 -1.88 -31.15 18.95
CA GLU B 118 -0.86 -30.10 19.16
C GLU B 118 0.13 -30.53 20.29
N GLU B 119 -0.34 -31.32 21.26
CA GLU B 119 0.46 -31.83 22.40
C GLU B 119 1.42 -32.89 21.83
N ALA B 120 0.92 -33.82 21.02
CA ALA B 120 1.72 -34.88 20.38
C ALA B 120 2.74 -34.26 19.41
N LEU B 121 2.33 -33.21 18.69
CA LEU B 121 3.19 -32.55 17.68
C LEU B 121 4.44 -31.97 18.35
N ALA B 122 4.24 -31.12 19.36
CA ALA B 122 5.32 -30.42 20.13
C ALA B 122 6.30 -31.45 20.69
N ARG B 123 5.79 -32.53 21.29
CA ARG B 123 6.60 -33.62 21.89
C ARG B 123 7.44 -34.26 20.77
N PHE B 124 6.83 -34.61 19.64
CA PHE B 124 7.54 -35.14 18.45
C PHE B 124 8.65 -34.15 18.04
N LYS B 125 8.27 -32.89 17.86
CA LYS B 125 9.16 -31.83 17.35
C LYS B 125 10.27 -31.46 18.35
N GLY B 126 10.05 -31.75 19.64
CA GLY B 126 10.89 -31.23 20.75
C GLY B 126 10.88 -29.70 20.81
N THR B 127 9.74 -29.09 20.50
CA THR B 127 9.52 -27.63 20.68
C THR B 127 8.67 -27.46 21.93
N GLU B 128 8.64 -26.25 22.50
CA GLU B 128 7.86 -25.94 23.72
C GLU B 128 6.37 -26.09 23.37
N SER B 129 5.98 -25.64 22.17
CA SER B 129 4.57 -25.65 21.72
C SER B 129 4.48 -26.01 20.24
N ALA B 130 3.23 -26.15 19.76
CA ALA B 130 2.85 -26.38 18.35
C ALA B 130 1.40 -25.94 18.14
N LEU B 131 1.08 -25.42 16.96
CA LEU B 131 -0.29 -24.99 16.60
C LEU B 131 -0.58 -25.42 15.15
N VAL B 132 -1.73 -26.08 14.97
CA VAL B 132 -2.19 -26.57 13.65
C VAL B 132 -3.09 -25.50 13.04
N LEU B 133 -2.82 -25.09 11.80
CA LEU B 133 -3.69 -24.19 11.01
C LEU B 133 -4.20 -24.98 9.80
N GLN B 134 -5.00 -24.35 8.94
CA GLN B 134 -5.89 -25.03 7.97
C GLN B 134 -5.07 -25.51 6.77
N SER B 135 -3.90 -24.94 6.51
CA SER B 135 -2.94 -25.46 5.51
C SER B 135 -1.55 -24.94 5.82
N GLY B 136 -0.53 -25.60 5.26
CA GLY B 136 0.81 -25.02 5.05
C GLY B 136 0.71 -23.69 4.34
N PHE B 137 -0.15 -23.63 3.33
CA PHE B 137 -0.43 -22.40 2.51
C PHE B 137 -0.83 -21.22 3.41
N THR B 138 -1.89 -21.38 4.22
CA THR B 138 -2.44 -20.32 5.09
C THR B 138 -1.55 -20.15 6.33
N ALA B 139 -0.84 -21.19 6.75
CA ALA B 139 0.14 -21.14 7.87
C ALA B 139 1.15 -20.03 7.61
N ASN B 140 1.65 -19.93 6.38
CA ASN B 140 2.65 -18.89 6.00
C ASN B 140 1.99 -17.53 6.22
N GLN B 141 0.82 -17.29 5.62
CA GLN B 141 0.01 -16.06 5.79
C GLN B 141 -0.22 -15.73 7.26
N GLY B 142 -0.69 -16.70 8.05
CA GLY B 142 -1.00 -16.56 9.47
C GLY B 142 0.20 -16.07 10.27
N VAL B 143 1.29 -16.85 10.24
CA VAL B 143 2.51 -16.58 11.04
C VAL B 143 3.19 -15.32 10.50
N LEU B 144 3.44 -15.23 9.20
CA LEU B 144 4.10 -14.05 8.58
C LEU B 144 3.30 -12.78 8.91
N GLY B 145 1.95 -12.84 8.84
CA GLY B 145 1.03 -11.72 9.12
C GLY B 145 1.07 -11.28 10.58
N ALA B 146 1.01 -12.26 11.50
CA ALA B 146 1.06 -12.08 12.96
C ALA B 146 2.36 -11.38 13.41
N LEU B 147 3.47 -11.61 12.70
CA LEU B 147 4.85 -11.32 13.15
C LEU B 147 5.35 -9.97 12.61
N LEU B 148 4.96 -9.59 11.39
CA LEU B 148 5.56 -8.46 10.63
C LEU B 148 4.69 -7.20 10.72
N LYS B 149 5.33 -6.03 10.90
CA LYS B 149 4.69 -4.70 10.89
C LYS B 149 5.42 -3.81 9.89
N GLU B 150 4.79 -2.71 9.47
CA GLU B 150 5.47 -1.60 8.73
C GLU B 150 6.76 -1.26 9.48
N GLY B 151 7.90 -1.30 8.80
CA GLY B 151 9.22 -1.01 9.39
C GLY B 151 10.18 -2.19 9.28
N ASP B 152 9.68 -3.42 9.45
CA ASP B 152 10.50 -4.66 9.41
C ASP B 152 11.11 -4.86 8.02
N VAL B 153 12.19 -5.64 7.92
CA VAL B 153 12.84 -5.99 6.61
C VAL B 153 12.86 -7.51 6.47
N VAL B 154 12.36 -8.01 5.34
CA VAL B 154 12.42 -9.46 5.01
C VAL B 154 13.47 -9.68 3.92
N PHE B 155 14.30 -10.70 4.14
CA PHE B 155 15.23 -11.27 3.14
C PHE B 155 14.68 -12.65 2.73
N SER B 156 14.11 -12.72 1.52
CA SER B 156 13.53 -13.96 0.94
C SER B 156 14.54 -14.56 -0.04
N ASP B 157 14.74 -15.88 0.02
CA ASP B 157 15.38 -16.65 -1.08
C ASP B 157 14.49 -16.48 -2.32
N GLU B 158 15.07 -16.33 -3.51
CA GLU B 158 14.32 -15.96 -4.75
C GLU B 158 13.45 -17.14 -5.18
N LEU B 159 13.84 -18.38 -4.82
CA LEU B 159 13.12 -19.61 -5.23
C LEU B 159 12.12 -20.03 -4.14
N ASN B 160 11.79 -19.14 -3.19
CA ASN B 160 10.82 -19.41 -2.12
C ASN B 160 9.47 -19.75 -2.75
N HIS B 161 8.77 -20.72 -2.16
CA HIS B 161 7.45 -21.24 -2.55
C HIS B 161 6.46 -20.07 -2.61
N ALA B 162 5.50 -20.12 -3.55
CA ALA B 162 4.48 -19.07 -3.78
C ALA B 162 3.77 -18.70 -2.48
N SER B 163 3.44 -19.72 -1.68
CA SER B 163 2.73 -19.65 -0.37
C SER B 163 3.29 -18.51 0.50
N ILE B 164 4.61 -18.39 0.53
CA ILE B 164 5.41 -17.39 1.31
C ILE B 164 5.21 -16.00 0.70
N ILE B 165 5.43 -15.88 -0.61
CA ILE B 165 5.30 -14.60 -1.36
C ILE B 165 3.95 -13.98 -1.00
N ASP B 166 2.87 -14.77 -1.04
CA ASP B 166 1.50 -14.30 -0.68
C ASP B 166 1.50 -13.82 0.78
N GLY B 167 2.07 -14.60 1.69
CA GLY B 167 2.14 -14.24 3.12
C GLY B 167 2.68 -12.83 3.25
N LEU B 168 3.89 -12.61 2.72
CA LEU B 168 4.66 -11.34 2.82
C LEU B 168 3.82 -10.20 2.20
N ARG B 169 3.25 -10.44 1.01
CA ARG B 169 2.49 -9.44 0.23
C ARG B 169 1.30 -8.89 1.02
N LEU B 170 0.88 -9.55 2.11
CA LEU B 170 -0.29 -9.13 2.95
C LEU B 170 0.19 -8.35 4.17
N THR B 171 1.50 -8.10 4.30
CA THR B 171 2.12 -7.29 5.40
C THR B 171 2.67 -5.98 4.83
N LYS B 172 3.04 -5.05 5.72
CA LYS B 172 3.56 -3.70 5.33
C LYS B 172 5.08 -3.70 5.44
N ALA B 173 5.71 -4.87 5.57
CA ALA B 173 7.16 -5.05 5.71
C ALA B 173 7.85 -4.78 4.38
N THR B 174 9.12 -4.37 4.40
CA THR B 174 9.93 -4.09 3.18
C THR B 174 10.49 -5.44 2.71
N ARG B 175 10.16 -5.83 1.49
CA ARG B 175 10.54 -7.13 0.87
C ARG B 175 11.82 -6.99 0.05
N LEU B 176 12.89 -7.69 0.46
CA LEU B 176 14.14 -7.86 -0.32
C LEU B 176 14.29 -9.32 -0.71
N VAL B 177 14.85 -9.56 -1.88
CA VAL B 177 15.11 -10.93 -2.41
C VAL B 177 16.62 -11.11 -2.56
N PHE B 178 17.14 -12.27 -2.14
CA PHE B 178 18.56 -12.66 -2.32
C PHE B 178 18.61 -13.87 -3.27
N ARG B 179 19.60 -13.87 -4.15
CA ARG B 179 19.81 -14.96 -5.13
C ARG B 179 19.89 -16.29 -4.38
N HIS B 180 19.29 -17.33 -4.95
CA HIS B 180 19.03 -18.66 -4.30
C HIS B 180 20.25 -19.14 -3.52
N ALA B 181 20.11 -19.34 -2.21
CA ALA B 181 21.09 -19.97 -1.30
C ALA B 181 22.43 -19.23 -1.31
N ASP B 182 22.46 -17.97 -1.78
CA ASP B 182 23.68 -17.14 -1.95
C ASP B 182 23.92 -16.33 -0.67
N VAL B 183 24.70 -16.89 0.25
CA VAL B 183 24.94 -16.31 1.60
C VAL B 183 25.75 -15.02 1.45
N ALA B 184 26.57 -14.93 0.40
CA ALA B 184 27.36 -13.72 0.05
C ALA B 184 26.41 -12.54 -0.18
N HIS B 185 25.51 -12.65 -1.16
CA HIS B 185 24.51 -11.61 -1.51
C HIS B 185 23.66 -11.30 -0.26
N LEU B 186 23.30 -12.34 0.50
CA LEU B 186 22.47 -12.23 1.73
C LEU B 186 23.16 -11.27 2.71
N GLU B 187 24.43 -11.55 3.04
CA GLU B 187 25.26 -10.73 3.97
C GLU B 187 25.29 -9.28 3.44
N GLU B 188 25.59 -9.10 2.15
CA GLU B 188 25.65 -7.77 1.46
C GLU B 188 24.37 -6.98 1.78
N LEU B 189 23.20 -7.63 1.71
CA LEU B 189 21.87 -6.99 1.91
C LEU B 189 21.69 -6.63 3.40
N LEU B 190 22.17 -7.48 4.32
CA LEU B 190 22.00 -7.32 5.79
C LEU B 190 22.82 -6.12 6.31
N LYS B 191 23.93 -5.77 5.65
CA LYS B 191 24.77 -4.57 5.94
C LYS B 191 24.02 -3.30 5.50
N ALA B 192 23.22 -3.40 4.43
CA ALA B 192 22.59 -2.24 3.78
C ALA B 192 21.20 -1.91 4.38
N HIS B 193 20.63 -2.77 5.24
CA HIS B 193 19.25 -2.63 5.78
C HIS B 193 19.18 -3.10 7.24
N ASP B 194 18.75 -2.24 8.17
CA ASP B 194 18.65 -2.53 9.64
C ASP B 194 17.33 -1.97 10.18
N THR B 195 16.98 -2.22 11.46
CA THR B 195 15.68 -1.82 12.07
C THR B 195 15.71 -1.70 13.60
N ASP B 196 16.34 -2.63 14.34
CA ASP B 196 16.18 -2.76 15.81
C ASP B 196 14.75 -3.24 16.09
N GLY B 197 14.02 -3.50 15.03
CA GLY B 197 12.66 -4.07 14.99
C GLY B 197 12.78 -5.54 14.64
N LEU B 198 12.24 -5.96 13.48
CA LEU B 198 12.53 -7.32 12.94
C LEU B 198 13.24 -7.22 11.59
N LYS B 199 14.38 -7.88 11.50
CA LYS B 199 14.94 -8.45 10.25
C LYS B 199 14.55 -9.94 10.21
N LEU B 200 13.73 -10.34 9.23
CA LEU B 200 13.32 -11.76 9.08
C LEU B 200 13.83 -12.33 7.75
N ILE B 201 14.84 -13.18 7.83
CA ILE B 201 15.31 -14.03 6.69
C ILE B 201 14.32 -15.18 6.50
N VAL B 202 13.85 -15.38 5.27
CA VAL B 202 12.74 -16.33 5.00
C VAL B 202 13.18 -17.28 3.89
N THR B 203 13.05 -18.58 4.11
CA THR B 203 13.52 -19.62 3.17
C THR B 203 12.66 -20.89 3.32
N ASP B 204 12.35 -21.53 2.19
CA ASP B 204 11.99 -22.97 2.15
C ASP B 204 13.12 -23.70 2.87
N GLY B 205 12.79 -24.73 3.65
CA GLY B 205 13.77 -25.65 4.27
C GLY B 205 14.35 -26.58 3.21
N VAL B 206 13.46 -27.19 2.42
CA VAL B 206 13.76 -27.99 1.21
C VAL B 206 12.99 -27.33 0.08
N PHE B 207 13.66 -26.99 -1.02
CA PHE B 207 13.03 -26.21 -2.12
C PHE B 207 12.22 -27.16 -2.99
N SER B 208 10.94 -26.80 -3.16
CA SER B 208 9.81 -27.66 -3.60
C SER B 208 10.12 -28.32 -4.93
N MET B 209 10.65 -27.53 -5.89
CA MET B 209 10.78 -27.97 -7.29
C MET B 209 12.26 -28.20 -7.62
N ASP B 210 13.22 -27.73 -6.81
CA ASP B 210 14.68 -27.82 -7.08
C ASP B 210 15.30 -28.95 -6.25
N GLY B 211 14.73 -29.24 -5.08
CA GLY B 211 15.09 -30.41 -4.27
C GLY B 211 16.36 -30.22 -3.46
N ASP B 212 16.90 -29.01 -3.40
CA ASP B 212 18.13 -28.67 -2.61
C ASP B 212 17.73 -28.17 -1.22
N ILE B 213 18.65 -28.24 -0.25
CA ILE B 213 18.43 -27.87 1.18
C ILE B 213 18.99 -26.47 1.46
N ALA B 214 18.19 -25.59 2.07
CA ALA B 214 18.66 -24.26 2.55
C ALA B 214 19.97 -24.48 3.32
N PRO B 215 21.01 -23.65 3.08
CA PRO B 215 22.22 -23.73 3.87
C PRO B 215 22.01 -23.09 5.26
N LEU B 216 21.35 -23.80 6.18
CA LEU B 216 20.99 -23.25 7.52
C LEU B 216 22.26 -23.18 8.39
N ASP B 217 23.18 -24.14 8.19
CA ASP B 217 24.51 -24.20 8.87
C ASP B 217 25.17 -22.81 8.82
N LYS B 218 25.02 -22.09 7.70
CA LYS B 218 25.65 -20.78 7.41
C LYS B 218 24.64 -19.63 7.60
N ILE B 219 23.36 -19.83 7.27
CA ILE B 219 22.31 -18.76 7.34
C ILE B 219 22.10 -18.34 8.80
N VAL B 220 21.90 -19.30 9.72
CA VAL B 220 21.59 -19.03 11.15
C VAL B 220 22.72 -18.20 11.77
N PRO B 221 23.99 -18.62 11.65
CA PRO B 221 25.12 -17.80 12.12
C PRO B 221 25.04 -16.37 11.56
N LEU B 222 24.96 -16.24 10.24
CA LEU B 222 24.81 -14.92 9.57
C LEU B 222 23.66 -14.16 10.26
N ALA B 223 22.55 -14.82 10.58
CA ALA B 223 21.35 -14.19 11.20
C ALA B 223 21.70 -13.62 12.58
N LYS B 224 22.49 -14.35 13.37
CA LYS B 224 22.86 -13.98 14.75
C LYS B 224 23.82 -12.77 14.70
N LYS B 225 24.58 -12.64 13.61
CA LYS B 225 25.56 -11.56 13.40
C LYS B 225 24.85 -10.22 13.15
N TYR B 226 23.57 -10.20 12.77
CA TYR B 226 22.85 -8.96 12.34
C TYR B 226 21.50 -8.80 13.08
N LYS B 227 21.32 -9.43 14.25
CA LYS B 227 20.14 -9.26 15.13
C LYS B 227 18.86 -9.58 14.33
N ALA B 228 18.87 -10.70 13.60
CA ALA B 228 17.79 -11.12 12.69
C ALA B 228 17.24 -12.48 13.12
N VAL B 229 16.02 -12.77 12.69
CA VAL B 229 15.25 -14.01 13.02
C VAL B 229 15.12 -14.84 11.73
N VAL B 230 15.16 -16.16 11.88
CA VAL B 230 15.13 -17.10 10.71
C VAL B 230 13.79 -17.83 10.70
N TYR B 231 13.15 -17.83 9.53
CA TYR B 231 11.82 -18.42 9.28
C TYR B 231 11.97 -19.49 8.19
N VAL B 232 11.73 -20.74 8.56
CA VAL B 232 11.95 -21.91 7.67
C VAL B 232 10.62 -22.58 7.36
N ASP B 233 10.21 -22.56 6.09
CA ASP B 233 9.02 -23.32 5.58
C ASP B 233 9.46 -24.72 5.19
N ASP B 234 9.16 -25.72 6.03
CA ASP B 234 9.74 -27.09 5.90
C ASP B 234 8.71 -28.10 5.36
N ALA B 235 7.86 -27.69 4.43
CA ALA B 235 6.83 -28.55 3.81
C ALA B 235 7.43 -29.89 3.41
N HIS B 236 8.64 -29.87 2.84
CA HIS B 236 9.37 -31.00 2.20
C HIS B 236 10.54 -31.46 3.08
N GLY B 237 10.65 -30.95 4.31
CA GLY B 237 11.64 -31.43 5.30
C GLY B 237 10.96 -32.23 6.39
N SER B 238 9.80 -31.77 6.85
CA SER B 238 8.92 -32.50 7.80
C SER B 238 8.72 -33.95 7.31
N GLY B 239 9.06 -34.93 8.13
CA GLY B 239 8.85 -36.37 7.84
C GLY B 239 9.89 -36.89 6.86
N VAL B 240 10.91 -36.08 6.55
CA VAL B 240 11.97 -36.42 5.55
C VAL B 240 13.36 -36.33 6.20
N LEU B 241 13.72 -35.15 6.73
CA LEU B 241 15.09 -34.74 7.15
C LEU B 241 15.12 -34.77 8.68
N GLY B 242 16.28 -35.07 9.28
CA GLY B 242 16.49 -35.13 10.73
C GLY B 242 16.04 -36.48 11.32
N GLU B 243 16.43 -36.75 12.56
CA GLU B 243 16.12 -37.99 13.33
C GLU B 243 14.61 -38.24 13.28
N LYS B 244 14.17 -39.32 12.61
CA LYS B 244 12.75 -39.75 12.47
C LYS B 244 11.93 -38.67 11.72
N GLY B 245 12.57 -37.87 10.88
CA GLY B 245 11.92 -36.80 10.10
C GLY B 245 11.36 -35.71 11.00
N LYS B 246 12.09 -35.37 12.07
CA LYS B 246 11.77 -34.22 12.94
C LYS B 246 12.00 -32.93 12.17
N GLY B 247 12.75 -32.97 11.06
CA GLY B 247 12.76 -31.86 10.08
C GLY B 247 14.11 -31.17 9.95
N THR B 248 14.22 -30.29 8.96
CA THR B 248 15.45 -29.54 8.54
C THR B 248 16.03 -28.75 9.72
N VAL B 249 15.22 -27.93 10.39
CA VAL B 249 15.66 -27.19 11.61
C VAL B 249 16.30 -28.18 12.58
N HIS B 250 15.57 -29.23 12.95
CA HIS B 250 16.02 -30.26 13.93
C HIS B 250 17.31 -30.94 13.41
N HIS B 251 17.43 -31.10 12.10
CA HIS B 251 18.55 -31.78 11.41
C HIS B 251 19.84 -30.97 11.60
N PHE B 252 19.76 -29.63 11.48
CA PHE B 252 20.90 -28.70 11.67
C PHE B 252 21.06 -28.34 13.16
N GLY B 253 20.14 -28.79 14.03
CA GLY B 253 20.23 -28.70 15.49
C GLY B 253 19.87 -27.31 16.04
N PHE B 254 18.88 -26.63 15.45
CA PHE B 254 18.48 -25.25 15.82
C PHE B 254 17.06 -25.23 16.41
N HIS B 255 16.55 -26.38 16.86
CA HIS B 255 15.09 -26.57 17.13
C HIS B 255 14.64 -25.88 18.43
N GLN B 256 15.53 -25.61 19.37
CA GLN B 256 15.11 -24.95 20.66
C GLN B 256 15.49 -23.47 20.64
N ASP B 257 16.14 -22.99 19.56
CA ASP B 257 16.49 -21.56 19.37
C ASP B 257 15.21 -20.74 19.29
N PRO B 258 15.00 -19.75 20.18
CA PRO B 258 13.78 -18.95 20.15
C PRO B 258 13.75 -17.97 18.97
N ASP B 259 14.86 -17.79 18.24
CA ASP B 259 14.94 -16.84 17.10
C ASP B 259 14.92 -17.60 15.75
N VAL B 260 14.66 -18.91 15.78
CA VAL B 260 14.42 -19.72 14.53
C VAL B 260 12.98 -20.23 14.59
N VAL B 261 12.14 -19.82 13.64
CA VAL B 261 10.69 -20.20 13.56
C VAL B 261 10.50 -21.13 12.35
N GLN B 262 9.78 -22.24 12.54
CA GLN B 262 9.46 -23.16 11.42
C GLN B 262 7.94 -23.38 11.32
N VAL B 263 7.43 -23.27 10.08
CA VAL B 263 6.06 -23.69 9.67
C VAL B 263 6.23 -24.80 8.63
N ALA B 264 5.36 -25.80 8.65
CA ALA B 264 5.41 -26.88 7.65
C ALA B 264 4.00 -27.42 7.44
N THR B 265 3.73 -27.92 6.25
CA THR B 265 2.49 -28.65 5.89
C THR B 265 2.41 -29.99 6.63
N LEU B 266 1.18 -30.50 6.83
CA LEU B 266 0.94 -31.90 7.28
C LEU B 266 0.33 -32.70 6.13
N SER B 267 0.48 -32.21 4.90
CA SER B 267 -0.24 -32.70 3.71
C SER B 267 0.60 -33.68 2.91
N LYS B 268 1.92 -33.65 3.09
CA LYS B 268 2.92 -34.39 2.27
C LYS B 268 3.27 -35.68 3.02
N ALA B 269 4.44 -35.74 3.68
CA ALA B 269 4.95 -36.97 4.35
C ALA B 269 3.92 -37.49 5.37
N TRP B 270 3.28 -36.56 6.10
CA TRP B 270 2.26 -36.90 7.14
C TRP B 270 0.91 -37.21 6.46
N ALA B 271 0.75 -36.90 5.17
CA ALA B 271 -0.26 -37.51 4.26
C ALA B 271 -1.69 -37.19 4.72
N GLY B 272 -1.95 -35.96 5.18
CA GLY B 272 -3.32 -35.50 5.48
C GLY B 272 -3.54 -34.12 4.89
N ILE B 273 -3.87 -33.16 5.74
CA ILE B 273 -3.92 -31.72 5.39
C ILE B 273 -3.59 -30.91 6.65
N GLY B 274 -3.36 -29.62 6.45
CA GLY B 274 -3.10 -28.63 7.51
C GLY B 274 -1.64 -28.28 7.52
N GLY B 275 -1.25 -27.21 8.23
CA GLY B 275 0.15 -26.87 8.52
C GLY B 275 0.33 -26.53 9.99
N TYR B 276 1.53 -26.76 10.54
CA TYR B 276 1.88 -26.39 11.93
C TYR B 276 2.85 -25.22 11.92
N ALA B 277 2.84 -24.48 13.05
CA ALA B 277 3.88 -23.55 13.52
C ALA B 277 4.39 -24.09 14.86
N ALA B 278 5.71 -24.28 14.98
CA ALA B 278 6.34 -24.90 16.17
C ALA B 278 7.41 -23.97 16.77
N GLY B 279 7.38 -23.79 18.09
CA GLY B 279 8.43 -23.07 18.84
C GLY B 279 8.00 -22.67 20.24
N ALA B 280 8.46 -21.50 20.68
CA ALA B 280 8.25 -20.89 22.02
C ALA B 280 6.77 -20.96 22.41
N ARG B 281 6.48 -21.32 23.67
CA ARG B 281 5.12 -21.32 24.28
C ARG B 281 4.34 -20.05 23.87
N GLU B 282 4.99 -18.88 23.89
CA GLU B 282 4.32 -17.57 23.72
C GLU B 282 3.99 -17.37 22.23
N LEU B 283 4.76 -17.99 21.32
CA LEU B 283 4.47 -17.94 19.85
C LEU B 283 3.03 -18.44 19.58
N LYS B 284 2.71 -19.63 20.10
CA LYS B 284 1.37 -20.24 20.00
C LYS B 284 0.32 -19.18 20.36
N ASP B 285 0.46 -18.55 21.52
CA ASP B 285 -0.54 -17.61 22.11
C ASP B 285 -0.64 -16.36 21.24
N LEU B 286 0.44 -15.95 20.56
CA LEU B 286 0.36 -14.82 19.60
C LEU B 286 -0.48 -15.24 18.39
N LEU B 287 -0.22 -16.41 17.83
CA LEU B 287 -0.91 -16.89 16.59
C LEU B 287 -2.41 -17.08 16.86
N ILE B 288 -2.77 -17.61 18.04
CA ILE B 288 -4.20 -17.78 18.46
C ILE B 288 -4.87 -16.40 18.34
N ASN B 289 -4.13 -15.33 18.67
CA ASN B 289 -4.68 -13.96 18.80
C ASN B 289 -4.57 -13.21 17.46
N LYS B 290 -3.52 -13.39 16.67
CA LYS B 290 -3.24 -12.45 15.55
C LYS B 290 -3.30 -13.12 14.16
N ALA B 291 -3.16 -14.45 14.06
CA ALA B 291 -3.12 -15.19 12.77
C ALA B 291 -4.51 -15.16 12.11
N ARG B 292 -4.62 -14.51 10.95
CA ARG B 292 -5.94 -14.21 10.33
C ARG B 292 -6.61 -15.50 9.88
N PRO B 293 -5.91 -16.47 9.25
CA PRO B 293 -6.56 -17.75 8.92
C PRO B 293 -6.96 -18.62 10.12
N PHE B 294 -6.41 -18.39 11.31
CA PHE B 294 -6.80 -19.14 12.54
C PHE B 294 -8.12 -18.54 13.07
N LEU B 295 -8.30 -17.24 12.84
CA LEU B 295 -9.37 -16.39 13.39
C LEU B 295 -10.65 -16.49 12.53
N PHE B 296 -10.53 -16.83 11.26
CA PHE B 296 -11.59 -16.63 10.24
C PHE B 296 -11.80 -17.87 9.38
N SER B 297 -11.36 -19.05 9.79
CA SER B 297 -11.51 -20.30 8.99
C SER B 297 -11.70 -21.49 9.93
N THR B 298 -12.69 -22.32 9.64
CA THR B 298 -13.06 -23.50 10.47
C THR B 298 -11.83 -24.37 10.72
N SER B 299 -11.68 -24.86 11.94
CA SER B 299 -10.72 -25.90 12.34
C SER B 299 -11.09 -27.23 11.65
N HIS B 300 -10.17 -28.17 11.68
CA HIS B 300 -10.19 -29.41 10.88
C HIS B 300 -11.05 -30.49 11.55
N PRO B 301 -11.68 -31.38 10.78
CA PRO B 301 -12.59 -32.39 11.34
C PRO B 301 -11.86 -33.55 12.01
N PRO B 302 -12.56 -34.27 12.91
CA PRO B 302 -12.05 -35.50 13.55
C PRO B 302 -11.19 -36.48 12.74
N ALA B 303 -11.61 -36.84 11.53
CA ALA B 303 -10.97 -37.87 10.69
C ALA B 303 -9.54 -37.46 10.33
N VAL B 304 -9.36 -36.16 10.03
CA VAL B 304 -8.05 -35.58 9.64
C VAL B 304 -7.14 -35.65 10.86
N VAL B 305 -7.63 -35.16 11.99
CA VAL B 305 -6.84 -35.13 13.25
C VAL B 305 -6.52 -36.57 13.67
N GLY B 306 -7.52 -37.47 13.62
CA GLY B 306 -7.32 -38.92 13.87
C GLY B 306 -6.11 -39.45 13.10
N ALA B 307 -6.11 -39.25 11.78
CA ALA B 307 -5.09 -39.75 10.84
C ALA B 307 -3.70 -39.19 11.21
N LEU B 308 -3.59 -37.91 11.54
CA LEU B 308 -2.30 -37.28 11.87
C LEU B 308 -1.81 -37.82 13.23
N LEU B 309 -2.66 -37.90 14.25
CA LEU B 309 -2.29 -38.63 15.50
C LEU B 309 -1.73 -40.01 15.10
N GLY B 310 -2.41 -40.72 14.19
CA GLY B 310 -2.00 -42.07 13.71
C GLY B 310 -0.58 -42.05 13.13
N ALA B 311 -0.29 -41.07 12.27
CA ALA B 311 0.98 -40.91 11.54
C ALA B 311 2.15 -40.68 12.53
N LEU B 312 1.98 -39.77 13.51
CA LEU B 312 2.99 -39.55 14.59
C LEU B 312 3.22 -40.87 15.34
N GLU B 313 2.15 -41.56 15.73
CA GLU B 313 2.27 -42.90 16.37
C GLU B 313 3.09 -43.82 15.44
N LEU B 314 2.76 -43.88 14.13
CA LEU B 314 3.34 -44.88 13.20
C LEU B 314 4.84 -44.64 13.01
N ILE B 315 5.29 -43.39 12.80
CA ILE B 315 6.72 -43.08 12.50
C ILE B 315 7.57 -43.48 13.72
N GLU B 316 7.03 -43.35 14.94
CA GLU B 316 7.68 -43.81 16.19
C GLU B 316 7.89 -45.34 16.12
N LYS B 317 6.86 -46.10 15.73
CA LYS B 317 6.90 -47.59 15.68
C LYS B 317 7.76 -48.07 14.51
N GLU B 318 7.84 -47.29 13.44
CA GLU B 318 8.47 -47.67 12.16
C GLU B 318 9.38 -46.54 11.68
N PRO B 319 10.52 -46.31 12.37
CA PRO B 319 11.53 -45.39 11.86
C PRO B 319 12.19 -45.91 10.58
N GLU B 320 12.15 -47.24 10.34
CA GLU B 320 12.61 -47.94 9.10
C GLU B 320 12.29 -47.10 7.85
N ARG B 321 10.99 -46.78 7.69
CA ARG B 321 10.39 -46.07 6.53
C ARG B 321 11.31 -44.91 6.10
N VAL B 322 11.79 -44.12 7.04
CA VAL B 322 12.63 -42.91 6.73
C VAL B 322 13.94 -43.38 6.10
N GLU B 323 14.56 -44.43 6.65
CA GLU B 323 15.80 -45.02 6.06
C GLU B 323 15.46 -45.38 4.61
N ARG B 324 14.43 -46.21 4.43
CA ARG B 324 14.02 -46.78 3.13
C ARG B 324 13.79 -45.66 2.09
N LEU B 325 13.22 -44.53 2.51
CA LEU B 325 12.99 -43.35 1.64
C LEU B 325 14.33 -42.93 1.01
N TRP B 326 15.37 -42.87 1.82
CA TRP B 326 16.71 -42.38 1.40
C TRP B 326 17.47 -43.43 0.56
N GLU B 327 17.37 -44.72 0.90
CA GLU B 327 17.97 -45.82 0.09
C GLU B 327 17.48 -45.66 -1.36
N ASN B 328 16.15 -45.52 -1.51
CA ASN B 328 15.45 -45.44 -2.81
C ASN B 328 15.85 -44.17 -3.54
N THR B 329 15.90 -43.04 -2.83
CA THR B 329 16.33 -41.72 -3.35
C THR B 329 17.72 -41.86 -3.97
N ARG B 330 18.65 -42.43 -3.21
CA ARG B 330 20.06 -42.61 -3.64
C ARG B 330 20.07 -43.51 -4.90
N TYR B 331 19.45 -44.70 -4.82
CA TYR B 331 19.37 -45.65 -5.96
C TYR B 331 18.93 -44.92 -7.22
N PHE B 332 17.80 -44.21 -7.13
CA PHE B 332 17.11 -43.54 -8.25
C PHE B 332 18.01 -42.46 -8.83
N LYS B 333 18.55 -41.55 -8.00
CA LYS B 333 19.42 -40.44 -8.44
C LYS B 333 20.70 -40.96 -9.12
N ARG B 334 21.25 -42.05 -8.60
CA ARG B 334 22.54 -42.57 -9.12
C ARG B 334 22.29 -43.10 -10.54
N GLU B 335 21.16 -43.75 -10.80
CA GLU B 335 20.84 -44.35 -12.12
C GLU B 335 20.59 -43.24 -13.16
N LEU B 336 19.77 -42.25 -12.82
CA LEU B 336 19.51 -41.07 -13.68
C LEU B 336 20.84 -40.39 -14.04
N ALA B 337 21.82 -40.40 -13.11
CA ALA B 337 23.18 -39.88 -13.34
C ALA B 337 23.89 -40.79 -14.34
N ARG B 338 23.89 -42.10 -14.10
CA ARG B 338 24.45 -43.14 -15.00
C ARG B 338 23.95 -42.86 -16.44
N LEU B 339 22.63 -42.73 -16.64
CA LEU B 339 22.01 -42.53 -17.97
C LEU B 339 22.36 -41.14 -18.54
N GLY B 340 22.88 -40.24 -17.71
CA GLY B 340 23.38 -38.92 -18.14
C GLY B 340 22.31 -37.84 -18.07
N TYR B 341 21.36 -37.98 -17.15
CA TYR B 341 20.39 -36.92 -16.77
C TYR B 341 21.05 -36.05 -15.70
N ASP B 342 20.86 -34.74 -15.78
CA ASP B 342 21.24 -33.78 -14.72
C ASP B 342 20.06 -33.68 -13.75
N THR B 343 20.36 -33.90 -12.47
CA THR B 343 19.39 -33.99 -11.36
C THR B 343 19.45 -32.70 -10.52
N LEU B 344 20.07 -31.64 -11.06
CA LEU B 344 20.24 -30.27 -10.46
C LEU B 344 20.98 -30.34 -9.10
N GLY B 345 21.88 -31.31 -8.90
CA GLY B 345 22.52 -31.57 -7.59
C GLY B 345 21.53 -31.57 -6.45
N SER B 346 20.34 -32.13 -6.69
CA SER B 346 19.28 -32.35 -5.68
C SER B 346 19.83 -33.27 -4.61
N GLN B 347 19.41 -33.07 -3.37
CA GLN B 347 19.92 -33.72 -2.14
C GLN B 347 18.79 -34.47 -1.40
N THR B 348 17.55 -34.34 -1.91
CA THR B 348 16.26 -34.76 -1.28
C THR B 348 15.59 -35.78 -2.18
N PRO B 349 14.60 -36.57 -1.70
CA PRO B 349 13.88 -37.48 -2.58
C PRO B 349 13.26 -36.76 -3.79
N ILE B 350 13.12 -35.44 -3.72
CA ILE B 350 12.74 -34.57 -4.86
C ILE B 350 13.87 -34.67 -5.89
N THR B 351 13.60 -35.24 -7.07
CA THR B 351 14.57 -35.52 -8.15
C THR B 351 14.12 -34.84 -9.44
N PRO B 352 14.42 -33.54 -9.64
CA PRO B 352 14.00 -32.83 -10.85
C PRO B 352 14.73 -33.36 -12.10
N VAL B 353 14.18 -33.05 -13.28
CA VAL B 353 14.76 -33.25 -14.64
C VAL B 353 14.31 -32.06 -15.52
N LEU B 354 15.22 -31.13 -15.84
CA LEU B 354 14.88 -29.82 -16.48
C LEU B 354 14.59 -30.03 -17.98
N PHE B 355 13.56 -29.40 -18.54
CA PHE B 355 13.21 -29.44 -19.98
C PHE B 355 13.21 -28.04 -20.61
N GLY B 356 13.52 -26.97 -19.87
CA GLY B 356 13.56 -25.58 -20.40
C GLY B 356 12.17 -25.03 -20.65
N GLU B 357 11.63 -25.15 -21.88
CA GLU B 357 10.30 -24.65 -22.26
C GLU B 357 9.23 -25.67 -21.85
N ALA B 358 8.09 -25.15 -21.37
CA ALA B 358 6.95 -25.90 -20.81
C ALA B 358 6.42 -26.93 -21.81
N PRO B 359 6.27 -26.57 -23.11
CA PRO B 359 5.77 -27.51 -24.11
C PRO B 359 6.52 -28.85 -24.10
N LEU B 360 7.85 -28.79 -23.96
CA LEU B 360 8.74 -29.98 -23.98
C LEU B 360 8.57 -30.77 -22.68
N ALA B 361 8.31 -30.06 -21.57
CA ALA B 361 8.04 -30.64 -20.25
C ALA B 361 6.76 -31.48 -20.30
N PHE B 362 5.68 -30.94 -20.90
CA PHE B 362 4.38 -31.64 -21.00
C PHE B 362 4.51 -32.85 -21.93
N GLU B 363 5.25 -32.70 -23.03
CA GLU B 363 5.52 -33.78 -24.03
C GLU B 363 6.20 -34.95 -23.30
N ALA B 364 7.34 -34.71 -22.64
CA ALA B 364 8.10 -35.71 -21.86
C ALA B 364 7.17 -36.44 -20.86
N SER B 365 6.24 -35.69 -20.26
CA SER B 365 5.22 -36.20 -19.30
C SER B 365 4.32 -37.21 -20.02
N ARG B 366 3.85 -36.88 -21.23
CA ARG B 366 2.98 -37.72 -22.07
C ARG B 366 3.72 -39.01 -22.43
N LEU B 367 4.97 -38.92 -22.88
CA LEU B 367 5.78 -40.09 -23.33
C LEU B 367 6.10 -41.03 -22.15
N LEU B 368 6.47 -40.47 -21.00
CA LEU B 368 6.67 -41.26 -19.75
C LEU B 368 5.39 -42.09 -19.47
N LEU B 369 4.22 -41.45 -19.55
CA LEU B 369 2.90 -42.05 -19.28
C LEU B 369 2.62 -43.18 -20.27
N GLU B 370 3.03 -43.03 -21.55
CA GLU B 370 2.91 -44.07 -22.61
C GLU B 370 3.64 -45.33 -22.12
N GLU B 371 4.70 -45.16 -21.31
CA GLU B 371 5.48 -46.30 -20.78
C GLU B 371 4.97 -46.70 -19.40
N GLY B 372 3.77 -46.27 -19.02
CA GLY B 372 3.17 -46.57 -17.70
C GLY B 372 3.91 -45.90 -16.54
N VAL B 373 4.48 -44.71 -16.75
CA VAL B 373 5.23 -43.95 -15.71
C VAL B 373 4.63 -42.53 -15.61
N PHE B 374 4.20 -42.16 -14.41
CA PHE B 374 3.45 -40.90 -14.17
C PHE B 374 4.34 -39.92 -13.42
N ALA B 375 4.71 -38.84 -14.10
CA ALA B 375 5.57 -37.75 -13.60
C ALA B 375 5.13 -36.48 -14.33
N VAL B 376 4.57 -35.53 -13.60
CA VAL B 376 3.87 -34.36 -14.20
C VAL B 376 4.92 -33.33 -14.63
N GLY B 377 4.76 -32.88 -15.87
CA GLY B 377 5.40 -31.67 -16.41
C GLY B 377 4.91 -30.44 -15.68
N ILE B 378 5.83 -29.56 -15.29
CA ILE B 378 5.53 -28.35 -14.48
C ILE B 378 6.11 -27.13 -15.21
N GLY B 379 5.31 -26.05 -15.28
CA GLY B 379 5.63 -24.77 -15.95
C GLY B 379 5.19 -23.53 -15.18
N PHE B 380 5.15 -22.38 -15.87
CA PHE B 380 5.58 -21.02 -15.39
C PHE B 380 5.02 -20.64 -14.02
N PRO B 381 3.69 -20.62 -13.78
CA PRO B 381 3.21 -20.10 -12.49
C PRO B 381 4.05 -20.76 -11.39
N THR B 382 4.18 -22.10 -11.43
CA THR B 382 4.80 -22.97 -10.39
C THR B 382 6.34 -22.92 -10.41
N VAL B 383 6.99 -22.82 -11.58
CA VAL B 383 8.47 -22.71 -11.76
C VAL B 383 8.80 -21.61 -12.77
N PRO B 384 10.00 -20.99 -12.79
CA PRO B 384 10.28 -19.88 -13.72
C PRO B 384 10.02 -20.24 -15.20
N ARG B 385 9.90 -19.21 -16.05
CA ARG B 385 9.34 -19.30 -17.44
C ARG B 385 10.16 -20.22 -18.36
N GLY B 386 11.49 -20.07 -18.45
CA GLY B 386 12.34 -20.90 -19.33
C GLY B 386 12.96 -22.05 -18.56
N LYS B 387 12.31 -22.48 -17.48
CA LYS B 387 12.87 -23.43 -16.48
C LYS B 387 11.83 -24.52 -16.14
N ALA B 388 10.93 -24.84 -17.08
CA ALA B 388 9.88 -25.90 -16.97
C ALA B 388 10.55 -27.25 -16.79
N ARG B 389 9.96 -28.15 -15.99
CA ARG B 389 10.62 -29.44 -15.69
C ARG B 389 9.59 -30.52 -15.37
N ILE B 390 10.07 -31.74 -15.16
CA ILE B 390 9.36 -32.86 -14.47
C ILE B 390 10.02 -33.04 -13.09
N ARG B 391 9.24 -32.89 -12.03
CA ARG B 391 9.62 -33.31 -10.65
C ARG B 391 9.30 -34.79 -10.52
N ASN B 392 10.26 -35.61 -10.11
CA ASN B 392 9.98 -36.99 -9.61
C ASN B 392 10.10 -36.97 -8.09
N ILE B 393 9.27 -37.75 -7.39
CA ILE B 393 9.32 -37.80 -5.91
C ILE B 393 9.27 -39.27 -5.48
N VAL B 394 10.46 -39.76 -5.16
CA VAL B 394 10.75 -41.10 -4.60
C VAL B 394 10.14 -41.14 -3.20
N THR B 395 9.49 -42.24 -2.83
CA THR B 395 8.88 -42.46 -1.49
C THR B 395 9.41 -43.78 -0.93
N ALA B 396 9.24 -43.99 0.37
CA ALA B 396 9.58 -45.25 1.09
C ALA B 396 8.82 -46.43 0.53
N ALA B 397 7.61 -46.21 -0.01
CA ALA B 397 6.67 -47.26 -0.46
C ALA B 397 7.09 -47.78 -1.84
N HIS B 398 7.94 -47.05 -2.56
CA HIS B 398 8.47 -47.49 -3.88
C HIS B 398 9.35 -48.72 -3.70
N THR B 399 9.07 -49.80 -4.43
CA THR B 399 9.94 -51.00 -4.51
C THR B 399 10.92 -50.77 -5.66
N LYS B 400 11.97 -51.59 -5.70
CA LYS B 400 12.98 -51.54 -6.78
C LYS B 400 12.29 -51.75 -8.13
N GLU B 401 11.42 -52.76 -8.27
CA GLU B 401 10.86 -53.11 -9.61
C GLU B 401 10.20 -51.85 -10.16
N MET B 402 9.55 -51.05 -9.32
CA MET B 402 8.86 -49.80 -9.72
C MET B 402 9.91 -48.77 -10.17
N LEU B 403 10.96 -48.57 -9.36
CA LEU B 403 12.07 -47.63 -9.64
C LEU B 403 12.77 -48.02 -10.96
N ASP B 404 12.94 -49.31 -11.23
CA ASP B 404 13.65 -49.81 -12.45
C ASP B 404 12.77 -49.62 -13.69
N LYS B 405 11.46 -49.74 -13.53
CA LYS B 405 10.49 -49.50 -14.62
C LYS B 405 10.54 -48.01 -15.02
N ALA B 406 10.64 -47.11 -14.04
CA ALA B 406 10.69 -45.65 -14.27
C ALA B 406 11.97 -45.27 -15.02
N LEU B 407 13.09 -45.85 -14.58
CA LEU B 407 14.43 -45.64 -15.19
C LEU B 407 14.38 -46.18 -16.62
N GLU B 408 14.01 -47.47 -16.78
CA GLU B 408 13.75 -48.09 -18.11
C GLU B 408 13.10 -47.03 -19.01
N ALA B 409 11.95 -46.49 -18.59
CA ALA B 409 11.16 -45.51 -19.35
C ALA B 409 11.96 -44.21 -19.60
N TYR B 410 12.65 -43.71 -18.56
CA TYR B 410 13.43 -42.45 -18.64
C TYR B 410 14.57 -42.61 -19.64
N GLU B 411 15.23 -43.78 -19.63
CA GLU B 411 16.26 -44.15 -20.65
C GLU B 411 15.63 -43.97 -22.04
N LYS B 412 14.57 -44.73 -22.30
CA LYS B 412 13.87 -44.79 -23.60
C LYS B 412 13.45 -43.38 -24.02
N VAL B 413 12.67 -42.68 -23.21
CA VAL B 413 12.10 -41.34 -23.54
C VAL B 413 13.24 -40.32 -23.72
N GLY B 414 14.37 -40.49 -23.04
CA GLY B 414 15.54 -39.59 -23.13
C GLY B 414 16.29 -39.78 -24.42
N LYS B 415 16.37 -41.02 -24.90
CA LYS B 415 16.99 -41.36 -26.20
C LYS B 415 16.13 -40.72 -27.32
N ARG B 416 14.84 -41.05 -27.41
CA ARG B 416 13.94 -40.55 -28.50
C ARG B 416 13.95 -39.01 -28.56
N LEU B 417 14.08 -38.33 -27.41
CA LEU B 417 14.11 -36.83 -27.35
C LEU B 417 15.56 -36.34 -27.56
N GLY B 418 16.53 -37.25 -27.64
CA GLY B 418 17.93 -36.96 -27.99
C GLY B 418 18.58 -36.03 -26.98
N ILE B 419 18.41 -36.31 -25.69
CA ILE B 419 19.19 -35.67 -24.59
C ILE B 419 20.18 -36.71 -24.03
N ILE B 420 20.14 -37.96 -24.53
CA ILE B 420 21.18 -39.01 -24.30
C ILE B 420 21.24 -39.92 -25.53
N ASP C 30 15.36 -10.63 19.67
CA ASP C 30 14.28 -9.75 19.14
C ASP C 30 12.97 -10.54 19.06
N LEU C 31 12.97 -11.85 18.84
CA LEU C 31 11.74 -12.66 18.65
C LEU C 31 10.90 -12.69 19.93
N ARG C 32 11.43 -13.28 21.01
CA ARG C 32 10.78 -13.32 22.35
C ARG C 32 10.17 -11.94 22.61
N ALA C 33 11.01 -10.91 22.42
CA ALA C 33 10.71 -9.48 22.66
C ALA C 33 9.47 -9.06 21.89
N ARG C 34 9.43 -9.29 20.57
CA ARG C 34 8.32 -8.85 19.70
C ARG C 34 7.05 -9.62 20.08
N VAL C 35 7.15 -10.95 20.26
CA VAL C 35 5.98 -11.76 20.72
C VAL C 35 5.45 -11.15 22.02
N ARG C 36 6.36 -10.95 23.00
CA ARG C 36 5.92 -10.51 24.34
C ARG C 36 5.24 -9.13 24.25
N GLU C 37 5.84 -8.16 23.55
CA GLU C 37 5.29 -6.76 23.47
C GLU C 37 3.92 -6.76 22.79
N GLU C 38 3.66 -7.71 21.89
CA GLU C 38 2.41 -7.75 21.07
C GLU C 38 1.28 -8.36 21.91
N LEU C 39 1.55 -9.43 22.65
CA LEU C 39 0.54 -10.03 23.57
C LEU C 39 0.18 -8.99 24.64
N GLU C 40 1.18 -8.32 25.22
CA GLU C 40 0.98 -7.19 26.16
C GLU C 40 0.03 -6.18 25.52
N ARG C 41 0.35 -5.63 24.34
CA ARG C 41 -0.52 -4.63 23.68
C ARG C 41 -1.96 -5.15 23.65
N LEU C 42 -2.13 -6.40 23.19
CA LEU C 42 -3.46 -7.04 22.99
C LEU C 42 -4.17 -7.20 24.34
N LYS C 43 -3.45 -7.56 25.42
CA LYS C 43 -4.03 -7.65 26.79
C LYS C 43 -4.44 -6.25 27.26
N ARG C 44 -3.57 -5.26 27.09
CA ARG C 44 -3.81 -3.84 27.48
C ARG C 44 -5.13 -3.36 26.84
N GLU C 45 -5.31 -3.61 25.53
CA GLU C 45 -6.49 -3.12 24.75
C GLU C 45 -7.73 -3.99 25.01
N GLY C 46 -7.66 -5.00 25.89
CA GLY C 46 -8.80 -5.85 26.28
C GLY C 46 -9.17 -6.90 25.23
N LEU C 47 -8.32 -7.07 24.20
CA LEU C 47 -8.60 -7.88 22.97
C LEU C 47 -8.13 -9.33 23.11
N TYR C 48 -7.17 -9.61 23.99
CA TYR C 48 -6.57 -10.96 24.16
C TYR C 48 -7.69 -11.98 24.37
N ILE C 49 -7.63 -13.11 23.65
CA ILE C 49 -8.68 -14.17 23.68
C ILE C 49 -8.09 -15.46 24.25
N SER C 50 -8.88 -16.15 25.08
CA SER C 50 -8.55 -17.50 25.63
C SER C 50 -9.65 -18.46 25.21
N PRO C 51 -9.49 -19.13 24.05
CA PRO C 51 -10.50 -20.06 23.55
C PRO C 51 -10.91 -21.13 24.56
N LYS C 52 -12.20 -21.39 24.65
CA LYS C 52 -12.79 -22.47 25.47
C LYS C 52 -12.68 -23.78 24.67
N VAL C 53 -12.46 -24.89 25.35
CA VAL C 53 -12.19 -26.20 24.68
C VAL C 53 -13.45 -27.04 24.81
N LEU C 54 -14.03 -27.47 23.69
CA LEU C 54 -15.24 -28.35 23.70
C LEU C 54 -14.78 -29.80 23.91
N GLU C 55 -15.51 -30.53 24.75
CA GLU C 55 -15.18 -31.88 25.28
C GLU C 55 -16.19 -32.92 24.77
N ALA C 56 -17.04 -32.53 23.81
CA ALA C 56 -18.09 -33.40 23.25
C ALA C 56 -18.38 -32.94 21.82
N PRO C 57 -19.02 -33.79 20.99
CA PRO C 57 -19.17 -33.50 19.57
C PRO C 57 -19.88 -32.17 19.29
N GLN C 58 -19.73 -31.63 18.08
CA GLN C 58 -20.44 -30.41 17.63
C GLN C 58 -21.94 -30.70 17.50
N GLU C 59 -22.72 -30.35 18.52
CA GLU C 59 -24.18 -30.57 18.58
C GLU C 59 -24.79 -29.37 19.28
N PRO C 60 -26.12 -29.13 19.12
CA PRO C 60 -26.82 -28.04 19.80
C PRO C 60 -26.76 -28.09 21.33
N VAL C 61 -26.62 -29.29 21.91
CA VAL C 61 -26.16 -29.47 23.33
C VAL C 61 -24.77 -30.13 23.27
N THR C 62 -23.79 -29.55 23.98
CA THR C 62 -22.42 -30.08 24.08
C THR C 62 -21.84 -29.74 25.47
N ARG C 63 -20.59 -30.16 25.74
CA ARG C 63 -19.88 -29.95 27.04
C ARG C 63 -18.72 -28.99 26.79
N VAL C 64 -18.68 -27.85 27.51
CA VAL C 64 -17.61 -26.81 27.48
C VAL C 64 -17.22 -26.52 28.93
N GLU C 65 -15.92 -26.56 29.24
CA GLU C 65 -15.40 -26.33 30.63
C GLU C 65 -16.16 -27.27 31.59
N GLY C 66 -16.47 -28.51 31.18
CA GLY C 66 -17.08 -29.53 32.04
C GLY C 66 -18.49 -29.19 32.50
N ARG C 67 -19.23 -28.42 31.70
CA ARG C 67 -20.69 -28.19 31.93
C ARG C 67 -21.44 -28.52 30.64
N GLU C 68 -22.56 -29.23 30.73
CA GLU C 68 -23.54 -29.38 29.62
C GLU C 68 -24.07 -27.97 29.34
N VAL C 69 -23.98 -27.52 28.09
CA VAL C 69 -24.58 -26.23 27.64
C VAL C 69 -25.50 -26.47 26.44
N VAL C 70 -26.44 -25.54 26.24
CA VAL C 70 -27.13 -25.30 24.95
C VAL C 70 -26.19 -24.43 24.11
N ASN C 71 -25.88 -24.92 22.91
CA ASN C 71 -24.79 -24.40 22.06
C ASN C 71 -25.40 -23.63 20.89
N LEU C 72 -25.26 -22.32 20.93
CA LEU C 72 -25.77 -21.35 19.94
C LEU C 72 -24.58 -20.60 19.35
N ALA C 73 -23.36 -21.11 19.54
CA ALA C 73 -22.10 -20.48 19.06
C ALA C 73 -21.62 -21.13 17.76
N SER C 74 -22.05 -22.36 17.45
CA SER C 74 -21.61 -23.12 16.25
C SER C 74 -22.26 -22.54 14.99
N ASN C 75 -21.78 -22.98 13.83
CA ASN C 75 -22.38 -22.75 12.50
C ASN C 75 -23.02 -24.05 11.99
N ASN C 76 -23.37 -24.99 12.87
CA ASN C 76 -23.85 -26.34 12.51
C ASN C 76 -25.33 -26.24 12.07
N TYR C 77 -25.60 -25.40 11.08
CA TYR C 77 -26.95 -24.89 10.70
C TYR C 77 -27.96 -26.02 10.54
N LEU C 78 -27.59 -27.16 9.94
CA LEU C 78 -28.52 -28.26 9.56
C LEU C 78 -28.34 -29.47 10.49
N GLY C 79 -27.51 -29.37 11.51
CA GLY C 79 -27.25 -30.49 12.46
C GLY C 79 -26.43 -31.62 11.85
N PHE C 80 -25.57 -31.32 10.88
CA PHE C 80 -24.83 -32.33 10.07
C PHE C 80 -23.46 -32.63 10.69
N ALA C 81 -22.94 -31.79 11.56
CA ALA C 81 -21.54 -31.88 12.06
C ALA C 81 -21.34 -33.24 12.71
N ASN C 82 -22.39 -33.83 13.33
CA ASN C 82 -22.29 -35.17 13.95
C ASN C 82 -23.41 -36.10 13.49
N HIS C 83 -23.88 -36.02 12.24
CA HIS C 83 -25.05 -36.82 11.75
C HIS C 83 -24.54 -38.15 11.22
N PRO C 84 -25.10 -39.31 11.65
CA PRO C 84 -24.59 -40.62 11.26
C PRO C 84 -24.56 -40.90 9.75
N TYR C 85 -25.42 -40.26 8.96
CA TYR C 85 -25.41 -40.44 7.48
C TYR C 85 -24.07 -39.96 6.90
N LEU C 86 -23.68 -38.72 7.20
CA LEU C 86 -22.41 -38.09 6.74
C LEU C 86 -21.19 -38.90 7.23
N LYS C 87 -21.27 -39.38 8.48
CA LYS C 87 -20.20 -40.17 9.14
C LYS C 87 -20.05 -41.48 8.37
N GLU C 88 -21.16 -42.10 7.95
CA GLU C 88 -21.13 -43.41 7.25
C GLU C 88 -20.56 -43.21 5.84
N LYS C 89 -20.96 -42.13 5.14
CA LYS C 89 -20.40 -41.79 3.79
C LYS C 89 -18.88 -41.53 3.89
N ALA C 90 -18.43 -40.77 4.89
CA ALA C 90 -16.99 -40.49 5.18
C ALA C 90 -16.23 -41.79 5.43
N ARG C 91 -16.83 -42.69 6.22
CA ARG C 91 -16.26 -44.03 6.56
C ARG C 91 -16.04 -44.83 5.29
N GLN C 92 -17.07 -44.95 4.44
CA GLN C 92 -16.98 -45.66 3.13
C GLN C 92 -15.76 -45.14 2.38
N TYR C 93 -15.67 -43.83 2.14
CA TYR C 93 -14.68 -43.18 1.23
C TYR C 93 -13.27 -43.24 1.84
N LEU C 94 -13.19 -43.11 3.16
CA LEU C 94 -11.94 -43.27 3.97
C LEU C 94 -11.40 -44.68 3.76
N GLU C 95 -12.23 -45.71 3.97
CA GLU C 95 -11.87 -47.14 3.79
C GLU C 95 -11.43 -47.34 2.34
N LYS C 96 -12.25 -46.90 1.38
CA LYS C 96 -11.96 -47.10 -0.07
C LYS C 96 -10.63 -46.46 -0.47
N TRP C 97 -10.41 -45.17 -0.13
CA TRP C 97 -9.39 -44.31 -0.80
C TRP C 97 -8.18 -43.98 0.08
N GLY C 98 -8.32 -43.90 1.41
CA GLY C 98 -7.20 -43.61 2.36
C GLY C 98 -7.33 -42.31 3.16
N ALA C 99 -6.22 -41.83 3.74
CA ALA C 99 -6.21 -40.64 4.64
C ALA C 99 -5.82 -39.39 3.87
N GLY C 100 -5.30 -39.52 2.66
CA GLY C 100 -4.75 -38.32 1.99
C GLY C 100 -4.66 -38.50 0.50
N SER C 101 -5.14 -37.51 -0.24
CA SER C 101 -4.55 -37.08 -1.53
C SER C 101 -3.13 -36.70 -1.21
N GLY C 102 -2.16 -37.12 -2.01
CA GLY C 102 -0.74 -36.87 -1.68
C GLY C 102 -0.20 -35.66 -2.41
N ALA C 103 -1.04 -34.69 -2.79
CA ALA C 103 -0.63 -33.62 -3.71
C ALA C 103 -1.74 -32.62 -4.03
N VAL C 104 -1.34 -31.54 -4.69
CA VAL C 104 -2.26 -30.49 -5.20
C VAL C 104 -3.01 -31.09 -6.37
N ARG C 105 -4.27 -30.67 -6.54
CA ARG C 105 -5.24 -31.09 -7.58
C ARG C 105 -4.59 -31.12 -8.96
N THR C 106 -3.78 -30.12 -9.26
CA THR C 106 -3.29 -29.81 -10.62
C THR C 106 -2.05 -30.67 -10.96
N ILE C 107 -1.47 -31.39 -10.00
CA ILE C 107 -0.35 -32.33 -10.27
C ILE C 107 -0.88 -33.76 -10.16
N ALA C 108 -1.15 -34.25 -8.95
CA ALA C 108 -1.48 -35.67 -8.66
C ALA C 108 -2.46 -35.79 -7.48
N GLY C 109 -3.19 -34.72 -7.15
CA GLY C 109 -4.12 -34.66 -6.00
C GLY C 109 -5.57 -34.77 -6.40
N THR C 110 -5.89 -34.76 -7.71
CA THR C 110 -7.27 -34.99 -8.21
C THR C 110 -7.53 -36.49 -8.34
N PHE C 111 -8.57 -36.98 -7.67
CA PHE C 111 -9.06 -38.38 -7.69
C PHE C 111 -10.53 -38.33 -8.12
N THR C 112 -11.04 -39.46 -8.60
CA THR C 112 -12.47 -39.73 -8.89
C THR C 112 -13.40 -38.97 -7.93
N TYR C 113 -13.15 -39.05 -6.62
CA TYR C 113 -14.10 -38.54 -5.58
C TYR C 113 -14.21 -37.00 -5.66
N HIS C 114 -13.14 -36.29 -6.04
CA HIS C 114 -13.19 -34.80 -6.20
C HIS C 114 -14.15 -34.45 -7.35
N VAL C 115 -14.08 -35.24 -8.42
CA VAL C 115 -14.91 -35.03 -9.65
C VAL C 115 -16.37 -35.30 -9.23
N GLU C 116 -16.60 -36.44 -8.58
CA GLU C 116 -17.94 -36.87 -8.12
C GLU C 116 -18.59 -35.70 -7.37
N LEU C 117 -17.86 -35.14 -6.39
CA LEU C 117 -18.33 -34.00 -5.56
C LEU C 117 -18.63 -32.78 -6.42
N GLU C 118 -17.68 -32.33 -7.24
CA GLU C 118 -17.86 -31.08 -8.04
C GLU C 118 -19.02 -31.26 -9.02
N GLU C 119 -19.28 -32.49 -9.48
CA GLU C 119 -20.39 -32.80 -10.42
C GLU C 119 -21.70 -32.69 -9.65
N ALA C 120 -21.77 -33.29 -8.45
CA ALA C 120 -22.95 -33.26 -7.56
C ALA C 120 -23.22 -31.82 -7.13
N LEU C 121 -22.17 -31.06 -6.84
CA LEU C 121 -22.28 -29.66 -6.35
C LEU C 121 -23.00 -28.82 -7.40
N ALA C 122 -22.46 -28.75 -8.61
CA ALA C 122 -22.96 -27.95 -9.76
C ALA C 122 -24.45 -28.27 -10.00
N ARG C 123 -24.79 -29.57 -10.03
CA ARG C 123 -26.19 -30.04 -10.27
C ARG C 123 -27.08 -29.51 -9.14
N PHE C 124 -26.67 -29.69 -7.88
CA PHE C 124 -27.38 -29.13 -6.69
C PHE C 124 -27.54 -27.62 -6.86
N LYS C 125 -26.45 -26.93 -7.14
CA LYS C 125 -26.39 -25.45 -7.22
C LYS C 125 -27.18 -24.91 -8.42
N GLY C 126 -27.40 -25.75 -9.45
CA GLY C 126 -27.89 -25.31 -10.76
C GLY C 126 -26.95 -24.32 -11.44
N THR C 127 -25.64 -24.48 -11.26
CA THR C 127 -24.60 -23.73 -12.00
C THR C 127 -24.05 -24.65 -13.07
N GLU C 128 -23.37 -24.08 -14.07
CA GLU C 128 -22.77 -24.86 -15.19
C GLU C 128 -21.64 -25.70 -14.60
N SER C 129 -20.90 -25.15 -13.65
CA SER C 129 -19.73 -25.83 -13.02
C SER C 129 -19.64 -25.52 -11.53
N ALA C 130 -18.69 -26.17 -10.86
CA ALA C 130 -18.34 -25.98 -9.44
C ALA C 130 -16.92 -26.49 -9.21
N LEU C 131 -16.18 -25.85 -8.32
CA LEU C 131 -14.80 -26.26 -7.97
C LEU C 131 -14.60 -26.14 -6.46
N VAL C 132 -14.05 -27.18 -5.84
CA VAL C 132 -13.72 -27.24 -4.40
C VAL C 132 -12.31 -26.70 -4.20
N LEU C 133 -12.16 -25.74 -3.30
CA LEU C 133 -10.85 -25.21 -2.85
C LEU C 133 -10.72 -25.54 -1.36
N GLN C 134 -9.58 -25.18 -0.79
CA GLN C 134 -9.08 -25.71 0.50
C GLN C 134 -9.82 -25.02 1.65
N SER C 135 -10.39 -23.83 1.43
CA SER C 135 -11.32 -23.16 2.38
C SER C 135 -12.19 -22.14 1.63
N GLY C 136 -13.32 -21.75 2.24
CA GLY C 136 -14.01 -20.50 1.90
C GLY C 136 -13.06 -19.31 1.96
N PHE C 137 -12.18 -19.30 2.96
CA PHE C 137 -11.12 -18.28 3.17
C PHE C 137 -10.25 -18.14 1.93
N THR C 138 -9.61 -19.23 1.50
CA THR C 138 -8.66 -19.23 0.34
C THR C 138 -9.45 -19.17 -0.98
N ALA C 139 -10.70 -19.63 -1.00
CA ALA C 139 -11.59 -19.54 -2.17
C ALA C 139 -11.67 -18.09 -2.63
N ASN C 140 -11.82 -17.16 -1.70
CA ASN C 140 -11.92 -15.70 -2.01
C ASN C 140 -10.62 -15.27 -2.69
N GLN C 141 -9.47 -15.54 -2.06
CA GLN C 141 -8.12 -15.28 -2.62
C GLN C 141 -7.95 -15.86 -4.01
N GLY C 142 -8.27 -17.15 -4.17
CA GLY C 142 -8.15 -17.92 -5.42
C GLY C 142 -8.91 -17.28 -6.53
N VAL C 143 -10.24 -17.15 -6.35
CA VAL C 143 -11.18 -16.65 -7.41
C VAL C 143 -10.89 -15.18 -7.65
N LEU C 144 -10.86 -14.34 -6.61
CA LEU C 144 -10.61 -12.89 -6.76
C LEU C 144 -9.27 -12.67 -7.48
N GLY C 145 -8.21 -13.43 -7.11
CA GLY C 145 -6.86 -13.36 -7.71
C GLY C 145 -6.83 -13.76 -9.18
N ALA C 146 -7.46 -14.89 -9.50
CA ALA C 146 -7.55 -15.49 -10.86
C ALA C 146 -8.26 -14.53 -11.83
N LEU C 147 -9.21 -13.73 -11.33
CA LEU C 147 -10.21 -12.97 -12.13
C LEU C 147 -9.72 -11.53 -12.40
N LEU C 148 -9.03 -10.91 -11.44
CA LEU C 148 -8.76 -9.45 -11.41
C LEU C 148 -7.33 -9.16 -11.92
N LYS C 149 -7.21 -8.10 -12.74
CA LYS C 149 -5.93 -7.61 -13.31
C LYS C 149 -5.86 -6.12 -13.01
N GLU C 150 -4.65 -5.55 -13.08
CA GLU C 150 -4.46 -4.09 -13.07
C GLU C 150 -5.39 -3.49 -14.13
N GLY C 151 -6.23 -2.53 -13.73
CA GLY C 151 -7.22 -1.88 -14.61
C GLY C 151 -8.66 -2.10 -14.19
N ASP C 152 -9.00 -3.29 -13.68
CA ASP C 152 -10.38 -3.63 -13.23
C ASP C 152 -10.78 -2.75 -12.03
N VAL C 153 -12.08 -2.62 -11.77
CA VAL C 153 -12.64 -1.86 -10.62
C VAL C 153 -13.49 -2.79 -9.76
N VAL C 154 -13.24 -2.82 -8.45
CA VAL C 154 -14.08 -3.59 -7.49
C VAL C 154 -14.91 -2.59 -6.67
N PHE C 155 -16.19 -2.90 -6.55
CA PHE C 155 -17.15 -2.27 -5.61
C PHE C 155 -17.46 -3.28 -4.49
N SER C 156 -16.89 -3.08 -3.31
CA SER C 156 -17.10 -3.93 -2.11
C SER C 156 -18.12 -3.26 -1.19
N ASP C 157 -19.07 -4.03 -0.66
CA ASP C 157 -19.89 -3.65 0.52
C ASP C 157 -18.92 -3.42 1.68
N GLU C 158 -19.14 -2.40 2.51
CA GLU C 158 -18.15 -1.96 3.54
C GLU C 158 -18.08 -3.00 4.64
N LEU C 159 -19.13 -3.79 4.84
CA LEU C 159 -19.21 -4.84 5.91
C LEU C 159 -18.77 -6.21 5.38
N ASN C 160 -18.10 -6.28 4.23
CA ASN C 160 -17.64 -7.55 3.61
C ASN C 160 -16.66 -8.25 4.56
N HIS C 161 -16.79 -9.58 4.64
CA HIS C 161 -16.00 -10.52 5.48
C HIS C 161 -14.50 -10.31 5.24
N ALA C 162 -13.69 -10.50 6.28
CA ALA C 162 -12.22 -10.28 6.27
C ALA C 162 -11.57 -11.05 5.12
N SER C 163 -12.02 -12.29 4.91
CA SER C 163 -11.57 -13.26 3.88
C SER C 163 -11.43 -12.59 2.51
N ILE C 164 -12.40 -11.73 2.17
CA ILE C 164 -12.51 -10.96 0.90
C ILE C 164 -11.43 -9.88 0.86
N ILE C 165 -11.31 -9.08 1.91
CA ILE C 165 -10.30 -7.98 2.02
C ILE C 165 -8.93 -8.56 1.68
N ASP C 166 -8.56 -9.72 2.24
CA ASP C 166 -7.27 -10.40 1.93
C ASP C 166 -7.21 -10.73 0.43
N GLY C 167 -8.28 -11.30 -0.11
CA GLY C 167 -8.34 -11.64 -1.53
C GLY C 167 -7.95 -10.45 -2.38
N LEU C 168 -8.68 -9.35 -2.21
CA LEU C 168 -8.53 -8.08 -2.97
C LEU C 168 -7.10 -7.54 -2.80
N ARG C 169 -6.58 -7.53 -1.58
CA ARG C 169 -5.23 -7.00 -1.25
C ARG C 169 -4.12 -7.71 -2.03
N LEU C 170 -4.39 -8.88 -2.63
CA LEU C 170 -3.42 -9.66 -3.43
C LEU C 170 -3.56 -9.36 -4.93
N THR C 171 -4.48 -8.46 -5.32
CA THR C 171 -4.71 -8.06 -6.74
C THR C 171 -4.31 -6.60 -6.98
N LYS C 172 -4.19 -6.21 -8.24
CA LYS C 172 -3.78 -4.86 -8.71
C LYS C 172 -5.02 -4.08 -9.14
N ALA C 173 -6.20 -4.53 -8.74
CA ALA C 173 -7.50 -3.91 -9.09
C ALA C 173 -7.68 -2.63 -8.27
N THR C 174 -8.47 -1.68 -8.78
CA THR C 174 -8.79 -0.40 -8.09
C THR C 174 -9.95 -0.70 -7.13
N ARG C 175 -9.72 -0.51 -5.83
CA ARG C 175 -10.65 -0.97 -4.76
C ARG C 175 -11.51 0.19 -4.26
N LEU C 176 -12.82 0.09 -4.46
CA LEU C 176 -13.81 1.07 -4.00
C LEU C 176 -14.75 0.36 -3.02
N VAL C 177 -15.23 1.11 -2.04
CA VAL C 177 -16.17 0.63 -0.99
C VAL C 177 -17.45 1.43 -1.12
N PHE C 178 -18.60 0.75 -1.03
CA PHE C 178 -19.95 1.38 -0.98
C PHE C 178 -20.57 1.10 0.39
N ARG C 179 -21.27 2.09 0.91
CA ARG C 179 -22.01 2.01 2.20
C ARG C 179 -22.87 0.74 2.18
N HIS C 180 -22.90 -0.01 3.30
CA HIS C 180 -23.55 -1.33 3.44
C HIS C 180 -24.93 -1.33 2.77
N ALA C 181 -25.11 -2.22 1.76
CA ALA C 181 -26.40 -2.52 1.10
C ALA C 181 -27.05 -1.25 0.47
N ASP C 182 -26.26 -0.19 0.26
CA ASP C 182 -26.73 1.12 -0.26
C ASP C 182 -26.64 1.13 -1.79
N VAL C 183 -27.72 0.73 -2.47
CA VAL C 183 -27.72 0.61 -3.96
C VAL C 183 -27.63 2.00 -4.59
N ALA C 184 -28.09 3.04 -3.89
CA ALA C 184 -27.95 4.46 -4.31
C ALA C 184 -26.47 4.80 -4.48
N HIS C 185 -25.67 4.69 -3.40
CA HIS C 185 -24.21 4.98 -3.40
C HIS C 185 -23.54 4.08 -4.46
N LEU C 186 -23.97 2.82 -4.55
CA LEU C 186 -23.43 1.82 -5.51
C LEU C 186 -23.56 2.36 -6.94
N GLU C 187 -24.78 2.77 -7.34
CA GLU C 187 -25.07 3.35 -8.68
C GLU C 187 -24.17 4.57 -8.90
N GLU C 188 -24.10 5.48 -7.93
CA GLU C 188 -23.27 6.71 -7.96
C GLU C 188 -21.84 6.32 -8.35
N LEU C 189 -21.30 5.25 -7.77
CA LEU C 189 -19.90 4.80 -7.99
C LEU C 189 -19.74 4.22 -9.41
N LEU C 190 -20.76 3.51 -9.92
CA LEU C 190 -20.74 2.84 -11.25
C LEU C 190 -20.68 3.87 -12.38
N LYS C 191 -21.27 5.06 -12.18
CA LYS C 191 -21.22 6.21 -13.13
C LYS C 191 -19.82 6.82 -13.13
N ALA C 192 -19.13 6.79 -12.00
CA ALA C 192 -17.87 7.52 -11.75
C ALA C 192 -16.63 6.69 -12.16
N HIS C 193 -16.79 5.38 -12.42
CA HIS C 193 -15.65 4.47 -12.71
C HIS C 193 -16.04 3.47 -13.81
N ASP C 194 -15.26 3.45 -14.90
CA ASP C 194 -15.42 2.51 -16.04
C ASP C 194 -14.03 1.98 -16.41
N THR C 195 -14.00 0.92 -17.23
CA THR C 195 -12.79 0.31 -17.82
C THR C 195 -13.16 -0.49 -19.06
N ASP C 196 -12.23 -0.60 -20.00
CA ASP C 196 -12.31 -1.56 -21.14
C ASP C 196 -12.17 -2.96 -20.57
N GLY C 197 -11.80 -3.04 -19.28
CA GLY C 197 -11.77 -4.28 -18.48
C GLY C 197 -13.06 -4.48 -17.69
N LEU C 198 -12.90 -4.96 -16.45
CA LEU C 198 -13.96 -5.64 -15.63
C LEU C 198 -14.35 -4.80 -14.41
N LYS C 199 -15.65 -4.61 -14.23
CA LYS C 199 -16.27 -4.04 -13.01
C LYS C 199 -16.82 -5.21 -12.18
N LEU C 200 -16.26 -5.48 -11.00
CA LEU C 200 -16.76 -6.56 -10.09
C LEU C 200 -17.28 -5.98 -8.78
N ILE C 201 -18.61 -5.97 -8.64
CA ILE C 201 -19.35 -5.74 -7.37
C ILE C 201 -19.19 -6.97 -6.47
N VAL C 202 -18.80 -6.77 -5.22
CA VAL C 202 -18.43 -7.88 -4.30
C VAL C 202 -19.20 -7.70 -3.00
N THR C 203 -19.89 -8.74 -2.56
CA THR C 203 -20.76 -8.70 -1.34
C THR C 203 -20.83 -10.09 -0.70
N ASP C 204 -20.79 -10.14 0.62
CA ASP C 204 -21.34 -11.28 1.41
C ASP C 204 -22.77 -11.48 0.90
N GLY C 205 -23.20 -12.74 0.78
CA GLY C 205 -24.60 -13.09 0.51
C GLY C 205 -25.45 -12.87 1.73
N VAL C 206 -24.98 -13.41 2.85
CA VAL C 206 -25.53 -13.19 4.22
C VAL C 206 -24.39 -12.61 5.06
N PHE C 207 -24.60 -11.45 5.68
CA PHE C 207 -23.53 -10.75 6.44
C PHE C 207 -23.48 -11.37 7.84
N SER C 208 -22.29 -11.81 8.24
CA SER C 208 -22.04 -12.65 9.44
C SER C 208 -22.55 -11.96 10.72
N MET C 209 -22.41 -10.64 10.87
CA MET C 209 -22.53 -9.98 12.21
C MET C 209 -23.94 -9.51 12.58
N ASP C 210 -24.59 -8.78 11.66
CA ASP C 210 -26.05 -8.49 11.71
C ASP C 210 -26.63 -9.61 10.84
N GLY C 211 -27.90 -9.93 10.84
CA GLY C 211 -28.20 -11.20 10.15
C GLY C 211 -28.63 -11.01 8.72
N ASP C 212 -28.20 -9.93 8.03
CA ASP C 212 -28.96 -9.34 6.89
C ASP C 212 -28.52 -9.92 5.55
N ILE C 213 -29.45 -9.91 4.57
CA ILE C 213 -29.24 -10.48 3.20
C ILE C 213 -28.90 -9.36 2.22
N ALA C 214 -27.82 -9.51 1.45
CA ALA C 214 -27.48 -8.61 0.31
C ALA C 214 -28.77 -8.36 -0.48
N PRO C 215 -29.07 -7.10 -0.87
CA PRO C 215 -30.20 -6.83 -1.74
C PRO C 215 -29.87 -7.21 -3.20
N LEU C 216 -29.89 -8.49 -3.54
CA LEU C 216 -29.46 -8.97 -4.89
C LEU C 216 -30.58 -8.65 -5.89
N ASP C 217 -31.85 -8.68 -5.44
CA ASP C 217 -33.05 -8.28 -6.24
C ASP C 217 -32.77 -6.94 -6.94
N LYS C 218 -32.08 -6.01 -6.29
CA LYS C 218 -31.78 -4.65 -6.81
C LYS C 218 -30.34 -4.56 -7.34
N ILE C 219 -29.38 -5.25 -6.71
CA ILE C 219 -27.93 -5.16 -7.09
C ILE C 219 -27.73 -5.70 -8.51
N VAL C 220 -28.26 -6.90 -8.81
CA VAL C 220 -28.04 -7.62 -10.09
C VAL C 220 -28.57 -6.75 -11.23
N PRO C 221 -29.84 -6.25 -11.17
CA PRO C 221 -30.35 -5.32 -12.17
C PRO C 221 -29.39 -4.15 -12.38
N LEU C 222 -29.05 -3.44 -11.31
CA LEU C 222 -28.10 -2.32 -11.36
C LEU C 222 -26.82 -2.78 -12.09
N ALA C 223 -26.35 -4.01 -11.82
CA ALA C 223 -25.09 -4.55 -12.39
C ALA C 223 -25.21 -4.68 -13.92
N LYS C 224 -26.38 -5.13 -14.39
CA LYS C 224 -26.65 -5.38 -15.83
C LYS C 224 -26.73 -4.03 -16.57
N LYS C 225 -27.14 -2.98 -15.86
CA LYS C 225 -27.31 -1.60 -16.42
C LYS C 225 -25.94 -0.98 -16.71
N TYR C 226 -24.85 -1.46 -16.11
CA TYR C 226 -23.51 -0.81 -16.18
C TYR C 226 -22.40 -1.81 -16.55
N LYS C 227 -22.72 -2.95 -17.16
CA LYS C 227 -21.74 -3.93 -17.70
C LYS C 227 -20.76 -4.35 -16.59
N ALA C 228 -21.32 -4.72 -15.42
CA ALA C 228 -20.57 -5.24 -14.26
C ALA C 228 -21.00 -6.66 -13.91
N VAL C 229 -20.11 -7.36 -13.20
CA VAL C 229 -20.24 -8.78 -12.77
C VAL C 229 -20.41 -8.78 -11.24
N VAL C 230 -21.21 -9.69 -10.72
CA VAL C 230 -21.59 -9.75 -9.29
C VAL C 230 -20.98 -11.00 -8.67
N TYR C 231 -20.28 -10.82 -7.55
CA TYR C 231 -19.52 -11.84 -6.80
C TYR C 231 -20.10 -11.93 -5.39
N VAL C 232 -20.70 -13.07 -5.07
CA VAL C 232 -21.45 -13.28 -3.82
C VAL C 232 -20.72 -14.33 -2.98
N ASP C 233 -20.19 -13.94 -1.81
CA ASP C 233 -19.58 -14.85 -0.80
C ASP C 233 -20.69 -15.35 0.13
N ASP C 234 -21.16 -16.58 -0.08
CA ASP C 234 -22.43 -17.09 0.51
C ASP C 234 -22.14 -18.10 1.63
N ALA C 235 -21.09 -17.88 2.42
CA ALA C 235 -20.69 -18.79 3.50
C ALA C 235 -21.89 -19.10 4.40
N HIS C 236 -22.76 -18.09 4.64
CA HIS C 236 -23.93 -18.13 5.57
C HIS C 236 -25.25 -18.21 4.79
N GLY C 237 -25.19 -18.36 3.47
CA GLY C 237 -26.40 -18.57 2.63
C GLY C 237 -26.50 -20.01 2.17
N SER C 238 -25.38 -20.60 1.77
CA SER C 238 -25.24 -22.03 1.42
C SER C 238 -25.84 -22.89 2.55
N GLY C 239 -26.82 -23.73 2.21
CA GLY C 239 -27.43 -24.68 3.15
C GLY C 239 -28.45 -23.98 4.03
N VAL C 240 -28.72 -22.70 3.77
CA VAL C 240 -29.62 -21.87 4.62
C VAL C 240 -30.79 -21.28 3.79
N LEU C 241 -30.45 -20.54 2.73
CA LEU C 241 -31.35 -19.68 1.93
C LEU C 241 -31.62 -20.41 0.59
N GLY C 242 -32.82 -20.22 0.01
CA GLY C 242 -33.23 -20.83 -1.28
C GLY C 242 -33.71 -22.26 -1.11
N GLU C 243 -34.34 -22.80 -2.17
CA GLU C 243 -34.93 -24.17 -2.23
C GLU C 243 -33.86 -25.18 -1.83
N LYS C 244 -34.05 -25.87 -0.69
CA LYS C 244 -33.14 -26.91 -0.11
C LYS C 244 -31.76 -26.30 0.24
N GLY C 245 -31.70 -24.99 0.50
CA GLY C 245 -30.46 -24.27 0.82
C GLY C 245 -29.50 -24.27 -0.35
N LYS C 246 -30.02 -24.12 -1.57
CA LYS C 246 -29.21 -23.95 -2.80
C LYS C 246 -28.52 -22.58 -2.74
N GLY C 247 -29.01 -21.68 -1.90
CA GLY C 247 -28.25 -20.46 -1.53
C GLY C 247 -28.94 -19.18 -2.00
N THR C 248 -28.35 -18.05 -1.59
CA THR C 248 -28.80 -16.65 -1.82
C THR C 248 -29.03 -16.36 -3.31
N VAL C 249 -28.01 -16.61 -4.13
CA VAL C 249 -28.08 -16.48 -5.61
C VAL C 249 -29.32 -17.23 -6.10
N HIS C 250 -29.42 -18.53 -5.78
CA HIS C 250 -30.50 -19.42 -6.23
C HIS C 250 -31.85 -18.90 -5.72
N HIS C 251 -31.84 -18.30 -4.53
CA HIS C 251 -33.05 -17.78 -3.84
C HIS C 251 -33.65 -16.61 -4.64
N PHE C 252 -32.80 -15.72 -5.14
CA PHE C 252 -33.19 -14.55 -5.96
C PHE C 252 -33.34 -14.95 -7.43
N GLY C 253 -32.96 -16.17 -7.80
CA GLY C 253 -33.20 -16.77 -9.13
C GLY C 253 -32.18 -16.32 -10.18
N PHE C 254 -30.91 -16.12 -9.80
CA PHE C 254 -29.84 -15.60 -10.71
C PHE C 254 -28.74 -16.66 -10.85
N HIS C 255 -29.06 -17.94 -10.60
CA HIS C 255 -28.06 -19.04 -10.54
C HIS C 255 -27.52 -19.44 -11.93
N GLN C 256 -28.25 -19.11 -13.00
CA GLN C 256 -27.92 -19.46 -14.39
C GLN C 256 -27.21 -18.32 -15.09
N ASP C 257 -27.19 -17.13 -14.47
CA ASP C 257 -26.54 -15.92 -15.02
C ASP C 257 -25.04 -16.17 -15.04
N PRO C 258 -24.38 -16.08 -16.22
CA PRO C 258 -22.95 -16.29 -16.30
C PRO C 258 -22.13 -15.14 -15.71
N ASP C 259 -22.76 -14.01 -15.38
CA ASP C 259 -22.07 -12.82 -14.82
C ASP C 259 -22.37 -12.70 -13.31
N VAL C 260 -22.91 -13.74 -12.69
CA VAL C 260 -22.98 -13.87 -11.21
C VAL C 260 -22.05 -15.01 -10.79
N VAL C 261 -21.02 -14.69 -10.00
CA VAL C 261 -20.04 -15.67 -9.43
C VAL C 261 -20.32 -15.81 -7.94
N GLN C 262 -20.34 -17.05 -7.43
CA GLN C 262 -20.54 -17.32 -5.99
C GLN C 262 -19.42 -18.23 -5.48
N VAL C 263 -18.80 -17.84 -4.36
CA VAL C 263 -17.91 -18.69 -3.52
C VAL C 263 -18.58 -18.85 -2.16
N ALA C 264 -18.44 -20.02 -1.53
CA ALA C 264 -19.04 -20.27 -0.20
C ALA C 264 -18.25 -21.38 0.46
N THR C 265 -18.18 -21.34 1.79
CA THR C 265 -17.58 -22.39 2.63
C THR C 265 -18.39 -23.69 2.57
N LEU C 266 -17.75 -24.82 2.81
CA LEU C 266 -18.44 -26.12 3.05
C LEU C 266 -18.28 -26.52 4.51
N SER C 267 -17.94 -25.55 5.37
CA SER C 267 -17.49 -25.79 6.76
C SER C 267 -18.63 -25.59 7.76
N LYS C 268 -19.67 -24.85 7.34
CA LYS C 268 -20.78 -24.39 8.20
C LYS C 268 -21.95 -25.36 8.00
N ALA C 269 -23.00 -24.99 7.25
CA ALA C 269 -24.23 -25.81 7.09
C ALA C 269 -23.89 -27.21 6.56
N TRP C 270 -22.92 -27.31 5.63
CA TRP C 270 -22.48 -28.60 5.04
C TRP C 270 -21.51 -29.32 6.01
N ALA C 271 -21.03 -28.63 7.04
CA ALA C 271 -20.47 -29.23 8.28
C ALA C 271 -19.23 -30.09 8.00
N GLY C 272 -18.34 -29.63 7.13
CA GLY C 272 -17.04 -30.28 6.91
C GLY C 272 -15.94 -29.24 6.85
N ILE C 273 -15.24 -29.16 5.72
CA ILE C 273 -14.28 -28.07 5.41
C ILE C 273 -14.20 -27.87 3.90
N GLY C 274 -13.58 -26.75 3.52
CA GLY C 274 -13.32 -26.33 2.14
C GLY C 274 -14.29 -25.25 1.75
N GLY C 275 -14.10 -24.65 0.57
CA GLY C 275 -15.06 -23.75 -0.10
C GLY C 275 -15.25 -24.15 -1.55
N TYR C 276 -16.40 -23.82 -2.14
CA TYR C 276 -16.63 -23.93 -3.60
C TYR C 276 -16.63 -22.54 -4.25
N ALA C 277 -16.31 -22.53 -5.55
CA ALA C 277 -16.59 -21.47 -6.54
C ALA C 277 -17.50 -22.08 -7.61
N ALA C 278 -18.68 -21.50 -7.79
CA ALA C 278 -19.73 -22.03 -8.70
C ALA C 278 -20.13 -20.97 -9.72
N GLY C 279 -20.22 -21.37 -10.99
CA GLY C 279 -20.71 -20.55 -12.11
C GLY C 279 -20.40 -21.14 -13.47
N ALA C 280 -20.11 -20.26 -14.43
CA ALA C 280 -19.73 -20.52 -15.82
C ALA C 280 -18.71 -21.65 -15.94
N ARG C 281 -18.94 -22.60 -16.87
CA ARG C 281 -18.03 -23.71 -17.24
C ARG C 281 -16.58 -23.21 -17.27
N GLU C 282 -16.35 -22.06 -17.91
CA GLU C 282 -15.00 -21.58 -18.26
C GLU C 282 -14.34 -21.02 -17.00
N LEU C 283 -15.12 -20.53 -16.02
CA LEU C 283 -14.59 -20.08 -14.70
C LEU C 283 -13.78 -21.21 -14.04
N LYS C 284 -14.36 -22.40 -13.93
CA LYS C 284 -13.70 -23.59 -13.37
C LYS C 284 -12.32 -23.73 -13.99
N ASP C 285 -12.24 -23.76 -15.32
CA ASP C 285 -11.01 -24.03 -16.11
C ASP C 285 -9.99 -22.90 -15.87
N LEU C 286 -10.44 -21.67 -15.63
CA LEU C 286 -9.52 -20.56 -15.27
C LEU C 286 -8.94 -20.82 -13.89
N LEU C 287 -9.78 -21.15 -12.91
CA LEU C 287 -9.34 -21.36 -11.51
C LEU C 287 -8.33 -22.53 -11.41
N ILE C 288 -8.59 -23.61 -12.15
CA ILE C 288 -7.66 -24.78 -12.22
C ILE C 288 -6.29 -24.26 -12.63
N ASN C 289 -6.24 -23.26 -13.51
CA ASN C 289 -4.99 -22.77 -14.14
C ASN C 289 -4.39 -21.60 -13.34
N LYS C 290 -5.19 -20.71 -12.76
CA LYS C 290 -4.64 -19.42 -12.24
C LYS C 290 -4.81 -19.23 -10.72
N ALA C 291 -5.72 -19.94 -10.06
CA ALA C 291 -6.05 -19.77 -8.62
C ALA C 291 -4.89 -20.28 -7.78
N ARG C 292 -4.23 -19.38 -7.03
CA ARG C 292 -2.96 -19.68 -6.35
C ARG C 292 -3.17 -20.74 -5.26
N PRO C 293 -4.22 -20.67 -4.41
CA PRO C 293 -4.50 -21.74 -3.46
C PRO C 293 -4.91 -23.11 -4.06
N PHE C 294 -5.33 -23.16 -5.32
CA PHE C 294 -5.67 -24.45 -5.98
C PHE C 294 -4.37 -25.10 -6.47
N LEU C 295 -3.40 -24.26 -6.80
CA LEU C 295 -2.10 -24.63 -7.44
C LEU C 295 -1.07 -25.07 -6.40
N PHE C 296 -1.21 -24.61 -5.15
CA PHE C 296 -0.12 -24.64 -4.14
C PHE C 296 -0.60 -25.20 -2.80
N SER C 297 -1.77 -25.84 -2.72
CA SER C 297 -2.28 -26.42 -1.45
C SER C 297 -2.98 -27.76 -1.73
N THR C 298 -2.61 -28.78 -0.95
CA THR C 298 -3.09 -30.17 -1.13
C THR C 298 -4.62 -30.17 -1.16
N SER C 299 -5.18 -30.96 -2.08
CA SER C 299 -6.61 -31.28 -2.14
C SER C 299 -7.01 -32.08 -0.88
N HIS C 300 -8.30 -32.14 -0.61
CA HIS C 300 -8.85 -32.63 0.68
C HIS C 300 -8.98 -34.16 0.64
N PRO C 301 -8.89 -34.82 1.80
CA PRO C 301 -8.88 -36.26 1.87
C PRO C 301 -10.24 -36.90 1.67
N PRO C 302 -10.26 -38.21 1.31
CA PRO C 302 -11.51 -39.00 1.18
C PRO C 302 -12.66 -38.78 2.17
N ALA C 303 -12.35 -38.76 3.46
CA ALA C 303 -13.35 -38.68 4.56
C ALA C 303 -14.14 -37.38 4.47
N VAL C 304 -13.46 -36.28 4.13
CA VAL C 304 -14.07 -34.92 4.00
C VAL C 304 -15.02 -34.96 2.81
N VAL C 305 -14.50 -35.43 1.68
CA VAL C 305 -15.29 -35.47 0.41
C VAL C 305 -16.47 -36.44 0.60
N GLY C 306 -16.25 -37.61 1.21
CA GLY C 306 -17.30 -38.55 1.61
C GLY C 306 -18.44 -37.87 2.31
N ALA C 307 -18.12 -37.14 3.40
CA ALA C 307 -19.08 -36.43 4.26
C ALA C 307 -19.88 -35.40 3.46
N LEU C 308 -19.23 -34.63 2.58
CA LEU C 308 -19.91 -33.57 1.78
C LEU C 308 -20.83 -34.23 0.75
N LEU C 309 -20.37 -35.24 0.02
CA LEU C 309 -21.28 -36.04 -0.84
C LEU C 309 -22.49 -36.47 0.01
N GLY C 310 -22.25 -36.97 1.23
CA GLY C 310 -23.30 -37.40 2.16
C GLY C 310 -24.31 -36.32 2.44
N ALA C 311 -23.83 -35.10 2.74
CA ALA C 311 -24.64 -33.92 3.13
C ALA C 311 -25.56 -33.50 1.97
N LEU C 312 -25.02 -33.41 0.74
CA LEU C 312 -25.84 -33.11 -0.47
C LEU C 312 -26.90 -34.20 -0.64
N GLU C 313 -26.52 -35.47 -0.50
CA GLU C 313 -27.50 -36.60 -0.54
C GLU C 313 -28.55 -36.38 0.54
N LEU C 314 -28.15 -36.05 1.78
CA LEU C 314 -29.09 -35.99 2.95
C LEU C 314 -30.12 -34.86 2.76
N ILE C 315 -29.69 -33.66 2.34
CA ILE C 315 -30.60 -32.49 2.24
C ILE C 315 -31.66 -32.79 1.16
N GLU C 316 -31.32 -33.55 0.12
CA GLU C 316 -32.27 -34.02 -0.93
C GLU C 316 -33.31 -34.93 -0.27
N LYS C 317 -32.90 -35.90 0.57
CA LYS C 317 -33.78 -36.89 1.25
C LYS C 317 -34.67 -36.19 2.29
N GLU C 318 -34.13 -35.13 2.92
CA GLU C 318 -34.70 -34.47 4.11
C GLU C 318 -34.69 -32.95 3.88
N PRO C 319 -35.51 -32.44 2.95
CA PRO C 319 -35.68 -31.00 2.81
C PRO C 319 -36.36 -30.37 4.04
N GLU C 320 -37.11 -31.17 4.82
CA GLU C 320 -37.71 -30.81 6.13
C GLU C 320 -36.72 -29.97 6.95
N ARG C 321 -35.50 -30.48 7.18
CA ARG C 321 -34.46 -29.86 8.04
C ARG C 321 -34.36 -28.36 7.74
N VAL C 322 -34.40 -27.95 6.47
CA VAL C 322 -34.25 -26.51 6.09
C VAL C 322 -35.49 -25.78 6.63
N GLU C 323 -36.68 -26.36 6.46
CA GLU C 323 -37.92 -25.79 7.05
C GLU C 323 -37.66 -25.62 8.55
N ARG C 324 -37.33 -26.71 9.23
CA ARG C 324 -37.14 -26.78 10.71
C ARG C 324 -36.17 -25.70 11.19
N LEU C 325 -35.11 -25.43 10.44
CA LEU C 325 -34.11 -24.37 10.75
C LEU C 325 -34.85 -23.03 10.91
N TRP C 326 -35.76 -22.74 9.98
CA TRP C 326 -36.51 -21.47 9.92
C TRP C 326 -37.62 -21.42 10.98
N GLU C 327 -38.33 -22.51 11.24
CA GLU C 327 -39.35 -22.62 12.33
C GLU C 327 -38.69 -22.16 13.62
N ASN C 328 -37.52 -22.73 13.93
CA ASN C 328 -36.75 -22.51 15.18
C ASN C 328 -36.26 -21.07 15.23
N THR C 329 -35.72 -20.57 14.12
CA THR C 329 -35.27 -19.16 13.97
C THR C 329 -36.44 -18.23 14.34
N ARG C 330 -37.60 -18.45 13.72
CA ARG C 330 -38.82 -17.64 13.94
C ARG C 330 -39.20 -17.73 15.43
N TYR C 331 -39.38 -18.95 15.97
CA TYR C 331 -39.75 -19.19 17.39
C TYR C 331 -38.85 -18.36 18.32
N PHE C 332 -37.55 -18.49 18.12
CA PHE C 332 -36.48 -17.87 18.95
C PHE C 332 -36.56 -16.35 18.85
N LYS C 333 -36.61 -15.78 17.64
CA LYS C 333 -36.66 -14.31 17.38
C LYS C 333 -37.95 -13.72 17.96
N ARG C 334 -39.06 -14.46 17.88
CA ARG C 334 -40.39 -14.04 18.36
C ARG C 334 -40.31 -13.80 19.87
N GLU C 335 -39.68 -14.73 20.61
CA GLU C 335 -39.64 -14.69 22.09
C GLU C 335 -38.75 -13.53 22.55
N LEU C 336 -37.57 -13.41 21.97
CA LEU C 336 -36.63 -12.28 22.23
C LEU C 336 -37.36 -10.95 21.99
N ALA C 337 -38.25 -10.90 21.01
CA ALA C 337 -39.10 -9.71 20.71
C ALA C 337 -40.11 -9.52 21.84
N ARG C 338 -40.83 -10.59 22.20
CA ARG C 338 -41.79 -10.61 23.34
C ARG C 338 -41.10 -9.97 24.57
N LEU C 339 -39.90 -10.43 24.95
CA LEU C 339 -39.16 -9.95 26.15
C LEU C 339 -38.69 -8.50 25.95
N GLY C 340 -38.67 -8.01 24.70
CA GLY C 340 -38.29 -6.62 24.39
C GLY C 340 -36.80 -6.48 24.10
N TYR C 341 -36.16 -7.54 23.60
CA TYR C 341 -34.79 -7.48 23.01
C TYR C 341 -34.90 -7.05 21.55
N ASP C 342 -33.95 -6.24 21.10
CA ASP C 342 -33.81 -5.85 19.68
C ASP C 342 -32.93 -6.89 18.99
N THR C 343 -33.44 -7.47 17.90
CA THR C 343 -32.82 -8.55 17.10
C THR C 343 -32.34 -7.97 15.75
N LEU C 344 -32.21 -6.64 15.66
CA LEU C 344 -31.50 -5.88 14.59
C LEU C 344 -32.03 -6.17 13.18
N GLY C 345 -33.33 -6.47 13.02
CA GLY C 345 -33.93 -6.86 11.73
C GLY C 345 -33.10 -7.94 11.03
N SER C 346 -32.56 -8.88 11.79
CA SER C 346 -31.94 -10.12 11.26
C SER C 346 -32.98 -10.88 10.42
N GLN C 347 -32.56 -11.51 9.33
CA GLN C 347 -33.43 -12.19 8.35
C GLN C 347 -33.08 -13.68 8.27
N THR C 348 -31.97 -14.11 8.91
CA THR C 348 -31.37 -15.46 8.82
C THR C 348 -31.33 -16.11 10.20
N PRO C 349 -31.03 -17.43 10.31
CA PRO C 349 -30.89 -18.06 11.62
C PRO C 349 -29.84 -17.39 12.50
N ILE C 350 -28.98 -16.56 11.91
CA ILE C 350 -28.08 -15.67 12.69
C ILE C 350 -28.98 -14.67 13.42
N THR C 351 -28.98 -14.72 14.76
CA THR C 351 -29.86 -13.91 15.63
C THR C 351 -29.00 -13.09 16.59
N PRO C 352 -28.59 -11.85 16.20
CA PRO C 352 -28.03 -10.90 17.17
C PRO C 352 -29.06 -10.54 18.24
N VAL C 353 -28.59 -10.12 19.41
CA VAL C 353 -29.44 -9.59 20.53
C VAL C 353 -28.72 -8.36 21.05
N LEU C 354 -29.27 -7.15 20.87
CA LEU C 354 -28.52 -5.89 21.12
C LEU C 354 -28.33 -5.69 22.63
N PHE C 355 -27.08 -5.42 23.07
CA PHE C 355 -26.71 -5.07 24.47
C PHE C 355 -26.07 -3.67 24.56
N GLY C 356 -25.98 -2.94 23.45
CA GLY C 356 -25.51 -1.55 23.45
C GLY C 356 -24.01 -1.45 23.58
N GLU C 357 -23.51 -1.21 24.80
CA GLU C 357 -22.07 -1.00 25.07
C GLU C 357 -21.41 -2.37 25.28
N ALA C 358 -20.19 -2.55 24.75
CA ALA C 358 -19.43 -3.82 24.70
C ALA C 358 -19.29 -4.46 26.08
N PRO C 359 -18.93 -3.68 27.14
CA PRO C 359 -18.72 -4.26 28.46
C PRO C 359 -19.91 -5.10 28.92
N LEU C 360 -21.13 -4.59 28.67
CA LEU C 360 -22.41 -5.19 29.09
C LEU C 360 -22.68 -6.45 28.25
N ALA C 361 -22.27 -6.42 26.97
CA ALA C 361 -22.36 -7.53 26.01
C ALA C 361 -21.52 -8.70 26.50
N PHE C 362 -20.28 -8.45 26.92
CA PHE C 362 -19.36 -9.52 27.38
C PHE C 362 -19.88 -10.10 28.70
N GLU C 363 -20.38 -9.24 29.59
CA GLU C 363 -20.97 -9.61 30.90
C GLU C 363 -22.13 -10.59 30.65
N ALA C 364 -23.13 -10.18 29.87
CA ALA C 364 -24.30 -10.98 29.46
C ALA C 364 -23.85 -12.34 28.91
N SER C 365 -22.76 -12.36 28.14
CA SER C 365 -22.14 -13.58 27.55
C SER C 365 -21.70 -14.52 28.68
N ARG C 366 -21.02 -13.98 29.68
CA ARG C 366 -20.53 -14.74 30.87
C ARG C 366 -21.73 -15.34 31.62
N LEU C 367 -22.73 -14.50 31.91
CA LEU C 367 -23.92 -14.88 32.71
C LEU C 367 -24.80 -15.90 31.98
N LEU C 368 -24.99 -15.78 30.66
CA LEU C 368 -25.65 -16.80 29.82
C LEU C 368 -24.99 -18.16 30.08
N LEU C 369 -23.65 -18.23 30.03
CA LEU C 369 -22.88 -19.49 30.20
C LEU C 369 -23.13 -20.04 31.61
N GLU C 370 -23.23 -19.17 32.62
CA GLU C 370 -23.53 -19.57 34.03
C GLU C 370 -24.89 -20.29 34.07
N GLU C 371 -25.79 -19.98 33.13
CA GLU C 371 -27.11 -20.64 33.02
C GLU C 371 -27.05 -21.82 32.06
N GLY C 372 -25.84 -22.28 31.70
CA GLY C 372 -25.63 -23.36 30.73
C GLY C 372 -26.08 -23.00 29.32
N VAL C 373 -25.94 -21.74 28.91
CA VAL C 373 -26.26 -21.26 27.52
C VAL C 373 -25.01 -20.59 26.93
N PHE C 374 -24.51 -21.13 25.82
CA PHE C 374 -23.19 -20.78 25.26
C PHE C 374 -23.39 -20.00 23.97
N ALA C 375 -22.99 -18.72 23.96
CA ALA C 375 -23.13 -17.76 22.84
C ALA C 375 -22.10 -16.61 22.93
N VAL C 376 -21.72 -16.04 21.78
CA VAL C 376 -20.49 -15.19 21.68
C VAL C 376 -20.88 -13.71 21.79
N GLY C 377 -20.44 -13.04 22.84
CA GLY C 377 -20.52 -11.57 23.01
C GLY C 377 -19.58 -10.90 22.04
N ILE C 378 -20.05 -9.87 21.33
CA ILE C 378 -19.25 -9.12 20.33
C ILE C 378 -19.35 -7.61 20.62
N GLY C 379 -18.23 -6.90 20.68
CA GLY C 379 -18.18 -5.44 21.00
C GLY C 379 -17.11 -4.68 20.24
N PHE C 380 -16.76 -3.46 20.68
CA PHE C 380 -16.46 -2.25 19.86
C PHE C 380 -15.48 -2.50 18.71
N PRO C 381 -14.24 -3.00 18.92
CA PRO C 381 -13.32 -3.06 17.78
C PRO C 381 -14.08 -3.73 16.61
N THR C 382 -14.74 -4.87 16.88
CA THR C 382 -15.40 -5.77 15.89
C THR C 382 -16.72 -5.19 15.34
N VAL C 383 -17.54 -4.53 16.19
CA VAL C 383 -18.84 -3.89 15.81
C VAL C 383 -18.88 -2.48 16.41
N PRO C 384 -19.63 -1.52 15.84
CA PRO C 384 -19.55 -0.12 16.31
C PRO C 384 -19.88 0.02 17.81
N ARG C 385 -19.57 1.21 18.33
CA ARG C 385 -19.55 1.62 19.75
C ARG C 385 -20.84 1.31 20.51
N GLY C 386 -21.99 1.77 20.03
CA GLY C 386 -23.27 1.56 20.75
C GLY C 386 -23.99 0.31 20.28
N LYS C 387 -23.27 -0.62 19.66
CA LYS C 387 -23.92 -1.70 18.86
C LYS C 387 -23.37 -3.08 19.25
N ALA C 388 -22.81 -3.24 20.46
CA ALA C 388 -22.30 -4.54 20.95
C ALA C 388 -23.47 -5.49 21.16
N ARG C 389 -23.26 -6.77 20.95
CA ARG C 389 -24.37 -7.76 20.98
C ARG C 389 -23.84 -9.12 21.41
N ILE C 390 -24.77 -10.06 21.57
CA ILE C 390 -24.49 -11.54 21.57
C ILE C 390 -25.03 -12.12 20.25
N ARG C 391 -24.17 -12.75 19.46
CA ARG C 391 -24.58 -13.50 18.27
C ARG C 391 -24.97 -14.93 18.67
N ASN C 392 -26.20 -15.32 18.40
CA ASN C 392 -26.70 -16.70 18.56
C ASN C 392 -26.88 -17.26 17.15
N ILE C 393 -26.75 -18.58 17.00
CA ILE C 393 -27.01 -19.25 15.71
C ILE C 393 -27.89 -20.46 15.98
N VAL C 394 -29.16 -20.27 15.67
CA VAL C 394 -30.23 -21.29 15.71
C VAL C 394 -29.95 -22.28 14.59
N THR C 395 -30.10 -23.58 14.87
CA THR C 395 -29.89 -24.68 13.90
C THR C 395 -31.14 -25.56 13.86
N ALA C 396 -31.29 -26.37 12.81
CA ALA C 396 -32.38 -27.37 12.64
C ALA C 396 -32.35 -28.40 13.76
N ALA C 397 -31.18 -28.68 14.34
CA ALA C 397 -30.97 -29.73 15.36
C ALA C 397 -31.44 -29.25 16.74
N HIS C 398 -31.63 -27.94 16.95
CA HIS C 398 -32.15 -27.38 18.22
C HIS C 398 -33.60 -27.87 18.42
N THR C 399 -33.88 -28.47 19.59
CA THR C 399 -35.25 -28.81 20.01
C THR C 399 -35.83 -27.61 20.75
N LYS C 400 -37.15 -27.60 20.95
CA LYS C 400 -37.83 -26.51 21.68
C LYS C 400 -37.25 -26.43 23.11
N GLU C 401 -37.12 -27.56 23.80
CA GLU C 401 -36.61 -27.61 25.21
C GLU C 401 -35.37 -26.71 25.31
N MET C 402 -34.47 -26.87 24.35
CA MET C 402 -33.17 -26.17 24.31
C MET C 402 -33.40 -24.68 24.06
N LEU C 403 -34.24 -24.35 23.08
CA LEU C 403 -34.59 -22.95 22.71
C LEU C 403 -35.23 -22.24 23.90
N ASP C 404 -36.09 -22.93 24.65
CA ASP C 404 -36.81 -22.34 25.81
C ASP C 404 -35.85 -22.14 26.98
N LYS C 405 -34.86 -23.02 27.12
CA LYS C 405 -33.80 -22.88 28.16
C LYS C 405 -32.98 -21.61 27.88
N ALA C 406 -32.65 -21.35 26.62
CA ALA C 406 -31.84 -20.19 26.20
C ALA C 406 -32.60 -18.89 26.47
N LEU C 407 -33.88 -18.89 26.11
CA LEU C 407 -34.81 -17.76 26.32
C LEU C 407 -34.96 -17.53 27.83
N GLU C 408 -35.35 -18.57 28.56
CA GLU C 408 -35.39 -18.57 30.05
C GLU C 408 -34.17 -17.77 30.54
N ALA C 409 -32.96 -18.18 30.14
CA ALA C 409 -31.69 -17.55 30.55
C ALA C 409 -31.61 -16.08 30.08
N TYR C 410 -31.99 -15.81 28.83
CA TYR C 410 -31.96 -14.46 28.26
C TYR C 410 -32.91 -13.54 29.03
N GLU C 411 -34.10 -14.02 29.38
CA GLU C 411 -35.06 -13.31 30.26
C GLU C 411 -34.32 -12.93 31.53
N LYS C 412 -33.83 -13.94 32.27
CA LYS C 412 -33.17 -13.79 33.59
C LYS C 412 -32.01 -12.81 33.47
N VAL C 413 -31.05 -13.05 32.58
CA VAL C 413 -29.82 -12.21 32.45
C VAL C 413 -30.21 -10.78 32.02
N GLY C 414 -31.29 -10.62 31.27
CA GLY C 414 -31.75 -9.31 30.79
C GLY C 414 -32.41 -8.50 31.88
N LYS C 415 -33.15 -9.17 32.77
CA LYS C 415 -33.78 -8.54 33.97
C LYS C 415 -32.65 -8.05 34.89
N ARG C 416 -31.77 -8.94 35.34
CA ARG C 416 -30.64 -8.66 36.27
C ARG C 416 -29.82 -7.46 35.77
N LEU C 417 -29.61 -7.34 34.45
CA LEU C 417 -28.79 -6.26 33.88
C LEU C 417 -29.66 -5.05 33.57
N GLY C 418 -30.99 -5.15 33.77
CA GLY C 418 -31.95 -4.05 33.61
C GLY C 418 -31.95 -3.45 32.21
N ILE C 419 -31.96 -4.30 31.20
CA ILE C 419 -32.18 -3.91 29.77
C ILE C 419 -33.56 -4.39 29.32
N ILE C 420 -34.23 -5.22 30.13
CA ILE C 420 -35.63 -5.67 29.88
C ILE C 420 -36.39 -5.66 31.22
N ARG C 421 -37.72 -5.52 31.15
CA ARG C 421 -38.65 -5.28 32.29
C ARG C 421 -38.65 -6.53 33.18
N SER D 28 -9.44 9.86 20.32
CA SER D 28 -9.53 10.41 21.71
C SER D 28 -8.57 11.60 21.95
N LEU D 29 -7.48 11.74 21.19
CA LEU D 29 -6.42 12.78 21.45
C LEU D 29 -6.74 14.10 20.71
N ASP D 30 -6.31 15.19 21.34
CA ASP D 30 -6.57 16.60 20.93
C ASP D 30 -5.30 17.22 20.34
N LEU D 31 -5.52 18.24 19.51
CA LEU D 31 -4.42 19.14 19.07
C LEU D 31 -4.13 20.10 20.22
N ARG D 32 -2.89 20.55 20.28
CA ARG D 32 -2.19 21.10 21.48
C ARG D 32 -1.61 19.86 22.14
N ALA D 33 -2.44 18.89 22.55
CA ALA D 33 -2.00 17.67 23.27
C ALA D 33 -0.98 16.86 22.46
N ARG D 34 -1.32 16.55 21.20
CA ARG D 34 -0.43 15.73 20.32
C ARG D 34 0.83 16.54 20.03
N VAL D 35 0.67 17.80 19.67
CA VAL D 35 1.82 18.73 19.42
C VAL D 35 2.72 18.71 20.67
N ARG D 36 2.15 18.91 21.85
CA ARG D 36 2.93 19.00 23.14
C ARG D 36 3.72 17.70 23.35
N GLU D 37 3.09 16.52 23.26
CA GLU D 37 3.72 15.17 23.37
C GLU D 37 4.99 15.05 22.49
N GLU D 38 4.87 15.56 21.29
CA GLU D 38 5.82 15.35 20.17
C GLU D 38 7.01 16.30 20.35
N LEU D 39 6.77 17.57 20.73
CA LEU D 39 7.88 18.52 21.02
C LEU D 39 8.66 18.02 22.24
N GLU D 40 7.97 17.55 23.29
CA GLU D 40 8.60 16.89 24.46
C GLU D 40 9.52 15.75 23.94
N ARG D 41 9.00 14.80 23.18
CA ARG D 41 9.85 13.67 22.66
C ARG D 41 11.11 14.27 22.01
N LEU D 42 10.95 15.26 21.13
CA LEU D 42 12.07 15.91 20.37
C LEU D 42 13.06 16.57 21.34
N LYS D 43 12.57 17.23 22.40
CA LYS D 43 13.45 17.83 23.45
C LYS D 43 14.19 16.71 24.21
N ARG D 44 13.48 15.65 24.62
CA ARG D 44 14.07 14.46 25.32
C ARG D 44 15.24 13.92 24.50
N GLU D 45 15.06 13.72 23.19
CA GLU D 45 16.08 13.10 22.28
C GLU D 45 17.18 14.10 21.91
N GLY D 46 17.15 15.33 22.43
CA GLY D 46 18.19 16.34 22.21
C GLY D 46 18.09 17.07 20.87
N LEU D 47 17.03 16.78 20.09
CA LEU D 47 16.89 17.11 18.64
C LEU D 47 16.20 18.45 18.40
N TYR D 48 15.40 18.94 19.35
CA TYR D 48 14.66 20.21 19.23
C TYR D 48 15.61 21.34 18.81
N ILE D 49 15.22 22.11 17.79
CA ILE D 49 16.05 23.21 17.18
C ILE D 49 15.32 24.54 17.34
N SER D 50 16.06 25.64 17.50
CA SER D 50 15.54 27.04 17.48
C SER D 50 16.24 27.82 16.37
N PRO D 51 15.67 27.82 15.15
CA PRO D 51 16.21 28.60 14.03
C PRO D 51 16.45 30.08 14.38
N LYS D 52 17.58 30.61 13.96
CA LYS D 52 17.88 32.05 14.10
C LYS D 52 17.26 32.77 12.90
N VAL D 53 16.89 34.02 13.11
CA VAL D 53 16.30 34.91 12.08
C VAL D 53 17.40 35.85 11.62
N LEU D 54 17.67 35.88 10.31
CA LEU D 54 18.66 36.82 9.71
C LEU D 54 17.98 38.18 9.53
N GLU D 55 18.71 39.26 9.84
CA GLU D 55 18.23 40.66 9.98
C GLU D 55 18.87 41.54 8.89
N ALA D 56 19.56 40.94 7.94
CA ALA D 56 20.15 41.61 6.77
C ALA D 56 20.17 40.62 5.61
N PRO D 57 20.40 41.10 4.37
CA PRO D 57 20.31 40.25 3.19
C PRO D 57 21.23 39.04 3.26
N GLN D 58 20.98 38.04 2.41
CA GLN D 58 21.83 36.82 2.32
C GLN D 58 23.18 37.19 1.70
N GLU D 59 24.20 37.39 2.54
CA GLU D 59 25.59 37.75 2.10
C GLU D 59 26.58 37.02 2.99
N PRO D 60 27.87 36.86 2.58
CA PRO D 60 28.88 36.21 3.41
C PRO D 60 29.16 36.87 4.78
N VAL D 61 28.92 38.18 4.88
CA VAL D 61 28.74 38.91 6.18
C VAL D 61 27.29 39.39 6.22
N THR D 62 26.57 39.15 7.33
CA THR D 62 25.16 39.54 7.56
C THR D 62 24.95 39.79 9.06
N ARG D 63 23.70 40.07 9.50
CA ARG D 63 23.32 40.28 10.92
C ARG D 63 22.49 39.08 11.43
N VAL D 64 22.90 38.48 12.55
CA VAL D 64 22.09 37.54 13.38
C VAL D 64 22.10 38.04 14.82
N GLU D 65 20.93 38.12 15.48
CA GLU D 65 20.81 38.54 16.90
C GLU D 65 21.53 39.89 17.09
N GLY D 66 21.38 40.78 16.12
CA GLY D 66 21.85 42.18 16.20
C GLY D 66 23.36 42.30 16.24
N ARG D 67 24.10 41.34 15.68
CA ARG D 67 25.58 41.40 15.58
C ARG D 67 25.96 41.11 14.14
N GLU D 68 26.93 41.84 13.58
CA GLU D 68 27.53 41.50 12.28
C GLU D 68 28.29 40.20 12.49
N VAL D 69 28.02 39.17 11.67
CA VAL D 69 28.70 37.84 11.72
C VAL D 69 29.25 37.50 10.33
N VAL D 70 30.26 36.63 10.31
CA VAL D 70 30.72 35.94 9.07
C VAL D 70 29.82 34.71 8.86
N ASN D 71 29.23 34.62 7.68
CA ASN D 71 28.08 33.71 7.40
C ASN D 71 28.57 32.57 6.51
N LEU D 72 28.65 31.39 7.12
CA LEU D 72 29.10 30.14 6.47
C LEU D 72 27.99 29.10 6.52
N ALA D 73 26.75 29.53 6.78
CA ALA D 73 25.58 28.63 6.90
C ALA D 73 24.76 28.61 5.60
N SER D 74 24.87 29.65 4.76
CA SER D 74 24.06 29.81 3.53
C SER D 74 24.54 28.82 2.45
N ASN D 75 23.76 28.69 1.38
CA ASN D 75 24.17 27.97 0.14
C ASN D 75 24.43 28.99 -0.98
N ASN D 76 24.76 30.25 -0.63
CA ASN D 76 24.88 31.36 -1.60
C ASN D 76 26.22 31.26 -2.34
N TYR D 77 26.46 30.10 -2.96
CA TYR D 77 27.78 29.62 -3.46
C TYR D 77 28.49 30.70 -4.32
N LEU D 78 27.75 31.43 -5.17
CA LEU D 78 28.34 32.35 -6.18
C LEU D 78 28.16 33.83 -5.76
N GLY D 79 27.61 34.09 -4.57
CA GLY D 79 27.31 35.45 -4.11
C GLY D 79 26.16 36.12 -4.85
N PHE D 80 25.20 35.36 -5.39
CA PHE D 80 24.12 35.88 -6.28
C PHE D 80 22.87 36.28 -5.48
N ALA D 81 22.71 35.81 -4.25
CA ALA D 81 21.45 35.95 -3.49
C ALA D 81 21.11 37.44 -3.37
N ASN D 82 22.12 38.32 -3.32
CA ASN D 82 21.90 39.79 -3.25
C ASN D 82 22.74 40.55 -4.29
N HIS D 83 22.95 40.00 -5.49
CA HIS D 83 23.75 40.67 -6.56
C HIS D 83 22.84 41.55 -7.40
N PRO D 84 23.19 42.85 -7.61
CA PRO D 84 22.32 43.78 -8.31
C PRO D 84 21.93 43.38 -9.75
N TYR D 85 22.75 42.56 -10.42
CA TYR D 85 22.42 42.10 -11.80
C TYR D 85 21.10 41.30 -11.78
N LEU D 86 21.04 40.25 -10.95
CA LEU D 86 19.86 39.35 -10.80
C LEU D 86 18.62 40.15 -10.33
N LYS D 87 18.85 41.11 -9.44
CA LYS D 87 17.79 41.97 -8.85
C LYS D 87 17.19 42.82 -10.00
N GLU D 88 18.03 43.33 -10.90
CA GLU D 88 17.57 44.18 -12.03
C GLU D 88 16.76 43.32 -13.01
N LYS D 89 17.22 42.12 -13.33
CA LYS D 89 16.47 41.20 -14.23
C LYS D 89 15.09 40.85 -13.61
N ALA D 90 15.04 40.54 -12.31
CA ALA D 90 13.79 40.26 -11.57
C ALA D 90 12.83 41.46 -11.61
N ARG D 91 13.39 42.67 -11.42
CA ARG D 91 12.64 43.97 -11.47
C ARG D 91 11.95 44.11 -12.83
N GLN D 92 12.74 43.97 -13.92
CA GLN D 92 12.22 44.07 -15.30
C GLN D 92 10.97 43.17 -15.42
N TYR D 93 11.13 41.87 -15.11
CA TYR D 93 10.13 40.80 -15.41
C TYR D 93 8.90 40.97 -14.51
N LEU D 94 9.13 41.38 -13.26
CA LEU D 94 8.07 41.70 -12.27
C LEU D 94 7.19 42.82 -12.81
N GLU D 95 7.82 43.93 -13.23
CA GLU D 95 7.11 45.10 -13.81
C GLU D 95 6.35 44.64 -15.06
N LYS D 96 7.04 43.96 -15.97
CA LYS D 96 6.45 43.49 -17.26
C LYS D 96 5.23 42.59 -17.02
N TRP D 97 5.35 41.54 -16.19
CA TRP D 97 4.41 40.38 -16.20
C TRP D 97 3.51 40.31 -14.96
N GLY D 98 3.98 40.77 -13.77
CA GLY D 98 3.17 40.72 -12.52
C GLY D 98 3.78 39.91 -11.37
N ALA D 99 3.00 39.67 -10.31
CA ALA D 99 3.43 38.96 -9.08
C ALA D 99 3.08 37.48 -9.15
N GLY D 100 2.31 37.03 -10.13
CA GLY D 100 2.00 35.59 -10.19
C GLY D 100 1.48 35.16 -11.53
N SER D 101 1.98 34.03 -12.02
CA SER D 101 1.22 33.04 -12.83
C SER D 101 0.00 32.67 -12.01
N GLY D 102 -1.17 32.61 -12.60
CA GLY D 102 -2.40 32.35 -11.82
C GLY D 102 -2.80 30.87 -11.86
N ALA D 103 -1.89 29.97 -12.18
CA ALA D 103 -2.27 28.57 -12.44
C ALA D 103 -1.07 27.65 -12.66
N VAL D 104 -1.38 26.35 -12.72
CA VAL D 104 -0.44 25.26 -13.01
C VAL D 104 -0.09 25.37 -14.49
N ARG D 105 1.15 25.03 -14.83
CA ARG D 105 1.79 25.07 -16.16
C ARG D 105 0.88 24.46 -17.22
N THR D 106 0.20 23.39 -16.89
CA THR D 106 -0.54 22.50 -17.82
C THR D 106 -1.93 23.08 -18.15
N ILE D 107 -2.41 24.09 -17.42
CA ILE D 107 -3.74 24.71 -17.68
C ILE D 107 -3.49 26.10 -18.28
N ALA D 108 -3.05 27.06 -17.47
CA ALA D 108 -2.92 28.49 -17.82
C ALA D 108 -1.75 29.14 -17.09
N GLY D 109 -0.78 28.36 -16.63
CA GLY D 109 0.36 28.86 -15.81
C GLY D 109 1.66 28.93 -16.59
N THR D 110 1.70 28.39 -17.80
CA THR D 110 2.87 28.53 -18.71
C THR D 110 2.79 29.87 -19.45
N PHE D 111 3.82 30.70 -19.33
CA PHE D 111 3.97 32.02 -20.01
C PHE D 111 5.27 31.98 -20.79
N THR D 112 5.39 32.86 -21.78
CA THR D 112 6.64 33.12 -22.55
C THR D 112 7.90 32.99 -21.67
N TYR D 113 7.90 33.58 -20.46
CA TYR D 113 9.11 33.67 -19.60
C TYR D 113 9.54 32.27 -19.12
N HIS D 114 8.61 31.34 -18.87
CA HIS D 114 8.96 29.94 -18.48
C HIS D 114 9.71 29.28 -19.63
N VAL D 115 9.25 29.51 -20.86
CA VAL D 115 9.88 28.91 -22.07
C VAL D 115 11.27 29.52 -22.24
N GLU D 116 11.38 30.84 -22.16
CA GLU D 116 12.66 31.58 -22.27
C GLU D 116 13.67 30.94 -21.31
N LEU D 117 13.30 30.76 -20.04
CA LEU D 117 14.16 30.14 -19.01
C LEU D 117 14.54 28.70 -19.39
N GLU D 118 13.55 27.84 -19.70
CA GLU D 118 13.83 26.42 -20.04
C GLU D 118 14.74 26.32 -21.28
N GLU D 119 14.64 27.28 -22.20
CA GLU D 119 15.45 27.36 -23.45
C GLU D 119 16.88 27.73 -23.04
N ALA D 120 17.04 28.74 -22.18
CA ALA D 120 18.35 29.21 -21.68
C ALA D 120 19.01 28.10 -20.84
N LEU D 121 18.21 27.40 -20.04
CA LEU D 121 18.71 26.34 -19.13
C LEU D 121 19.37 25.23 -19.96
N ALA D 122 18.64 24.65 -20.91
CA ALA D 122 19.09 23.53 -21.78
C ALA D 122 20.40 23.92 -22.50
N ARG D 123 20.43 25.14 -23.06
CA ARG D 123 21.62 25.67 -23.79
C ARG D 123 22.80 25.73 -22.80
N PHE D 124 22.60 26.31 -21.63
CA PHE D 124 23.62 26.37 -20.55
C PHE D 124 24.12 24.95 -20.26
N LYS D 125 23.18 24.06 -19.97
CA LYS D 125 23.47 22.66 -19.53
C LYS D 125 24.10 21.83 -20.64
N GLY D 126 23.89 22.21 -21.91
CA GLY D 126 24.19 21.34 -23.07
C GLY D 126 23.37 20.05 -23.05
N THR D 127 22.12 20.11 -22.57
CA THR D 127 21.15 18.99 -22.66
C THR D 127 20.19 19.31 -23.80
N GLU D 128 19.47 18.30 -24.29
CA GLU D 128 18.52 18.45 -25.42
C GLU D 128 17.36 19.31 -24.90
N SER D 129 16.95 19.11 -23.65
CA SER D 129 15.82 19.86 -23.03
C SER D 129 16.11 20.19 -21.56
N ALA D 130 15.21 20.96 -20.97
CA ALA D 130 15.15 21.31 -19.54
C ALA D 130 13.71 21.68 -19.16
N LEU D 131 13.34 21.36 -17.91
CA LEU D 131 12.00 21.71 -17.36
C LEU D 131 12.17 22.21 -15.93
N VAL D 132 11.57 23.36 -15.61
CA VAL D 132 11.60 23.97 -14.26
C VAL D 132 10.36 23.48 -13.50
N LEU D 133 10.57 22.98 -12.28
CA LEU D 133 9.47 22.62 -11.35
C LEU D 133 9.63 23.50 -10.12
N GLN D 134 8.72 23.34 -9.15
CA GLN D 134 8.44 24.35 -8.11
C GLN D 134 9.53 24.27 -7.02
N SER D 135 10.24 23.15 -6.89
CA SER D 135 11.47 23.04 -6.06
C SER D 135 12.32 21.88 -6.54
N GLY D 136 13.60 21.87 -6.17
CA GLY D 136 14.43 20.66 -6.12
C GLY D 136 13.74 19.55 -5.35
N PHE D 137 13.10 19.90 -4.21
CA PHE D 137 12.34 18.97 -3.35
C PHE D 137 11.25 18.23 -4.14
N THR D 138 10.35 18.97 -4.79
CA THR D 138 9.20 18.39 -5.56
C THR D 138 9.69 17.83 -6.91
N ALA D 139 10.79 18.37 -7.45
CA ALA D 139 11.45 17.87 -8.68
C ALA D 139 11.74 16.37 -8.52
N ASN D 140 12.26 15.96 -7.37
CA ASN D 140 12.61 14.53 -7.12
C ASN D 140 11.32 13.72 -7.20
N GLN D 141 10.28 14.10 -6.45
CA GLN D 141 8.93 13.47 -6.50
C GLN D 141 8.36 13.40 -7.92
N GLY D 142 8.38 14.53 -8.63
CA GLY D 142 7.86 14.67 -10.00
C GLY D 142 8.54 13.71 -10.96
N VAL D 143 9.87 13.82 -11.08
CA VAL D 143 10.69 13.04 -12.05
C VAL D 143 10.70 11.57 -11.62
N LEU D 144 11.01 11.27 -10.36
CA LEU D 144 11.01 9.86 -9.85
C LEU D 144 9.65 9.22 -10.10
N GLY D 145 8.54 9.94 -9.83
CA GLY D 145 7.15 9.47 -10.00
C GLY D 145 6.79 9.23 -11.46
N ALA D 146 7.14 10.16 -12.33
CA ALA D 146 6.93 10.13 -13.80
C ALA D 146 7.60 8.91 -14.44
N LEU D 147 8.75 8.50 -13.91
CA LEU D 147 9.74 7.60 -14.56
C LEU D 147 9.51 6.13 -14.13
N LEU D 148 9.12 5.91 -12.86
CA LEU D 148 9.15 4.57 -12.22
C LEU D 148 7.76 3.94 -12.19
N LYS D 149 7.69 2.63 -12.44
CA LYS D 149 6.47 1.80 -12.37
C LYS D 149 6.78 0.60 -11.50
N GLU D 150 5.75 -0.07 -10.96
CA GLU D 150 5.86 -1.41 -10.33
C GLU D 150 6.65 -2.30 -11.29
N GLY D 151 7.75 -2.89 -10.80
CA GLY D 151 8.62 -3.76 -11.61
C GLY D 151 10.03 -3.24 -11.76
N ASP D 152 10.22 -1.91 -11.87
CA ASP D 152 11.56 -1.26 -11.99
C ASP D 152 12.36 -1.51 -10.70
N VAL D 153 13.69 -1.40 -10.76
CA VAL D 153 14.59 -1.55 -9.59
C VAL D 153 15.39 -0.26 -9.42
N VAL D 154 15.38 0.32 -8.23
CA VAL D 154 16.20 1.51 -7.88
C VAL D 154 17.34 1.07 -6.98
N PHE D 155 18.55 1.54 -7.32
CA PHE D 155 19.76 1.45 -6.49
C PHE D 155 20.07 2.88 -5.98
N SER D 156 19.78 3.14 -4.71
CA SER D 156 20.02 4.43 -4.02
C SER D 156 21.32 4.35 -3.23
N ASP D 157 22.16 5.38 -3.30
CA ASP D 157 23.25 5.64 -2.31
C ASP D 157 22.59 5.81 -0.95
N GLU D 158 23.18 5.26 0.12
CA GLU D 158 22.52 5.18 1.46
C GLU D 158 22.44 6.59 2.05
N LEU D 159 23.33 7.51 1.65
CA LEU D 159 23.40 8.90 2.17
C LEU D 159 22.61 9.86 1.26
N ASN D 160 21.71 9.35 0.40
CA ASN D 160 20.89 10.19 -0.51
C ASN D 160 20.01 11.13 0.33
N HIS D 161 19.87 12.36 -0.13
CA HIS D 161 19.09 13.48 0.46
C HIS D 161 17.64 13.02 0.72
N ALA D 162 17.02 13.53 1.78
CA ALA D 162 15.64 13.22 2.23
C ALA D 162 14.65 13.36 1.07
N SER D 163 14.79 14.42 0.30
CA SER D 163 13.96 14.81 -0.88
C SER D 163 13.70 13.60 -1.79
N ILE D 164 14.74 12.81 -2.02
CA ILE D 164 14.78 11.59 -2.88
C ILE D 164 13.97 10.47 -2.21
N ILE D 165 14.24 10.18 -0.94
CA ILE D 165 13.57 9.12 -0.14
C ILE D 165 12.06 9.33 -0.33
N ASP D 166 11.56 10.55 -0.17
CA ASP D 166 10.11 10.86 -0.32
C ASP D 166 9.67 10.53 -1.75
N GLY D 167 10.44 10.96 -2.75
CA GLY D 167 10.14 10.68 -4.16
C GLY D 167 9.88 9.20 -4.35
N LEU D 168 10.86 8.37 -3.98
CA LEU D 168 10.85 6.89 -4.15
C LEU D 168 9.64 6.31 -3.43
N ARG D 169 9.40 6.74 -2.19
CA ARG D 169 8.31 6.22 -1.31
C ARG D 169 6.93 6.37 -1.99
N LEU D 170 6.80 7.23 -3.01
CA LEU D 170 5.51 7.51 -3.71
C LEU D 170 5.41 6.68 -5.00
N THR D 171 6.38 5.80 -5.28
CA THR D 171 6.39 4.90 -6.46
C THR D 171 6.25 3.44 -6.00
N LYS D 172 5.98 2.53 -6.93
CA LYS D 172 5.77 1.09 -6.66
C LYS D 172 7.05 0.31 -7.01
N ALA D 173 8.16 1.02 -7.22
CA ALA D 173 9.46 0.45 -7.67
C ALA D 173 10.11 -0.29 -6.51
N THR D 174 10.96 -1.28 -6.80
CA THR D 174 11.66 -2.08 -5.77
C THR D 174 12.90 -1.29 -5.36
N ARG D 175 12.99 -0.92 -4.09
CA ARG D 175 14.00 0.02 -3.54
C ARG D 175 15.15 -0.77 -2.89
N LEU D 176 16.35 -0.64 -3.46
CA LEU D 176 17.61 -1.22 -2.94
C LEU D 176 18.55 -0.07 -2.58
N VAL D 177 19.35 -0.26 -1.56
CA VAL D 177 20.34 0.72 -1.05
C VAL D 177 21.73 0.08 -1.19
N PHE D 178 22.69 0.87 -1.68
CA PHE D 178 24.13 0.50 -1.76
C PHE D 178 24.92 1.41 -0.82
N ARG D 179 25.92 0.83 -0.16
CA ARG D 179 26.86 1.52 0.75
C ARG D 179 27.38 2.78 0.04
N HIS D 180 27.47 3.90 0.75
CA HIS D 180 27.85 5.24 0.22
C HIS D 180 29.03 5.14 -0.74
N ALA D 181 28.83 5.55 -2.00
CA ALA D 181 29.87 5.73 -3.04
C ALA D 181 30.62 4.41 -3.30
N ASP D 182 30.04 3.27 -2.92
CA ASP D 182 30.68 1.93 -3.00
C ASP D 182 30.31 1.28 -4.33
N VAL D 183 31.11 1.49 -5.37
CA VAL D 183 30.83 0.99 -6.75
C VAL D 183 30.92 -0.53 -6.76
N ALA D 184 31.74 -1.13 -5.89
CA ALA D 184 31.86 -2.60 -5.71
C ALA D 184 30.49 -3.17 -5.31
N HIS D 185 29.94 -2.72 -4.17
CA HIS D 185 28.60 -3.17 -3.67
C HIS D 185 27.54 -2.90 -4.75
N LEU D 186 27.63 -1.74 -5.42
CA LEU D 186 26.69 -1.32 -6.50
C LEU D 186 26.66 -2.39 -7.60
N GLU D 187 27.84 -2.75 -8.14
CA GLU D 187 28.00 -3.78 -9.21
C GLU D 187 27.38 -5.09 -8.71
N GLU D 188 27.73 -5.52 -7.49
CA GLU D 188 27.22 -6.76 -6.84
C GLU D 188 25.69 -6.77 -6.93
N LEU D 189 25.04 -5.63 -6.66
CA LEU D 189 23.56 -5.50 -6.63
C LEU D 189 22.98 -5.56 -8.05
N LEU D 190 23.68 -4.98 -9.04
CA LEU D 190 23.23 -4.93 -10.47
C LEU D 190 23.20 -6.33 -11.09
N LYS D 191 24.07 -7.24 -10.64
CA LYS D 191 24.12 -8.66 -11.07
C LYS D 191 22.93 -9.42 -10.46
N ALA D 192 22.50 -9.02 -9.26
CA ALA D 192 21.51 -9.74 -8.43
C ALA D 192 20.06 -9.34 -8.74
N HIS D 193 19.85 -8.25 -9.50
CA HIS D 193 18.50 -7.71 -9.79
C HIS D 193 18.43 -7.21 -11.23
N ASP D 194 17.55 -7.80 -12.03
CA ASP D 194 17.37 -7.46 -13.47
C ASP D 194 15.87 -7.31 -13.75
N THR D 195 15.50 -6.66 -14.86
CA THR D 195 14.10 -6.30 -15.18
C THR D 195 13.93 -6.12 -16.67
N ASP D 196 12.78 -6.59 -17.18
CA ASP D 196 12.33 -6.30 -18.56
C ASP D 196 11.95 -4.83 -18.59
N GLY D 197 11.90 -4.20 -17.41
CA GLY D 197 11.71 -2.76 -17.24
C GLY D 197 13.02 -2.01 -17.06
N LEU D 198 13.04 -1.12 -16.07
CA LEU D 198 14.07 -0.07 -15.85
C LEU D 198 14.86 -0.33 -14.57
N LYS D 199 16.19 -0.31 -14.67
CA LYS D 199 17.13 -0.22 -13.51
C LYS D 199 17.59 1.23 -13.39
N LEU D 200 17.24 1.92 -12.30
CA LEU D 200 17.64 3.33 -12.06
C LEU D 200 18.52 3.44 -10.81
N ILE D 201 19.80 3.65 -11.03
CA ILE D 201 20.80 4.05 -10.00
C ILE D 201 20.56 5.52 -9.63
N VAL D 202 20.45 5.84 -8.35
CA VAL D 202 20.04 7.20 -7.89
C VAL D 202 21.06 7.68 -6.87
N THR D 203 21.60 8.88 -7.07
CA THR D 203 22.64 9.47 -6.18
C THR D 203 22.55 10.99 -6.19
N ASP D 204 22.75 11.60 -5.01
CA ASP D 204 23.20 13.01 -4.90
C ASP D 204 24.45 13.13 -5.77
N GLY D 205 24.62 14.23 -6.51
CA GLY D 205 25.84 14.53 -7.27
C GLY D 205 26.95 14.96 -6.32
N VAL D 206 26.62 15.89 -5.43
CA VAL D 206 27.45 16.32 -4.27
C VAL D 206 26.59 16.06 -3.03
N PHE D 207 27.13 15.33 -2.05
CA PHE D 207 26.37 14.90 -0.87
C PHE D 207 26.29 16.06 0.13
N SER D 208 25.06 16.39 0.50
CA SER D 208 24.60 17.65 1.12
C SER D 208 25.42 17.97 2.37
N MET D 209 25.63 16.97 3.21
CA MET D 209 26.13 17.18 4.59
C MET D 209 27.55 16.62 4.70
N ASP D 210 28.01 15.80 3.74
CA ASP D 210 29.35 15.13 3.79
C ASP D 210 30.32 15.86 2.84
N GLY D 211 29.79 16.47 1.78
CA GLY D 211 30.56 17.34 0.90
C GLY D 211 31.42 16.60 -0.09
N ASP D 212 31.24 15.28 -0.25
CA ASP D 212 32.02 14.41 -1.19
C ASP D 212 31.24 14.30 -2.51
N ILE D 213 31.93 13.91 -3.61
CA ILE D 213 31.38 13.84 -5.00
C ILE D 213 31.05 12.38 -5.36
N ALA D 214 29.85 12.10 -5.83
CA ALA D 214 29.47 10.78 -6.42
C ALA D 214 30.56 10.38 -7.39
N PRO D 215 31.03 9.12 -7.35
CA PRO D 215 32.04 8.65 -8.32
C PRO D 215 31.39 8.37 -9.69
N LEU D 216 31.08 9.40 -10.47
CA LEU D 216 30.32 9.24 -11.75
C LEU D 216 31.26 8.64 -12.80
N ASP D 217 32.56 8.97 -12.73
CA ASP D 217 33.63 8.41 -13.61
C ASP D 217 33.48 6.89 -13.69
N LYS D 218 33.12 6.23 -12.59
CA LYS D 218 33.01 4.76 -12.47
C LYS D 218 31.54 4.31 -12.53
N ILE D 219 30.61 5.09 -11.98
CA ILE D 219 29.16 4.71 -11.89
C ILE D 219 28.56 4.62 -13.30
N VAL D 220 28.75 5.64 -14.14
CA VAL D 220 28.12 5.73 -15.49
C VAL D 220 28.58 4.55 -16.34
N PRO D 221 29.90 4.26 -16.45
CA PRO D 221 30.38 3.06 -17.13
C PRO D 221 29.67 1.81 -16.61
N LEU D 222 29.73 1.59 -15.29
CA LEU D 222 29.04 0.46 -14.62
C LEU D 222 27.59 0.43 -15.10
N ALA D 223 26.92 1.59 -15.22
CA ALA D 223 25.49 1.68 -15.59
C ALA D 223 25.28 1.15 -17.01
N LYS D 224 26.20 1.48 -17.92
CA LYS D 224 26.10 1.11 -19.35
C LYS D 224 26.34 -0.40 -19.50
N LYS D 225 27.12 -0.99 -18.58
CA LYS D 225 27.46 -2.43 -18.55
C LYS D 225 26.23 -3.28 -18.19
N TYR D 226 25.19 -2.72 -17.58
CA TYR D 226 24.05 -3.49 -17.01
C TYR D 226 22.69 -2.90 -17.47
N LYS D 227 22.67 -2.16 -18.59
CA LYS D 227 21.43 -1.65 -19.26
C LYS D 227 20.61 -0.84 -18.25
N ALA D 228 21.27 0.04 -17.48
CA ALA D 228 20.67 0.84 -16.39
C ALA D 228 20.83 2.33 -16.70
N VAL D 229 19.98 3.13 -16.06
CA VAL D 229 19.91 4.62 -16.22
C VAL D 229 20.44 5.24 -14.91
N VAL D 230 21.13 6.36 -15.03
CA VAL D 230 21.73 7.07 -13.89
C VAL D 230 20.96 8.38 -13.68
N TYR D 231 20.55 8.61 -12.43
CA TYR D 231 19.78 9.78 -11.97
C TYR D 231 20.63 10.51 -10.93
N VAL D 232 21.02 11.74 -11.28
CA VAL D 232 21.94 12.55 -10.43
C VAL D 232 21.17 13.77 -9.91
N ASP D 233 20.95 13.85 -8.59
CA ASP D 233 20.39 15.04 -7.90
C ASP D 233 21.55 15.97 -7.55
N ASP D 234 21.74 17.04 -8.32
CA ASP D 234 22.95 17.90 -8.30
C ASP D 234 22.67 19.24 -7.64
N ALA D 235 21.86 19.26 -6.59
CA ALA D 235 21.51 20.46 -5.82
C ALA D 235 22.76 21.27 -5.48
N HIS D 236 23.85 20.56 -5.11
CA HIS D 236 25.13 21.12 -4.60
C HIS D 236 26.25 21.01 -5.66
N GLY D 237 25.92 20.58 -6.89
CA GLY D 237 26.87 20.55 -8.01
C GLY D 237 26.59 21.66 -9.00
N SER D 238 25.31 21.90 -9.30
CA SER D 238 24.85 23.02 -10.14
C SER D 238 25.47 24.33 -9.64
N GLY D 239 26.18 25.05 -10.52
CA GLY D 239 26.78 26.36 -10.20
C GLY D 239 28.07 26.22 -9.40
N VAL D 240 28.53 24.97 -9.22
CA VAL D 240 29.72 24.66 -8.37
C VAL D 240 30.79 23.90 -9.17
N LEU D 241 30.40 22.74 -9.73
CA LEU D 241 31.29 21.76 -10.39
C LEU D 241 31.14 21.92 -11.91
N GLY D 242 32.21 21.70 -12.65
CA GLY D 242 32.22 21.70 -14.13
C GLY D 242 32.44 23.08 -14.69
N GLU D 243 32.75 23.16 -16.00
CA GLU D 243 32.98 24.40 -16.79
C GLU D 243 31.82 25.37 -16.53
N LYS D 244 32.09 26.50 -15.89
CA LYS D 244 31.10 27.58 -15.55
C LYS D 244 29.99 27.05 -14.62
N GLY D 245 30.25 26.00 -13.85
CA GLY D 245 29.27 25.37 -12.93
C GLY D 245 28.11 24.75 -13.70
N LYS D 246 28.41 24.13 -14.85
CA LYS D 246 27.43 23.36 -15.65
C LYS D 246 27.07 22.09 -14.88
N GLY D 247 27.87 21.70 -13.90
CA GLY D 247 27.47 20.69 -12.91
C GLY D 247 28.29 19.41 -12.97
N THR D 248 28.04 18.52 -12.03
CA THR D 248 28.75 17.23 -11.78
C THR D 248 28.76 16.34 -13.03
N VAL D 249 27.60 16.09 -13.61
CA VAL D 249 27.45 15.34 -14.89
C VAL D 249 28.39 15.97 -15.92
N HIS D 250 28.24 17.27 -16.17
CA HIS D 250 29.05 18.00 -17.20
C HIS D 250 30.54 17.94 -16.86
N HIS D 251 30.87 17.92 -15.57
CA HIS D 251 32.25 17.88 -15.02
C HIS D 251 32.94 16.57 -15.39
N PHE D 252 32.21 15.45 -15.31
CA PHE D 252 32.69 14.10 -15.69
C PHE D 252 32.50 13.85 -17.18
N GLY D 253 31.82 14.75 -17.90
CA GLY D 253 31.70 14.75 -19.38
C GLY D 253 30.63 13.80 -19.89
N PHE D 254 29.50 13.64 -19.19
CA PHE D 254 28.42 12.67 -19.52
C PHE D 254 27.11 13.38 -19.83
N HIS D 255 27.17 14.67 -20.19
CA HIS D 255 25.98 15.56 -20.25
C HIS D 255 25.11 15.25 -21.47
N GLN D 256 25.63 14.64 -22.55
CA GLN D 256 24.75 14.35 -23.71
C GLN D 256 24.42 12.85 -23.79
N ASP D 257 24.79 12.07 -22.78
CA ASP D 257 24.32 10.67 -22.61
C ASP D 257 22.82 10.68 -22.39
N PRO D 258 22.02 9.99 -23.24
CA PRO D 258 20.57 9.98 -23.08
C PRO D 258 20.11 9.13 -21.89
N ASP D 259 21.01 8.34 -21.28
CA ASP D 259 20.66 7.43 -20.15
C ASP D 259 21.22 7.98 -18.83
N VAL D 260 21.63 9.26 -18.83
CA VAL D 260 21.91 10.03 -17.58
C VAL D 260 20.85 11.11 -17.44
N VAL D 261 20.06 11.09 -16.37
CA VAL D 261 19.05 12.14 -16.01
C VAL D 261 19.60 12.94 -14.82
N GLN D 262 19.52 14.26 -14.91
CA GLN D 262 19.95 15.14 -13.77
C GLN D 262 18.82 16.10 -13.41
N VAL D 263 18.55 16.19 -12.11
CA VAL D 263 17.59 17.12 -11.44
C VAL D 263 18.44 17.94 -10.46
N ALA D 264 18.22 19.23 -10.36
CA ALA D 264 18.97 20.07 -9.39
C ALA D 264 18.09 21.23 -8.98
N THR D 265 18.23 21.68 -7.74
CA THR D 265 17.64 22.94 -7.23
C THR D 265 18.19 24.17 -7.97
N LEU D 266 17.41 25.24 -8.02
CA LEU D 266 17.88 26.59 -8.46
C LEU D 266 17.94 27.53 -7.26
N SER D 267 17.94 26.96 -6.05
CA SER D 267 17.74 27.71 -4.78
C SER D 267 19.07 28.08 -4.12
N LYS D 268 20.13 27.35 -4.48
CA LYS D 268 21.48 27.42 -3.86
C LYS D 268 22.33 28.37 -4.70
N ALA D 269 23.29 27.87 -5.51
CA ALA D 269 24.27 28.71 -6.26
C ALA D 269 23.53 29.71 -7.16
N TRP D 270 22.42 29.29 -7.76
CA TRP D 270 21.60 30.15 -8.67
C TRP D 270 20.71 31.09 -7.83
N ALA D 271 20.58 30.83 -6.51
CA ALA D 271 20.16 31.83 -5.51
C ALA D 271 18.74 32.35 -5.77
N GLY D 272 17.82 31.46 -6.14
CA GLY D 272 16.38 31.81 -6.22
C GLY D 272 15.57 30.73 -5.55
N ILE D 273 14.69 30.11 -6.34
CA ILE D 273 13.94 28.88 -5.95
C ILE D 273 13.64 28.09 -7.22
N GLY D 274 13.17 26.86 -7.03
CA GLY D 274 12.73 25.92 -8.08
C GLY D 274 13.79 24.86 -8.27
N GLY D 275 13.46 23.80 -9.02
CA GLY D 275 14.42 22.80 -9.51
C GLY D 275 14.23 22.51 -10.98
N TYR D 276 15.29 22.12 -11.70
CA TYR D 276 15.20 21.68 -13.11
C TYR D 276 15.40 20.17 -13.22
N ALA D 277 14.86 19.60 -14.30
CA ALA D 277 15.10 18.25 -14.84
C ALA D 277 15.65 18.42 -16.26
N ALA D 278 16.87 17.92 -16.51
CA ALA D 278 17.60 18.15 -17.77
C ALA D 278 18.00 16.81 -18.41
N GLY D 279 17.73 16.67 -19.72
CA GLY D 279 18.14 15.55 -20.58
C GLY D 279 17.34 15.49 -21.88
N ALA D 280 17.02 14.27 -22.32
CA ALA D 280 16.36 13.95 -23.61
C ALA D 280 15.12 14.81 -23.84
N ARG D 281 14.93 15.33 -25.07
CA ARG D 281 13.72 16.12 -25.45
C ARG D 281 12.43 15.41 -24.98
N GLU D 282 12.37 14.09 -25.07
CA GLU D 282 11.12 13.31 -24.81
C GLU D 282 10.88 13.25 -23.29
N LEU D 283 11.94 13.32 -22.48
CA LEU D 283 11.82 13.38 -21.00
C LEU D 283 10.92 14.54 -20.58
N LYS D 284 11.19 15.74 -21.08
CA LYS D 284 10.39 16.96 -20.83
C LYS D 284 8.91 16.62 -21.02
N ASP D 285 8.56 16.09 -22.19
CA ASP D 285 7.16 15.81 -22.60
C ASP D 285 6.51 14.76 -21.68
N LEU D 286 7.29 13.82 -21.14
CA LEU D 286 6.75 12.87 -20.14
C LEU D 286 6.42 13.61 -18.83
N LEU D 287 7.35 14.44 -18.35
CA LEU D 287 7.17 15.17 -17.05
C LEU D 287 5.96 16.12 -17.12
N ILE D 288 5.77 16.79 -18.26
CA ILE D 288 4.59 17.69 -18.46
C ILE D 288 3.34 16.86 -18.21
N ASN D 289 3.35 15.58 -18.61
CA ASN D 289 2.18 14.68 -18.60
C ASN D 289 2.07 13.93 -17.27
N LYS D 290 3.16 13.53 -16.62
CA LYS D 290 3.06 12.55 -15.50
C LYS D 290 3.54 13.11 -14.14
N ALA D 291 4.34 14.18 -14.12
CA ALA D 291 4.92 14.74 -12.88
C ALA D 291 3.84 15.38 -12.00
N ARG D 292 3.59 14.84 -10.83
CA ARG D 292 2.40 15.23 -10.00
C ARG D 292 2.55 16.66 -9.51
N PRO D 293 3.72 17.11 -9.01
CA PRO D 293 3.90 18.52 -8.65
C PRO D 293 3.84 19.53 -9.83
N PHE D 294 4.01 19.08 -11.07
CA PHE D 294 3.92 19.98 -12.25
C PHE D 294 2.42 20.15 -12.61
N LEU D 295 1.63 19.11 -12.29
CA LEU D 295 0.20 18.97 -12.66
C LEU D 295 -0.71 19.70 -11.66
N PHE D 296 -0.26 19.90 -10.43
CA PHE D 296 -1.14 20.23 -9.29
C PHE D 296 -0.63 21.42 -8.47
N SER D 297 0.40 22.14 -8.94
CA SER D 297 1.02 23.23 -8.16
C SER D 297 1.44 24.37 -9.10
N THR D 298 1.10 25.58 -8.71
CA THR D 298 1.28 26.81 -9.52
C THR D 298 2.74 26.91 -9.98
N SER D 299 2.95 27.30 -11.21
CA SER D 299 4.25 27.73 -11.78
C SER D 299 4.71 29.02 -11.09
N HIS D 300 5.97 29.35 -11.26
CA HIS D 300 6.73 30.38 -10.51
C HIS D 300 6.48 31.77 -11.08
N PRO D 301 6.54 32.83 -10.26
CA PRO D 301 6.24 34.17 -10.73
C PRO D 301 7.38 34.81 -11.53
N PRO D 302 7.05 35.83 -12.36
CA PRO D 302 8.04 36.63 -13.10
C PRO D 302 9.38 37.01 -12.43
N ALA D 303 9.35 37.47 -11.18
CA ALA D 303 10.55 37.96 -10.45
C ALA D 303 11.59 36.84 -10.28
N VAL D 304 11.11 35.63 -9.98
CA VAL D 304 11.96 34.43 -9.76
C VAL D 304 12.59 34.07 -11.10
N VAL D 305 11.77 33.99 -12.13
CA VAL D 305 12.25 33.59 -13.49
C VAL D 305 13.22 34.67 -14.00
N GLY D 306 12.86 35.94 -13.82
CA GLY D 306 13.77 37.08 -14.15
C GLY D 306 15.16 36.87 -13.56
N ALA D 307 15.23 36.63 -12.24
CA ALA D 307 16.47 36.47 -11.47
C ALA D 307 17.30 35.30 -12.00
N LEU D 308 16.66 34.16 -12.31
CA LEU D 308 17.39 32.97 -12.82
C LEU D 308 17.91 33.23 -14.24
N LEU D 309 17.10 33.80 -15.12
CA LEU D 309 17.62 34.31 -16.43
C LEU D 309 18.88 35.16 -16.15
N GLY D 310 18.79 36.09 -15.18
CA GLY D 310 19.90 36.98 -14.80
C GLY D 310 21.16 36.20 -14.42
N ALA D 311 20.99 35.16 -13.58
CA ALA D 311 22.08 34.33 -13.02
C ALA D 311 22.82 33.57 -14.13
N LEU D 312 22.09 32.94 -15.05
CA LEU D 312 22.68 32.25 -16.22
C LEU D 312 23.46 33.28 -17.06
N GLU D 313 22.86 34.45 -17.32
CA GLU D 313 23.58 35.54 -18.03
C GLU D 313 24.87 35.89 -17.26
N LEU D 314 24.79 36.07 -15.93
CA LEU D 314 25.93 36.58 -15.13
C LEU D 314 27.11 35.60 -15.14
N ILE D 315 26.86 34.29 -14.93
CA ILE D 315 27.94 33.28 -14.82
C ILE D 315 28.69 33.21 -16.16
N GLU D 316 28.00 33.42 -17.28
CA GLU D 316 28.62 33.48 -18.64
C GLU D 316 29.58 34.68 -18.69
N LYS D 317 29.16 35.86 -18.20
CA LYS D 317 29.98 37.12 -18.21
C LYS D 317 31.15 37.01 -17.22
N GLU D 318 30.96 36.26 -16.14
CA GLU D 318 31.88 36.20 -14.97
C GLU D 318 32.12 34.74 -14.58
N PRO D 319 32.83 33.96 -15.43
CA PRO D 319 33.27 32.63 -15.03
C PRO D 319 34.29 32.66 -13.87
N GLU D 320 35.00 33.79 -13.70
CA GLU D 320 35.95 34.08 -12.57
C GLU D 320 35.40 33.53 -11.24
N ARG D 321 34.18 33.96 -10.89
CA ARG D 321 33.49 33.63 -9.62
C ARG D 321 33.68 32.15 -9.27
N VAL D 322 33.54 31.24 -10.25
CA VAL D 322 33.64 29.77 -9.99
C VAL D 322 35.07 29.46 -9.56
N GLU D 323 36.08 30.05 -10.23
CA GLU D 323 37.50 29.88 -9.81
C GLU D 323 37.59 30.30 -8.33
N ARG D 324 37.18 31.54 -8.03
CA ARG D 324 37.32 32.16 -6.69
C ARG D 324 36.65 31.29 -5.62
N LEU D 325 35.52 30.67 -5.94
CA LEU D 325 34.80 29.75 -5.01
C LEU D 325 35.78 28.64 -4.55
N TRP D 326 36.53 28.09 -5.49
CA TRP D 326 37.44 26.95 -5.25
C TRP D 326 38.74 27.39 -4.55
N GLU D 327 39.31 28.54 -4.90
CA GLU D 327 40.48 29.13 -4.20
C GLU D 327 40.17 29.17 -2.70
N ASN D 328 39.01 29.74 -2.37
CA ASN D 328 38.53 29.98 -0.99
C ASN D 328 38.30 28.66 -0.27
N THR D 329 37.64 27.72 -0.95
CA THR D 329 37.37 26.34 -0.46
C THR D 329 38.70 25.70 -0.05
N ARG D 330 39.68 25.73 -0.96
CA ARG D 330 41.01 25.09 -0.76
C ARG D 330 41.68 25.76 0.46
N TYR D 331 41.79 27.11 0.44
CA TYR D 331 42.41 27.89 1.53
C TYR D 331 41.83 27.44 2.88
N PHE D 332 40.50 27.46 2.96
CA PHE D 332 39.70 27.21 4.19
C PHE D 332 39.95 25.77 4.67
N LYS D 333 39.82 24.78 3.79
CA LYS D 333 39.96 23.34 4.14
C LYS D 333 41.38 23.04 4.62
N ARG D 334 42.37 23.68 3.98
CA ARG D 334 43.79 23.50 4.29
C ARG D 334 44.05 23.92 5.75
N GLU D 335 43.50 25.07 6.15
CA GLU D 335 43.74 25.67 7.48
C GLU D 335 43.07 24.82 8.57
N LEU D 336 41.81 24.43 8.38
CA LEU D 336 41.07 23.54 9.31
C LEU D 336 41.85 22.23 9.50
N ALA D 337 42.54 21.76 8.45
CA ALA D 337 43.42 20.58 8.49
C ALA D 337 44.65 20.91 9.35
N ARG D 338 45.32 22.02 9.04
CA ARG D 338 46.47 22.54 9.83
C ARG D 338 46.12 22.52 11.31
N LEU D 339 44.98 23.10 11.71
CA LEU D 339 44.56 23.22 13.14
C LEU D 339 44.19 21.83 13.70
N GLY D 340 44.00 20.83 12.84
CA GLY D 340 43.77 19.43 13.24
C GLY D 340 42.29 19.11 13.39
N TYR D 341 41.44 19.80 12.62
CA TYR D 341 40.01 19.44 12.42
C TYR D 341 39.93 18.40 11.31
N ASP D 342 39.03 17.43 11.48
CA ASP D 342 38.66 16.45 10.44
C ASP D 342 37.57 17.08 9.57
N THR D 343 37.81 17.10 8.26
CA THR D 343 36.92 17.74 7.25
C THR D 343 36.21 16.62 6.45
N LEU D 344 36.30 15.36 6.91
CA LEU D 344 35.64 14.13 6.38
C LEU D 344 35.98 13.90 4.89
N GLY D 345 37.20 14.25 4.45
CA GLY D 345 37.61 14.15 3.04
C GLY D 345 36.57 14.78 2.12
N SER D 346 35.99 15.89 2.53
CA SER D 346 35.17 16.79 1.67
C SER D 346 35.99 17.24 0.46
N GLN D 347 35.36 17.35 -0.72
CA GLN D 347 36.02 17.71 -1.99
C GLN D 347 35.40 18.99 -2.59
N THR D 348 34.30 19.50 -2.00
CA THR D 348 33.48 20.63 -2.51
C THR D 348 33.46 21.76 -1.48
N PRO D 349 32.98 22.97 -1.83
CA PRO D 349 32.96 24.07 -0.87
C PRO D 349 32.20 23.72 0.42
N ILE D 350 31.39 22.65 0.39
CA ILE D 350 30.82 22.07 1.64
C ILE D 350 31.96 21.54 2.48
N THR D 351 32.22 22.11 3.65
CA THR D 351 33.35 21.77 4.57
C THR D 351 32.81 21.38 5.93
N PRO D 352 32.39 20.12 6.16
CA PRO D 352 31.82 19.70 7.44
C PRO D 352 32.88 19.68 8.54
N VAL D 353 32.42 19.61 9.80
CA VAL D 353 33.19 19.39 11.05
C VAL D 353 32.30 18.53 11.99
N LEU D 354 32.64 17.25 12.20
CA LEU D 354 31.76 16.28 12.94
C LEU D 354 31.83 16.56 14.45
N PHE D 355 30.71 16.53 15.16
CA PHE D 355 30.64 16.67 16.65
C PHE D 355 29.99 15.44 17.32
N GLY D 356 29.59 14.42 16.56
CA GLY D 356 28.98 13.19 17.12
C GLY D 356 27.55 13.44 17.58
N GLU D 357 27.32 13.74 18.86
CA GLU D 357 25.95 13.97 19.40
C GLU D 357 25.55 15.43 19.15
N ALA D 358 24.26 15.62 18.85
CA ALA D 358 23.63 16.90 18.43
C ALA D 358 23.87 17.99 19.49
N PRO D 359 23.70 17.69 20.80
CA PRO D 359 23.90 18.71 21.83
C PRO D 359 25.25 19.43 21.71
N LEU D 360 26.31 18.69 21.40
CA LEU D 360 27.70 19.23 21.28
C LEU D 360 27.81 20.07 19.99
N ALA D 361 27.08 19.67 18.95
CA ALA D 361 26.98 20.37 17.66
C ALA D 361 26.36 21.75 17.88
N PHE D 362 25.25 21.82 18.62
CA PHE D 362 24.52 23.08 18.89
C PHE D 362 25.40 23.98 19.78
N GLU D 363 26.08 23.42 20.77
CA GLU D 363 27.00 24.13 21.70
C GLU D 363 28.11 24.81 20.87
N ALA D 364 28.84 24.04 20.04
CA ALA D 364 29.90 24.54 19.14
C ALA D 364 29.37 25.72 18.29
N SER D 365 28.11 25.60 17.82
CA SER D 365 27.38 26.63 17.04
C SER D 365 27.26 27.92 17.88
N ARG D 366 26.86 27.78 19.14
CA ARG D 366 26.67 28.90 20.11
C ARG D 366 28.01 29.61 20.32
N LEU D 367 29.07 28.86 20.58
CA LEU D 367 30.43 29.43 20.84
C LEU D 367 30.98 30.15 19.59
N LEU D 368 30.86 29.53 18.42
CA LEU D 368 31.23 30.18 17.13
C LEU D 368 30.52 31.53 17.02
N LEU D 369 29.21 31.56 17.28
CA LEU D 369 28.35 32.78 17.17
C LEU D 369 28.85 33.85 18.14
N GLU D 370 29.27 33.45 19.34
CA GLU D 370 29.83 34.39 20.36
C GLU D 370 31.07 35.07 19.78
N GLU D 371 31.78 34.39 18.87
CA GLU D 371 32.98 34.97 18.20
C GLU D 371 32.59 35.63 16.88
N GLY D 372 31.31 35.92 16.66
CA GLY D 372 30.80 36.59 15.44
C GLY D 372 30.93 35.70 14.20
N VAL D 373 30.78 34.37 14.37
CA VAL D 373 30.85 33.39 13.26
C VAL D 373 29.58 32.54 13.29
N PHE D 374 28.83 32.56 12.18
CA PHE D 374 27.52 31.87 12.08
C PHE D 374 27.67 30.60 11.23
N ALA D 375 27.51 29.45 11.87
CA ALA D 375 27.63 28.10 11.28
C ALA D 375 26.73 27.18 12.10
N VAL D 376 25.64 26.70 11.52
CA VAL D 376 24.55 26.01 12.25
C VAL D 376 24.96 24.57 12.52
N GLY D 377 24.79 24.16 13.79
CA GLY D 377 24.74 22.75 14.22
C GLY D 377 23.60 22.02 13.54
N ILE D 378 23.88 20.82 13.02
CA ILE D 378 22.88 20.01 12.28
C ILE D 378 22.68 18.66 13.00
N GLY D 379 21.41 18.28 13.23
CA GLY D 379 21.00 17.12 14.04
C GLY D 379 20.10 16.13 13.30
N PHE D 380 19.69 15.08 14.02
CA PHE D 380 19.44 13.70 13.53
C PHE D 380 18.40 13.63 12.40
N PRO D 381 17.20 14.26 12.41
CA PRO D 381 16.28 14.09 11.27
C PRO D 381 17.10 14.31 9.99
N THR D 382 17.86 15.42 9.92
CA THR D 382 18.60 15.92 8.72
C THR D 382 19.89 15.13 8.44
N VAL D 383 20.62 14.69 9.50
CA VAL D 383 21.91 13.91 9.41
C VAL D 383 21.84 12.71 10.35
N PRO D 384 22.60 11.60 10.11
CA PRO D 384 22.42 10.38 10.89
C PRO D 384 22.55 10.58 12.40
N ARG D 385 21.98 9.63 13.17
CA ARG D 385 22.02 9.59 14.65
C ARG D 385 23.47 9.26 15.05
N GLY D 386 24.02 10.02 16.00
CA GLY D 386 25.43 9.91 16.46
C GLY D 386 26.40 10.58 15.50
N LYS D 387 25.89 11.35 14.52
CA LYS D 387 26.70 11.92 13.42
C LYS D 387 26.31 13.39 13.19
N ALA D 388 25.88 14.10 14.25
CA ALA D 388 25.58 15.56 14.24
C ALA D 388 26.83 16.36 13.91
N ARG D 389 26.70 17.48 13.19
CA ARG D 389 27.90 18.25 12.75
C ARG D 389 27.55 19.73 12.63
N ILE D 390 28.56 20.55 12.33
CA ILE D 390 28.45 21.91 11.73
C ILE D 390 28.89 21.79 10.26
N ARG D 391 27.99 22.14 9.33
CA ARG D 391 28.33 22.36 7.91
C ARG D 391 28.84 23.80 7.77
N ASN D 392 30.03 23.99 7.22
CA ASN D 392 30.45 25.34 6.74
C ASN D 392 30.35 25.36 5.22
N ILE D 393 29.94 26.48 4.65
CA ILE D 393 29.82 26.60 3.17
C ILE D 393 30.49 27.89 2.73
N VAL D 394 31.71 27.70 2.22
CA VAL D 394 32.57 28.72 1.59
C VAL D 394 31.89 29.13 0.28
N THR D 395 31.85 30.42 -0.03
CA THR D 395 31.26 30.99 -1.27
C THR D 395 32.31 31.86 -1.96
N ALA D 396 32.12 32.18 -3.23
CA ALA D 396 32.98 33.09 -4.03
C ALA D 396 33.02 34.48 -3.41
N ALA D 397 31.96 34.91 -2.71
CA ALA D 397 31.78 36.27 -2.17
C ALA D 397 32.58 36.42 -0.87
N HIS D 398 33.01 35.33 -0.26
CA HIS D 398 33.87 35.37 0.96
C HIS D 398 35.24 35.95 0.60
N THR D 399 35.67 36.97 1.34
CA THR D 399 37.05 37.52 1.26
C THR D 399 37.92 36.73 2.24
N LYS D 400 39.23 36.88 2.11
CA LYS D 400 40.21 36.22 3.01
C LYS D 400 39.94 36.67 4.45
N GLU D 401 39.79 37.99 4.67
CA GLU D 401 39.60 38.58 6.02
C GLU D 401 38.54 37.77 6.75
N MET D 402 37.45 37.47 6.05
CA MET D 402 36.26 36.76 6.59
C MET D 402 36.66 35.31 6.93
N LEU D 403 37.31 34.65 5.98
CA LEU D 403 37.78 33.24 6.13
C LEU D 403 38.75 33.11 7.32
N ASP D 404 39.63 34.10 7.51
CA ASP D 404 40.66 34.07 8.59
C ASP D 404 40.01 34.33 9.95
N LYS D 405 38.95 35.15 9.97
CA LYS D 405 38.18 35.41 11.21
C LYS D 405 37.49 34.12 11.66
N ALA D 406 36.95 33.34 10.72
CA ALA D 406 36.23 32.08 11.01
C ALA D 406 37.20 31.04 11.57
N LEU D 407 38.38 30.94 10.95
CA LEU D 407 39.47 30.02 11.36
C LEU D 407 39.93 30.44 12.77
N GLU D 408 40.32 31.71 12.92
CA GLU D 408 40.65 32.31 14.24
C GLU D 408 39.66 31.76 15.28
N ALA D 409 38.35 31.94 15.04
CA ALA D 409 37.26 31.50 15.94
C ALA D 409 37.26 29.97 16.11
N TYR D 410 37.44 29.22 15.03
CA TYR D 410 37.44 27.73 15.04
C TYR D 410 38.60 27.22 15.90
N GLU D 411 39.77 27.86 15.77
CA GLU D 411 40.94 27.61 16.67
C GLU D 411 40.47 27.74 18.13
N LYS D 412 40.00 28.95 18.47
CA LYS D 412 39.56 29.33 19.85
C LYS D 412 38.52 28.32 20.36
N VAL D 413 37.41 28.14 19.63
CA VAL D 413 36.27 27.25 20.04
C VAL D 413 36.75 25.80 20.17
N GLY D 414 37.74 25.39 19.36
CA GLY D 414 38.28 24.01 19.35
C GLY D 414 39.15 23.75 20.57
N LYS D 415 39.90 24.77 20.99
CA LYS D 415 40.73 24.74 22.23
C LYS D 415 39.82 24.48 23.43
N ARG D 416 38.81 25.34 23.70
CA ARG D 416 37.93 25.23 24.91
C ARG D 416 37.32 23.83 25.03
N LEU D 417 36.97 23.18 23.92
CA LEU D 417 36.35 21.82 23.94
C LEU D 417 37.46 20.75 23.92
N GLY D 418 38.72 21.16 23.77
CA GLY D 418 39.91 20.28 23.80
C GLY D 418 39.85 19.22 22.71
N ILE D 419 39.50 19.64 21.48
CA ILE D 419 39.50 18.78 20.25
C ILE D 419 40.66 19.23 19.35
N ILE D 420 41.45 20.23 19.79
CA ILE D 420 42.79 20.57 19.21
C ILE D 420 43.71 21.06 20.35
N1 PLP E . -4.76 21.66 -2.61
C2 PLP E . -5.87 22.20 -3.14
C2A PLP E . -7.20 21.80 -2.62
C3 PLP E . -5.78 23.14 -4.18
O3 PLP E . -6.91 23.68 -4.67
C4 PLP E . -4.52 23.54 -4.65
C4A PLP E . -4.46 24.58 -5.68
C5 PLP E . -3.38 22.94 -4.08
C6 PLP E . -3.55 22.03 -3.08
C5A PLP E . -1.99 23.30 -4.50
O4P PLP E . -1.62 24.67 -4.14
P PLP E . -0.20 25.11 -4.79
O1P PLP E . 0.76 24.00 -4.43
O2P PLP E . 0.25 26.47 -4.19
O3P PLP E . -0.46 25.17 -6.32
H2A1 PLP E . -7.83 21.70 -3.36
H2A2 PLP E . -7.54 22.47 -2.01
H2A3 PLP E . -7.13 20.95 -2.15
H4A PLP E . -3.80 24.55 -6.34
H6 PLP E . -2.80 21.63 -2.70
H5A1 PLP E . -1.90 23.20 -5.47
H5A2 PLP E . -1.35 22.69 -4.07
N1 PLP F . 5.22 -24.48 1.27
C2 PLP F . 5.95 -25.34 0.58
C2A PLP F . 7.41 -25.08 0.42
C3 PLP F . 5.35 -26.48 0.02
O3 PLP F . 6.10 -27.36 -0.67
C4 PLP F . 3.98 -26.69 0.20
C4A PLP F . 3.50 -27.96 -0.32
C5 PLP F . 3.24 -25.78 0.99
C6 PLP F . 3.90 -24.68 1.45
C5A PLP F . 1.75 -25.87 1.21
O4P PLP F . 1.22 -27.11 1.77
P PLP F . -0.41 -27.27 1.84
O1P PLP F . -0.82 -28.20 0.70
O2P PLP F . -0.69 -27.87 3.21
O3P PLP F . -1.02 -25.90 1.69
H2A1 PLP F . 7.83 -25.80 -0.07
H2A2 PLP F . 7.83 -25.02 1.29
H2A3 PLP F . 7.54 -24.26 -0.05
H4A PLP F . 2.78 -28.00 -0.91
H6 PLP F . 3.42 -24.04 1.93
H5A1 PLP F . 1.30 -25.71 0.36
H5A2 PLP F . 1.48 -25.13 1.82
N1 PLP G . -16.32 -15.95 4.14
C2 PLP G . -17.46 -15.81 4.84
C2A PLP G . -18.45 -14.78 4.45
C3 PLP G . -17.70 -16.60 5.95
O3 PLP G . -18.85 -16.40 6.62
C4 PLP G . -16.81 -17.62 6.30
C4A PLP G . -17.21 -18.52 7.39
C5 PLP G . -15.64 -17.78 5.54
C6 PLP G . -15.43 -16.91 4.49
C5A PLP G . -14.60 -18.82 5.85
O4P PLP G . -15.06 -20.21 5.68
P PLP G . -13.89 -21.36 5.76
O1P PLP G . -14.28 -22.22 6.93
O2P PLP G . -13.93 -22.14 4.44
O3P PLP G . -12.55 -20.70 5.96
H2A1 PLP G . -18.84 -14.38 5.25
H2A2 PLP G . -19.16 -15.18 3.91
H2A3 PLP G . -18.02 -14.08 3.93
H4A PLP G . -16.56 -18.76 8.03
H6 PLP G . -14.66 -17.01 3.98
H5A1 PLP G . -14.31 -18.71 6.78
H5A2 PLP G . -13.83 -18.68 5.27
N1 PLP H . 18.34 17.75 -2.93
C2 PLP H . 19.53 18.16 -2.47
C2A PLP H . 20.68 17.23 -2.64
C3 PLP H . 19.68 19.42 -1.85
O3 PLP H . 20.89 19.80 -1.43
C4 PLP H . 18.60 20.28 -1.74
C4A PLP H . 18.80 21.61 -1.10
C5 PLP H . 17.36 19.81 -2.19
C6 PLP H . 17.28 18.56 -2.76
C5A PLP H . 16.10 20.62 -2.09
O4P PLP H . 16.22 21.82 -2.91
P PLP H . 15.00 22.84 -2.86
O1P PLP H . 13.79 22.12 -2.34
O2P PLP H . 14.85 23.32 -4.29
O3P PLP H . 15.49 23.93 -1.89
H2A1 PLP H . 21.48 17.63 -2.24
H2A2 PLP H . 20.84 17.08 -3.59
H2A3 PLP H . 20.49 16.39 -2.21
H4A PLP H . 18.04 22.05 -0.77
H6 PLP H . 16.45 18.27 -3.07
H5A1 PLP H . 15.95 20.88 -1.15
H5A2 PLP H . 15.33 20.10 -2.38
#